data_7DBI
#
_entry.id   7DBI
#
_cell.length_a   64.921
_cell.length_b   93.260
_cell.length_c   161.275
_cell.angle_alpha   90.000
_cell.angle_beta   95.120
_cell.angle_gamma   90.000
#
_symmetry.space_group_name_H-M   'P 1 21 1'
#
loop_
_entity.id
_entity.type
_entity.pdbx_description
1 polymer "acyl-CoA hydrolase MpaH'"
2 water water
#
_entity_poly.entity_id   1
_entity_poly.type   'polypeptide(L)'
_entity_poly.pdbx_seq_one_letter_code
;(MSE)STEKFTITEHLVPGSHIREYPGSTVNQEDVLKIHVKQYTPKREGPVPDDAITFIATHGVGLPKELYEPLWDELLD
QASGFHIRAIW(MSE)ADVAS(MSE)NQSGIHNEDKLS(MSE)DCSW(MSE)DHARDLLL(MSE)INHFRDQ(MSE)PRP
LVGIGHSFGGNIITNLAYLHPRLFTTLLLLDPLIQLSPPSLGFGTDAPSAINYTLWRDDVWPSREVAIRANRAI(MSE)Q
G(MSE)DPRCLDR(MSE)TKHFFRDLPTPLYPDVEAIKALFGTTADSTTTPVTLTTPKYHELVAQIRQNFNARDPKTGRI
EVPRDTHAD(MSE)DPLVAYIPLYRPEPRSTFRRLETLRPSCLWVIAGATFLNIDEIREGVKICGSGIGGSGGVPDGRVR
EVVLPGFGHL(MSE)PFQEVKTVAETCIVWLQQE(MSE)DRFRQTERQWKEDRDGKSHLAVEENWYKVLKPIPSGRKKRN
DKGKL
;
_entity_poly.pdbx_strand_id   A,B,C,D
#
# COMPACT_ATOMS: atom_id res chain seq x y z
N THR A 3 37.98 -18.74 -19.74
CA THR A 3 39.41 -18.33 -19.91
C THR A 3 40.27 -19.59 -20.15
N GLU A 4 39.98 -20.68 -19.42
CA GLU A 4 40.21 -22.09 -19.86
C GLU A 4 39.45 -22.31 -21.18
N LYS A 5 38.21 -21.81 -21.29
CA LYS A 5 37.21 -22.18 -22.32
C LYS A 5 36.79 -21.00 -23.21
N PHE A 6 37.23 -19.77 -22.95
CA PHE A 6 36.72 -18.53 -23.61
C PHE A 6 37.85 -17.70 -24.21
N THR A 7 37.58 -17.11 -25.36
CA THR A 7 38.22 -15.88 -25.91
C THR A 7 37.76 -14.68 -25.08
N ILE A 8 38.68 -13.80 -24.72
CA ILE A 8 38.40 -12.59 -23.91
C ILE A 8 38.58 -11.39 -24.82
N THR A 9 37.55 -10.54 -24.96
CA THR A 9 37.67 -9.21 -25.61
C THR A 9 37.41 -8.14 -24.55
N GLU A 10 38.31 -7.15 -24.48
CA GLU A 10 38.22 -6.00 -23.56
C GLU A 10 37.59 -4.83 -24.28
N HIS A 11 36.77 -4.06 -23.59
CA HIS A 11 36.13 -2.85 -24.11
C HIS A 11 36.14 -1.79 -23.03
N LEU A 12 36.10 -0.54 -23.46
CA LEU A 12 35.98 0.64 -22.59
C LEU A 12 34.83 1.46 -23.18
N VAL A 13 33.68 1.54 -22.50
CA VAL A 13 32.50 2.23 -23.07
C VAL A 13 32.03 3.30 -22.10
N PRO A 14 31.52 4.41 -22.64
CA PRO A 14 30.99 5.49 -21.83
C PRO A 14 29.77 5.01 -21.05
N GLY A 15 29.69 5.40 -19.78
CA GLY A 15 28.51 5.23 -18.92
C GLY A 15 27.48 6.34 -19.11
N SER A 16 26.42 6.25 -18.31
CA SER A 16 25.21 7.09 -18.31
C SER A 16 25.58 8.56 -18.00
N HIS A 17 24.97 9.45 -18.74
CA HIS A 17 25.09 10.92 -18.57
C HIS A 17 24.22 11.37 -17.40
N ILE A 18 24.84 12.12 -16.48
CA ILE A 18 24.29 12.68 -15.21
C ILE A 18 24.16 11.54 -14.19
N ARG A 19 24.96 11.62 -13.11
CA ARG A 19 25.01 10.55 -12.09
C ARG A 19 23.90 10.84 -11.08
N GLU A 20 23.39 9.80 -10.44
CA GLU A 20 22.25 9.89 -9.50
C GLU A 20 22.60 10.84 -8.34
N TYR A 21 23.83 10.77 -7.81
CA TYR A 21 24.33 11.71 -6.77
C TYR A 21 25.36 12.64 -7.40
N PRO A 22 25.18 13.98 -7.24
CA PRO A 22 26.08 14.95 -7.90
C PRO A 22 27.53 14.83 -7.44
N GLY A 23 27.75 14.40 -6.19
CA GLY A 23 29.10 14.27 -5.59
C GLY A 23 29.80 12.98 -5.99
N SER A 24 29.26 12.21 -6.94
CA SER A 24 29.91 10.93 -7.34
C SER A 24 31.05 11.21 -8.32
N THR A 25 31.11 12.41 -8.90
CA THR A 25 32.22 12.77 -9.84
C THR A 25 32.69 14.20 -9.53
N VAL A 26 33.83 14.59 -10.08
CA VAL A 26 34.43 15.95 -9.90
C VAL A 26 33.50 16.99 -10.54
N ASN A 27 33.02 16.73 -11.76
CA ASN A 27 32.10 17.63 -12.51
C ASN A 27 30.84 16.83 -12.88
N GLN A 28 29.67 17.43 -12.77
CA GLN A 28 28.38 16.71 -12.93
C GLN A 28 28.23 16.15 -14.34
N GLU A 29 28.91 16.72 -15.37
CA GLU A 29 28.81 16.24 -16.76
C GLU A 29 29.98 15.30 -17.13
N ASP A 30 30.80 14.88 -16.17
CA ASP A 30 31.91 13.94 -16.43
C ASP A 30 31.39 12.68 -17.15
N VAL A 31 32.14 12.24 -18.15
CA VAL A 31 31.93 10.96 -18.88
C VAL A 31 32.76 9.89 -18.17
N LEU A 32 32.11 9.05 -17.37
CA LEU A 32 32.74 7.85 -16.78
C LEU A 32 32.77 6.75 -17.84
N LYS A 33 33.80 5.92 -17.81
CA LYS A 33 33.89 4.71 -18.66
C LYS A 33 33.78 3.47 -17.79
N ILE A 34 33.22 2.41 -18.37
CA ILE A 34 33.20 1.06 -17.74
C ILE A 34 34.10 0.15 -18.59
N HIS A 35 35.00 -0.53 -17.89
CA HIS A 35 35.88 -1.57 -18.45
C HIS A 35 35.08 -2.87 -18.43
N VAL A 36 34.92 -3.47 -19.61
CA VAL A 36 34.07 -4.66 -19.86
C VAL A 36 34.97 -5.79 -20.38
N LYS A 37 34.73 -7.00 -19.89
CA LYS A 37 35.27 -8.21 -20.55
C LYS A 37 34.11 -9.00 -21.13
N GLN A 38 34.28 -9.34 -22.39
CA GLN A 38 33.37 -10.17 -23.19
C GLN A 38 34.03 -11.54 -23.33
N TYR A 39 33.34 -12.58 -22.84
CA TYR A 39 33.83 -13.98 -22.83
C TYR A 39 33.05 -14.76 -23.90
N THR A 40 33.74 -15.15 -24.99
CA THR A 40 33.15 -15.86 -26.14
C THR A 40 33.68 -17.28 -26.10
N PRO A 41 32.83 -18.32 -25.97
CA PRO A 41 33.33 -19.70 -25.98
C PRO A 41 34.24 -19.98 -27.20
N LYS A 42 35.37 -20.65 -27.00
CA LYS A 42 36.12 -21.29 -28.12
C LYS A 42 35.18 -22.33 -28.77
N ARG A 43 34.79 -22.17 -30.04
CA ARG A 43 33.71 -23.00 -30.64
C ARG A 43 34.06 -23.41 -32.07
N GLU A 44 33.90 -24.71 -32.36
CA GLU A 44 34.08 -25.32 -33.71
C GLU A 44 32.96 -24.81 -34.63
N GLY A 45 31.71 -25.14 -34.29
CA GLY A 45 30.55 -24.93 -35.19
C GLY A 45 30.01 -23.50 -35.09
N PRO A 46 28.92 -23.18 -35.80
CA PRO A 46 28.26 -21.89 -35.62
C PRO A 46 27.55 -21.86 -34.25
N VAL A 47 27.13 -20.67 -33.83
CA VAL A 47 26.44 -20.43 -32.54
C VAL A 47 24.97 -20.85 -32.70
N PRO A 48 24.41 -21.75 -31.88
CA PRO A 48 22.97 -22.03 -31.91
C PRO A 48 22.08 -20.78 -31.73
N ASP A 49 20.86 -20.82 -32.27
CA ASP A 49 19.94 -19.66 -32.43
C ASP A 49 19.46 -19.07 -31.10
N ASP A 50 19.39 -19.87 -30.04
CA ASP A 50 18.81 -19.54 -28.73
C ASP A 50 19.95 -19.37 -27.70
N ALA A 51 21.20 -19.24 -28.16
CA ALA A 51 22.36 -19.11 -27.27
C ALA A 51 22.20 -17.84 -26.43
N ILE A 52 22.57 -17.94 -25.15
CA ILE A 52 22.26 -16.89 -24.12
C ILE A 52 23.37 -15.86 -24.13
N THR A 53 22.97 -14.58 -24.14
CA THR A 53 23.85 -13.46 -23.74
C THR A 53 23.71 -13.26 -22.23
N PHE A 54 24.78 -13.46 -21.45
CA PHE A 54 24.76 -13.21 -20.00
C PHE A 54 25.30 -11.80 -19.76
N ILE A 55 24.58 -11.03 -18.93
CA ILE A 55 25.00 -9.70 -18.43
C ILE A 55 25.21 -9.89 -16.93
N ALA A 56 26.44 -9.69 -16.46
CA ALA A 56 26.81 -10.05 -15.07
C ALA A 56 27.33 -8.82 -14.33
N THR A 57 27.07 -8.77 -13.03
CA THR A 57 27.50 -7.68 -12.13
C THR A 57 28.15 -8.30 -10.88
N HIS A 58 29.17 -7.64 -10.38
CA HIS A 58 30.05 -8.12 -9.30
C HIS A 58 29.65 -7.46 -7.98
N GLY A 59 30.25 -7.91 -6.88
CA GLY A 59 30.08 -7.30 -5.56
C GLY A 59 31.07 -6.18 -5.34
N VAL A 60 30.89 -5.44 -4.25
CA VAL A 60 31.69 -4.22 -3.96
C VAL A 60 33.15 -4.62 -3.86
N GLY A 61 34.02 -3.95 -4.59
CA GLY A 61 35.48 -4.15 -4.50
C GLY A 61 35.97 -5.45 -5.11
N LEU A 62 35.10 -6.23 -5.74
CA LEU A 62 35.49 -7.57 -6.25
C LEU A 62 35.70 -7.49 -7.75
N PRO A 63 36.97 -7.63 -8.22
CA PRO A 63 37.27 -7.47 -9.64
C PRO A 63 36.49 -8.50 -10.48
N LYS A 64 36.02 -8.06 -11.66
CA LYS A 64 35.24 -8.91 -12.58
C LYS A 64 35.99 -10.21 -12.87
N GLU A 65 37.32 -10.18 -12.88
CA GLU A 65 38.15 -11.36 -13.27
C GLU A 65 37.96 -12.50 -12.24
N LEU A 66 37.59 -12.19 -11.01
CA LEU A 66 37.33 -13.23 -9.98
C LEU A 66 36.24 -14.21 -10.41
N TYR A 67 35.35 -13.81 -11.32
CA TYR A 67 34.16 -14.62 -11.72
C TYR A 67 34.53 -15.56 -12.86
N GLU A 68 35.76 -15.47 -13.38
CA GLU A 68 36.16 -16.27 -14.57
C GLU A 68 36.05 -17.76 -14.30
N PRO A 69 36.48 -18.31 -13.14
CA PRO A 69 36.29 -19.74 -12.89
C PRO A 69 34.79 -20.12 -12.92
N LEU A 70 33.91 -19.28 -12.39
CA LEU A 70 32.46 -19.53 -12.46
C LEU A 70 32.01 -19.58 -13.93
N TRP A 71 32.51 -18.68 -14.78
CA TRP A 71 32.19 -18.70 -16.22
C TRP A 71 32.66 -20.04 -16.84
N ASP A 72 33.91 -20.46 -16.57
CA ASP A 72 34.45 -21.75 -17.08
C ASP A 72 33.55 -22.89 -16.64
N GLU A 73 33.11 -22.88 -15.41
CA GLU A 73 32.25 -23.95 -14.85
C GLU A 73 30.88 -23.96 -15.52
N LEU A 74 30.26 -22.78 -15.73
CA LEU A 74 28.93 -22.69 -16.41
C LEU A 74 29.05 -23.31 -17.80
N LEU A 75 30.12 -23.00 -18.53
CA LEU A 75 30.31 -23.52 -19.90
C LEU A 75 30.54 -25.04 -19.81
N ASP A 76 31.44 -25.48 -18.94
CA ASP A 76 31.84 -26.90 -18.86
C ASP A 76 30.65 -27.77 -18.46
N GLN A 77 29.79 -27.32 -17.55
CA GLN A 77 28.63 -28.10 -17.04
C GLN A 77 27.33 -27.75 -17.84
N ALA A 78 27.38 -26.86 -18.82
CA ALA A 78 26.17 -26.37 -19.54
C ALA A 78 25.37 -27.56 -20.07
N SER A 79 24.05 -27.60 -19.81
CA SER A 79 23.14 -28.66 -20.31
C SER A 79 21.78 -28.01 -20.60
N GLY A 80 21.26 -28.17 -21.81
CA GLY A 80 19.97 -27.58 -22.20
C GLY A 80 20.06 -26.11 -22.53
N PHE A 81 21.26 -25.53 -22.66
CA PHE A 81 21.46 -24.15 -23.12
C PHE A 81 22.84 -24.02 -23.74
N HIS A 82 23.00 -23.00 -24.57
CA HIS A 82 24.31 -22.58 -25.11
C HIS A 82 24.61 -21.17 -24.64
N ILE A 83 25.90 -20.84 -24.64
CA ILE A 83 26.41 -19.53 -24.23
C ILE A 83 26.85 -18.81 -25.49
N ARG A 84 26.22 -17.69 -25.83
CA ARG A 84 26.71 -16.82 -26.90
C ARG A 84 27.93 -16.09 -26.35
N ALA A 85 27.75 -15.42 -25.21
CA ALA A 85 28.86 -14.71 -24.56
C ALA A 85 28.43 -14.31 -23.16
N ILE A 86 29.42 -14.09 -22.30
CA ILE A 86 29.22 -13.52 -20.95
C ILE A 86 29.88 -12.15 -20.98
N TRP A 87 29.16 -11.14 -20.54
CA TRP A 87 29.66 -9.75 -20.44
C TRP A 87 29.59 -9.30 -18.99
N MSE A 88 30.74 -8.91 -18.45
CA MSE A 88 30.83 -8.36 -17.12
C MSE A 88 31.66 -7.07 -17.18
O MSE A 88 32.77 -7.04 -17.73
CB MSE A 88 31.41 -9.36 -16.11
CG MSE A 88 31.35 -8.83 -14.70
SE MSE A 88 31.94 -10.07 -13.31
CE MSE A 88 30.38 -10.52 -12.24
N ALA A 89 31.07 -6.01 -16.64
CA ALA A 89 31.75 -4.74 -16.50
C ALA A 89 32.11 -4.50 -15.03
N ASP A 90 33.22 -3.81 -14.81
CA ASP A 90 33.58 -3.20 -13.52
C ASP A 90 32.74 -1.92 -13.33
N VAL A 91 32.05 -1.81 -12.21
CA VAL A 91 31.35 -0.57 -11.81
C VAL A 91 32.35 0.58 -11.89
N ALA A 92 31.87 1.76 -12.32
CA ALA A 92 32.70 2.89 -12.81
C ALA A 92 33.72 3.31 -11.74
N SER A 93 33.38 3.18 -10.45
CA SER A 93 34.17 3.68 -9.29
C SER A 93 35.11 2.60 -8.74
N MSE A 94 35.21 1.44 -9.41
CA MSE A 94 35.90 0.29 -8.83
C MSE A 94 36.73 -0.46 -9.86
O MSE A 94 36.50 -0.36 -11.07
CB MSE A 94 34.88 -0.71 -8.26
CG MSE A 94 33.98 -0.11 -7.25
SE MSE A 94 32.61 -1.36 -6.64
CE MSE A 94 31.62 0.00 -5.65
N ASN A 95 37.67 -1.26 -9.34
CA ASN A 95 38.39 -2.23 -10.13
C ASN A 95 39.06 -1.49 -11.31
N GLN A 96 39.05 -2.02 -12.52
CA GLN A 96 39.78 -1.37 -13.65
C GLN A 96 39.05 -0.11 -14.14
N SER A 97 37.73 -0.06 -14.07
CA SER A 97 36.94 1.15 -14.41
C SER A 97 37.45 2.31 -13.52
N GLY A 98 37.61 2.06 -12.22
CA GLY A 98 38.03 3.09 -11.26
C GLY A 98 39.38 3.67 -11.64
N ILE A 99 40.28 2.83 -12.13
CA ILE A 99 41.62 3.27 -12.60
C ILE A 99 41.42 4.23 -13.78
N HIS A 100 40.68 3.82 -14.80
CA HIS A 100 40.40 4.68 -15.99
C HIS A 100 39.75 6.00 -15.53
N ASN A 101 38.86 5.96 -14.54
CA ASN A 101 38.06 7.14 -14.11
C ASN A 101 38.72 7.91 -12.94
N GLU A 102 39.94 7.57 -12.54
CA GLU A 102 40.50 7.99 -11.22
C GLU A 102 40.52 9.52 -11.06
N ASP A 103 40.70 10.29 -12.12
CA ASP A 103 40.77 11.78 -12.05
C ASP A 103 39.36 12.40 -12.11
N LYS A 104 38.30 11.60 -12.24
CA LYS A 104 36.90 12.10 -12.35
C LYS A 104 36.02 11.64 -11.18
N LEU A 105 36.43 10.62 -10.41
CA LEU A 105 35.64 10.06 -9.30
C LEU A 105 35.65 11.04 -8.13
N SER A 106 34.59 10.98 -7.32
CA SER A 106 34.49 11.73 -6.06
C SER A 106 33.72 10.87 -5.06
N MSE A 107 33.44 11.43 -3.88
CA MSE A 107 33.06 10.67 -2.71
C MSE A 107 31.54 10.48 -2.62
O MSE A 107 30.93 10.85 -1.63
CB MSE A 107 33.62 11.38 -1.47
CG MSE A 107 35.12 11.23 -1.31
SE MSE A 107 35.67 9.36 -0.95
CE MSE A 107 36.23 8.65 -2.72
N ASP A 108 30.95 9.81 -3.61
CA ASP A 108 29.57 9.35 -3.47
C ASP A 108 29.35 8.23 -4.49
N CYS A 109 28.26 7.49 -4.37
CA CYS A 109 27.98 6.32 -5.23
C CYS A 109 26.52 5.93 -5.09
N SER A 110 25.81 5.86 -6.20
CA SER A 110 24.44 5.30 -6.32
C SER A 110 24.56 4.00 -7.11
N TRP A 111 23.98 2.93 -6.58
CA TRP A 111 23.95 1.64 -7.30
C TRP A 111 23.16 1.75 -8.61
N MSE A 112 22.25 2.72 -8.69
CA MSE A 112 21.34 2.85 -9.83
C MSE A 112 22.10 3.22 -11.10
O MSE A 112 21.68 2.89 -12.22
CB MSE A 112 20.27 3.90 -9.52
CG MSE A 112 19.40 3.61 -8.31
SE MSE A 112 18.78 1.71 -8.29
CE MSE A 112 17.48 1.76 -6.79
N ASP A 113 23.23 3.93 -10.95
CA ASP A 113 23.98 4.39 -12.09
C ASP A 113 24.49 3.19 -12.91
N HIS A 114 24.97 2.13 -12.28
CA HIS A 114 25.49 0.94 -13.01
C HIS A 114 24.37 0.28 -13.81
N ALA A 115 23.13 0.30 -13.32
CA ALA A 115 21.98 -0.24 -14.10
C ALA A 115 21.85 0.56 -15.40
N ARG A 116 21.96 1.90 -15.33
CA ARG A 116 21.88 2.76 -16.55
C ARG A 116 23.13 2.53 -17.42
N ASP A 117 24.31 2.38 -16.81
CA ASP A 117 25.58 2.11 -17.55
C ASP A 117 25.41 0.80 -18.33
N LEU A 118 24.85 -0.23 -17.71
CA LEU A 118 24.65 -1.54 -18.39
C LEU A 118 23.61 -1.38 -19.51
N LEU A 119 22.51 -0.65 -19.29
CA LEU A 119 21.49 -0.44 -20.35
C LEU A 119 22.17 0.18 -21.60
N LEU A 120 23.02 1.20 -21.41
CA LEU A 120 23.78 1.82 -22.52
C LEU A 120 24.69 0.81 -23.19
N MSE A 121 25.44 0.04 -22.39
CA MSE A 121 26.36 -0.95 -22.92
C MSE A 121 25.61 -1.93 -23.83
O MSE A 121 26.11 -2.28 -24.90
CB MSE A 121 27.04 -1.69 -21.77
CG MSE A 121 28.00 -2.76 -22.19
SE MSE A 121 28.56 -3.92 -20.73
CE MSE A 121 27.09 -5.22 -20.68
N ILE A 122 24.45 -2.42 -23.36
CA ILE A 122 23.66 -3.38 -24.13
C ILE A 122 23.21 -2.76 -25.47
N ASN A 123 22.78 -1.51 -25.46
CA ASN A 123 22.39 -0.81 -26.71
C ASN A 123 23.62 -0.62 -27.61
N HIS A 124 24.79 -0.34 -27.05
CA HIS A 124 26.04 -0.22 -27.81
C HIS A 124 26.36 -1.55 -28.50
N PHE A 125 26.27 -2.69 -27.80
CA PHE A 125 26.70 -3.99 -28.35
C PHE A 125 25.50 -4.81 -28.86
N ARG A 126 24.39 -4.17 -29.20
CA ARG A 126 23.11 -4.87 -29.48
C ARG A 126 23.26 -5.94 -30.58
N ASP A 127 24.06 -5.68 -31.61
CA ASP A 127 24.24 -6.58 -32.77
C ASP A 127 24.82 -7.91 -32.31
N GLN A 128 25.50 -7.95 -31.16
CA GLN A 128 26.10 -9.19 -30.59
C GLN A 128 25.24 -9.79 -29.47
N MSE A 129 24.07 -9.17 -29.22
CA MSE A 129 23.22 -9.54 -28.08
C MSE A 129 21.76 -9.72 -28.49
O MSE A 129 20.87 -9.06 -27.97
CB MSE A 129 23.29 -8.46 -27.01
CG MSE A 129 24.68 -8.18 -26.54
SE MSE A 129 24.60 -6.90 -25.11
CE MSE A 129 26.39 -6.97 -24.30
N PRO A 130 21.44 -10.67 -29.37
CA PRO A 130 20.05 -10.98 -29.66
C PRO A 130 19.45 -11.69 -28.43
N ARG A 131 18.13 -11.79 -28.36
CA ARG A 131 17.45 -12.58 -27.30
C ARG A 131 17.87 -14.03 -27.43
N PRO A 132 17.95 -14.83 -26.36
CA PRO A 132 17.65 -14.38 -25.00
C PRO A 132 18.86 -13.78 -24.26
N LEU A 133 18.59 -12.79 -23.41
CA LEU A 133 19.56 -12.25 -22.43
C LEU A 133 19.18 -12.77 -21.03
N VAL A 134 20.18 -13.02 -20.20
CA VAL A 134 20.02 -13.47 -18.80
C VAL A 134 20.93 -12.59 -17.94
N GLY A 135 20.40 -12.14 -16.81
CA GLY A 135 21.14 -11.34 -15.83
C GLY A 135 21.71 -12.22 -14.75
N ILE A 136 22.96 -11.98 -14.36
CA ILE A 136 23.61 -12.62 -13.18
C ILE A 136 24.16 -11.50 -12.31
N GLY A 137 23.76 -11.47 -11.05
CA GLY A 137 24.22 -10.43 -10.10
C GLY A 137 24.60 -11.03 -8.77
N HIS A 138 25.81 -10.73 -8.33
CA HIS A 138 26.38 -11.13 -7.02
C HIS A 138 26.33 -9.92 -6.09
N SER A 139 25.74 -10.08 -4.91
CA SER A 139 25.86 -9.10 -3.80
C SER A 139 25.20 -7.79 -4.23
N PHE A 140 25.86 -6.62 -4.21
CA PHE A 140 25.16 -5.38 -4.67
C PHE A 140 24.86 -5.48 -6.17
N GLY A 141 25.60 -6.31 -6.90
CA GLY A 141 25.33 -6.62 -8.30
C GLY A 141 23.99 -7.30 -8.46
N GLY A 142 23.56 -8.11 -7.49
CA GLY A 142 22.20 -8.71 -7.49
C GLY A 142 21.15 -7.61 -7.42
N ASN A 143 21.43 -6.59 -6.61
CA ASN A 143 20.51 -5.43 -6.52
C ASN A 143 20.51 -4.67 -7.84
N ILE A 144 21.69 -4.43 -8.41
CA ILE A 144 21.81 -3.60 -9.64
C ILE A 144 21.07 -4.30 -10.79
N ILE A 145 21.28 -5.60 -10.97
CA ILE A 145 20.73 -6.33 -12.15
C ILE A 145 19.21 -6.37 -12.02
N THR A 146 18.68 -6.43 -10.79
CA THR A 146 17.21 -6.37 -10.55
C THR A 146 16.70 -4.99 -10.98
N ASN A 147 17.43 -3.91 -10.65
CA ASN A 147 17.02 -2.52 -11.03
C ASN A 147 17.11 -2.36 -12.54
N LEU A 148 18.07 -3.03 -13.21
CA LEU A 148 18.13 -3.01 -14.69
C LEU A 148 16.86 -3.68 -15.26
N ALA A 149 16.40 -4.80 -14.66
CA ALA A 149 15.11 -5.43 -15.04
C ALA A 149 13.92 -4.47 -14.79
N TYR A 150 13.95 -3.62 -13.76
CA TYR A 150 12.93 -2.57 -13.51
C TYR A 150 12.99 -1.52 -14.62
N LEU A 151 14.18 -1.15 -15.09
CA LEU A 151 14.36 -0.17 -16.19
C LEU A 151 13.82 -0.75 -17.51
N HIS A 152 13.92 -2.06 -17.72
CA HIS A 152 13.60 -2.71 -19.01
C HIS A 152 13.02 -4.11 -18.76
N PRO A 153 11.73 -4.17 -18.35
CA PRO A 153 11.14 -5.41 -17.87
C PRO A 153 11.26 -6.64 -18.78
N ARG A 154 11.16 -6.49 -20.10
CA ARG A 154 11.18 -7.68 -21.01
C ARG A 154 12.61 -7.93 -21.51
N LEU A 155 13.60 -7.15 -21.07
CA LEU A 155 15.00 -7.31 -21.52
C LEU A 155 15.53 -8.71 -21.18
N PHE A 156 15.38 -9.15 -19.93
CA PHE A 156 15.97 -10.43 -19.45
C PHE A 156 14.93 -11.54 -19.44
N THR A 157 15.29 -12.72 -19.93
CA THR A 157 14.44 -13.93 -19.88
C THR A 157 14.43 -14.44 -18.44
N THR A 158 15.56 -14.36 -17.74
CA THR A 158 15.60 -14.78 -16.32
C THR A 158 16.76 -14.06 -15.65
N LEU A 159 16.71 -14.05 -14.34
CA LEU A 159 17.78 -13.50 -13.48
C LEU A 159 18.29 -14.62 -12.57
N LEU A 160 19.61 -14.62 -12.37
CA LEU A 160 20.33 -15.47 -11.39
C LEU A 160 20.89 -14.52 -10.34
N LEU A 161 20.31 -14.47 -9.15
CA LEU A 161 20.77 -13.59 -8.06
C LEU A 161 21.59 -14.46 -7.08
N LEU A 162 22.84 -14.05 -6.84
CA LEU A 162 23.80 -14.74 -5.93
C LEU A 162 23.98 -13.86 -4.71
N ASP A 163 23.34 -14.23 -3.60
CA ASP A 163 23.33 -13.44 -2.35
C ASP A 163 23.06 -11.98 -2.65
N PRO A 164 21.91 -11.64 -3.29
CA PRO A 164 21.62 -10.25 -3.64
C PRO A 164 21.35 -9.36 -2.42
N LEU A 165 21.86 -8.14 -2.44
CA LEU A 165 21.62 -7.15 -1.36
C LEU A 165 20.26 -6.50 -1.61
N ILE A 166 19.20 -7.23 -1.28
CA ILE A 166 17.79 -6.78 -1.40
C ILE A 166 17.09 -7.17 -0.09
N GLN A 167 16.78 -6.18 0.73
CA GLN A 167 16.22 -6.38 2.10
C GLN A 167 15.74 -5.02 2.59
N LEU A 168 15.01 -5.00 3.70
CA LEU A 168 14.40 -3.78 4.27
C LEU A 168 15.32 -3.17 5.34
N SER A 169 15.99 -3.99 6.14
CA SER A 169 16.74 -3.54 7.34
C SER A 169 18.05 -2.90 6.95
N PRO A 170 18.42 -1.78 7.61
CA PRO A 170 19.76 -1.23 7.44
C PRO A 170 20.77 -2.28 7.84
N PRO A 171 22.02 -2.23 7.32
CA PRO A 171 23.07 -3.10 7.83
C PRO A 171 23.43 -2.71 9.29
N SER A 172 24.05 -3.63 10.01
CA SER A 172 24.66 -3.36 11.34
C SER A 172 25.88 -2.46 11.12
N LEU A 173 26.06 -1.43 11.96
CA LEU A 173 27.11 -0.39 11.79
C LEU A 173 27.76 -0.06 13.14
N GLY A 174 27.61 -0.94 14.13
CA GLY A 174 28.17 -0.75 15.48
C GLY A 174 27.51 0.36 16.25
N PHE A 175 26.32 0.84 15.86
CA PHE A 175 25.56 1.83 16.68
C PHE A 175 25.01 1.15 17.93
N GLY A 176 24.99 1.86 19.07
CA GLY A 176 24.45 1.36 20.36
C GLY A 176 25.14 0.07 20.78
N THR A 177 24.39 -1.02 20.96
CA THR A 177 24.96 -2.35 21.33
C THR A 177 25.30 -3.17 20.07
N ASP A 178 24.98 -2.70 18.87
CA ASP A 178 25.16 -3.54 17.65
C ASP A 178 26.65 -3.85 17.45
N ALA A 179 26.94 -5.03 16.92
CA ALA A 179 28.29 -5.42 16.43
C ALA A 179 28.68 -4.52 15.26
N PRO A 180 29.95 -4.10 15.14
CA PRO A 180 30.45 -3.52 13.89
C PRO A 180 30.33 -4.58 12.79
N SER A 181 30.10 -4.15 11.55
CA SER A 181 30.04 -5.02 10.36
C SER A 181 31.29 -4.84 9.49
N ALA A 182 31.30 -5.47 8.31
CA ALA A 182 32.36 -5.28 7.29
C ALA A 182 32.48 -3.80 6.91
N ILE A 183 31.42 -3.01 7.09
CA ILE A 183 31.40 -1.57 6.71
C ILE A 183 32.30 -0.80 7.69
N ASN A 184 32.19 -1.06 8.99
CA ASN A 184 33.11 -0.51 10.01
C ASN A 184 34.56 -0.86 9.63
N TYR A 185 34.80 -2.11 9.26
CA TYR A 185 36.14 -2.60 8.86
C TYR A 185 36.63 -1.77 7.67
N THR A 186 35.75 -1.50 6.69
CA THR A 186 36.14 -0.82 5.43
C THR A 186 36.72 0.56 5.75
N LEU A 187 36.08 1.35 6.62
CA LEU A 187 36.55 2.73 6.89
C LEU A 187 37.94 2.70 7.52
N TRP A 188 38.16 1.78 8.46
CA TRP A 188 39.33 1.82 9.39
C TRP A 188 40.51 0.98 8.89
N ARG A 189 40.33 0.17 7.85
CA ARG A 189 41.30 -0.87 7.45
C ARG A 189 42.59 -0.21 6.90
N ASP A 190 43.72 -0.89 7.09
CA ASP A 190 44.97 -0.57 6.35
C ASP A 190 44.65 -0.63 4.85
N ASP A 191 45.27 0.23 4.06
CA ASP A 191 45.07 0.26 2.60
C ASP A 191 46.39 0.44 1.85
N VAL A 192 47.53 0.31 2.51
CA VAL A 192 48.85 0.38 1.81
C VAL A 192 49.88 -0.46 2.59
N TRP A 193 50.76 -1.13 1.84
CA TRP A 193 51.71 -2.17 2.32
C TRP A 193 53.03 -2.03 1.60
N PRO A 194 54.16 -2.45 2.23
CA PRO A 194 55.48 -2.34 1.62
C PRO A 194 55.69 -3.23 0.41
N SER A 195 54.88 -4.28 0.26
CA SER A 195 55.00 -5.25 -0.85
C SER A 195 53.65 -5.93 -1.09
N ARG A 196 53.47 -6.53 -2.27
CA ARG A 196 52.27 -7.32 -2.60
C ARG A 196 52.16 -8.54 -1.68
N GLU A 197 53.29 -9.17 -1.35
CA GLU A 197 53.31 -10.34 -0.45
C GLU A 197 52.71 -9.95 0.89
N VAL A 198 53.09 -8.79 1.43
CA VAL A 198 52.57 -8.35 2.76
C VAL A 198 51.08 -7.99 2.63
N ALA A 199 50.70 -7.33 1.55
CA ALA A 199 49.28 -6.97 1.28
C ALA A 199 48.42 -8.24 1.25
N ILE A 200 48.88 -9.30 0.59
CA ILE A 200 48.10 -10.59 0.50
C ILE A 200 47.83 -11.08 1.92
N ARG A 201 48.86 -11.12 2.76
CA ARG A 201 48.75 -11.67 4.14
C ARG A 201 47.79 -10.79 4.95
N ALA A 202 47.84 -9.47 4.80
CA ALA A 202 46.93 -8.51 5.47
C ALA A 202 45.48 -8.70 5.00
N ASN A 203 45.24 -9.38 3.88
CA ASN A 203 43.86 -9.53 3.33
C ASN A 203 43.43 -11.00 3.37
N ARG A 204 44.00 -11.79 4.29
CA ARG A 204 43.78 -13.26 4.39
C ARG A 204 42.30 -13.57 4.68
N ALA A 205 41.57 -12.72 5.41
CA ALA A 205 40.15 -12.99 5.80
C ALA A 205 39.27 -13.19 4.55
N ILE A 206 39.39 -12.28 3.59
CA ILE A 206 38.60 -12.29 2.32
C ILE A 206 39.03 -13.46 1.43
N MSE A 207 40.27 -13.92 1.57
CA MSE A 207 40.80 -14.94 0.66
C MSE A 207 40.69 -16.36 1.19
O MSE A 207 40.94 -17.32 0.44
CB MSE A 207 42.26 -14.62 0.34
CG MSE A 207 42.32 -13.37 -0.47
SE MSE A 207 44.10 -13.03 -1.08
CE MSE A 207 44.13 -11.15 -0.82
N GLN A 208 40.28 -16.51 2.44
CA GLN A 208 40.22 -17.82 3.07
C GLN A 208 39.23 -18.72 2.32
N GLY A 209 39.61 -19.94 1.95
CA GLY A 209 38.76 -20.90 1.26
C GLY A 209 38.52 -20.59 -0.21
N MSE A 210 39.16 -19.55 -0.75
CA MSE A 210 38.97 -19.26 -2.17
C MSE A 210 39.60 -20.35 -3.02
O MSE A 210 40.68 -20.84 -2.73
CB MSE A 210 39.59 -17.93 -2.58
CG MSE A 210 38.67 -16.75 -2.40
SE MSE A 210 39.51 -15.19 -3.26
CE MSE A 210 38.20 -13.83 -2.91
N ASP A 211 38.90 -20.71 -4.10
CA ASP A 211 39.45 -21.51 -5.18
C ASP A 211 40.82 -20.96 -5.58
N PRO A 212 41.86 -21.82 -5.81
CA PRO A 212 43.19 -21.35 -6.22
C PRO A 212 43.16 -20.42 -7.45
N ARG A 213 42.25 -20.67 -8.38
CA ARG A 213 42.12 -19.84 -9.62
C ARG A 213 41.68 -18.43 -9.21
N CYS A 214 40.87 -18.30 -8.15
CA CYS A 214 40.38 -16.99 -7.66
C CYS A 214 41.50 -16.31 -6.86
N LEU A 215 42.31 -17.09 -6.13
CA LEU A 215 43.47 -16.56 -5.37
C LEU A 215 44.43 -15.86 -6.34
N ASP A 216 44.78 -16.49 -7.47
CA ASP A 216 45.72 -15.87 -8.43
C ASP A 216 45.15 -14.55 -8.94
N ARG A 217 43.86 -14.48 -9.19
CA ARG A 217 43.21 -13.26 -9.72
C ARG A 217 43.17 -12.18 -8.65
N MSE A 218 42.97 -12.58 -7.39
CA MSE A 218 42.99 -11.65 -6.27
C MSE A 218 44.37 -10.97 -6.17
O MSE A 218 44.47 -9.75 -6.11
CB MSE A 218 42.68 -12.39 -4.97
CG MSE A 218 41.24 -12.48 -4.58
SE MSE A 218 40.33 -10.76 -4.35
CE MSE A 218 40.59 -10.06 -2.54
N THR A 219 45.45 -11.77 -6.16
CA THR A 219 46.78 -11.23 -5.92
C THR A 219 47.17 -10.31 -7.09
N LYS A 220 46.69 -10.57 -8.30
CA LYS A 220 46.95 -9.71 -9.49
C LYS A 220 46.06 -8.44 -9.46
N HIS A 221 44.75 -8.55 -9.20
CA HIS A 221 43.77 -7.47 -9.49
C HIS A 221 43.42 -6.67 -8.24
N PHE A 222 43.49 -7.27 -7.05
CA PHE A 222 42.97 -6.62 -5.82
C PHE A 222 43.96 -5.53 -5.36
N PHE A 223 45.24 -5.61 -5.77
CA PHE A 223 46.30 -4.67 -5.36
C PHE A 223 46.90 -4.00 -6.59
N ARG A 224 47.36 -2.78 -6.36
CA ARG A 224 47.95 -1.92 -7.40
C ARG A 224 49.26 -1.31 -6.88
N ASP A 225 50.31 -1.34 -7.71
CA ASP A 225 51.61 -0.70 -7.37
C ASP A 225 51.42 0.80 -7.24
N LEU A 226 52.02 1.41 -6.23
CA LEU A 226 52.15 2.88 -6.17
C LEU A 226 52.97 3.30 -7.38
N PRO A 227 52.83 4.53 -7.90
CA PRO A 227 51.93 5.53 -7.32
C PRO A 227 50.48 5.44 -7.82
N THR A 228 49.54 5.91 -7.01
CA THR A 228 48.11 6.13 -7.37
C THR A 228 47.75 7.54 -6.91
N PRO A 229 46.61 8.10 -7.34
CA PRO A 229 46.18 9.39 -6.79
C PRO A 229 46.16 9.45 -5.25
N LEU A 230 45.68 8.40 -4.59
CA LEU A 230 45.59 8.40 -3.12
C LEU A 230 46.99 8.34 -2.50
N TYR A 231 47.91 7.62 -3.14
CA TYR A 231 49.30 7.39 -2.68
C TYR A 231 50.26 7.74 -3.81
N PRO A 232 50.44 9.04 -4.12
CA PRO A 232 51.20 9.47 -5.29
C PRO A 232 52.74 9.48 -5.13
N ASP A 233 53.25 9.14 -3.95
CA ASP A 233 54.69 9.30 -3.60
C ASP A 233 55.24 7.96 -3.10
N VAL A 234 55.84 7.20 -3.99
CA VAL A 234 56.43 5.86 -3.74
C VAL A 234 57.48 6.02 -2.64
N GLU A 235 58.39 6.99 -2.76
CA GLU A 235 59.57 7.08 -1.86
C GLU A 235 59.11 7.43 -0.44
N ALA A 236 58.12 8.31 -0.30
CA ALA A 236 57.59 8.65 1.04
C ALA A 236 57.04 7.37 1.72
N ILE A 237 56.41 6.48 0.97
CA ILE A 237 55.82 5.23 1.55
C ILE A 237 56.94 4.23 1.85
N LYS A 238 57.92 4.07 0.99
CA LYS A 238 59.09 3.20 1.28
C LYS A 238 59.78 3.71 2.55
N ALA A 239 59.89 5.03 2.72
CA ALA A 239 60.48 5.63 3.94
C ALA A 239 59.62 5.26 5.15
N LEU A 240 58.30 5.42 5.06
CA LEU A 240 57.37 5.08 6.18
C LEU A 240 57.60 3.64 6.63
N PHE A 241 57.79 2.70 5.70
CA PHE A 241 57.90 1.26 6.02
C PHE A 241 59.36 0.86 6.26
N GLY A 242 60.32 1.77 6.04
CA GLY A 242 61.77 1.52 6.14
C GLY A 242 62.27 0.56 5.07
N THR A 243 61.79 0.64 3.83
CA THR A 243 62.17 -0.31 2.75
C THR A 243 62.91 0.45 1.65
N THR A 244 63.38 1.67 1.90
CA THR A 244 64.08 2.56 0.94
C THR A 244 65.27 1.85 0.28
N ALA A 245 65.96 0.96 1.00
CA ALA A 245 67.18 0.26 0.50
C ALA A 245 66.79 -0.91 -0.39
N ASP A 246 65.53 -1.36 -0.35
CA ASP A 246 65.14 -2.65 -0.97
C ASP A 246 64.57 -2.36 -2.37
N SER A 247 65.43 -2.47 -3.39
CA SER A 247 65.11 -2.26 -4.82
C SER A 247 64.11 -3.30 -5.33
N THR A 248 63.98 -4.46 -4.68
CA THR A 248 63.19 -5.61 -5.18
C THR A 248 61.73 -5.57 -4.71
N THR A 249 61.31 -4.65 -3.83
CA THR A 249 59.90 -4.53 -3.34
C THR A 249 59.32 -3.17 -3.76
N THR A 250 58.12 -3.14 -4.33
CA THR A 250 57.32 -1.91 -4.61
C THR A 250 56.09 -1.92 -3.71
N PRO A 251 55.80 -0.83 -2.99
CA PRO A 251 54.60 -0.77 -2.16
C PRO A 251 53.34 -0.89 -3.03
N VAL A 252 52.29 -1.48 -2.48
CA VAL A 252 50.98 -1.62 -3.15
C VAL A 252 49.88 -1.01 -2.27
N THR A 253 48.79 -0.64 -2.92
CA THR A 253 47.55 -0.18 -2.27
C THR A 253 46.36 -0.99 -2.84
N LEU A 254 45.19 -0.83 -2.24
CA LEU A 254 43.92 -1.43 -2.73
C LEU A 254 43.64 -0.84 -4.12
N THR A 255 43.49 -1.67 -5.14
CA THR A 255 43.08 -1.23 -6.51
C THR A 255 41.79 -0.42 -6.38
N THR A 256 40.78 -0.94 -5.66
CA THR A 256 39.58 -0.15 -5.29
C THR A 256 39.88 0.53 -3.97
N PRO A 257 40.07 1.86 -3.92
CA PRO A 257 40.34 2.54 -2.66
C PRO A 257 39.25 2.16 -1.66
N LYS A 258 39.65 1.98 -0.40
CA LYS A 258 38.69 1.60 0.65
C LYS A 258 37.53 2.59 0.65
N TYR A 259 37.78 3.86 0.30
CA TYR A 259 36.77 4.93 0.35
C TYR A 259 35.69 4.68 -0.73
N HIS A 260 36.06 4.11 -1.87
CA HIS A 260 35.09 3.77 -2.94
C HIS A 260 34.29 2.53 -2.57
N GLU A 261 34.88 1.57 -1.86
CA GLU A 261 34.09 0.47 -1.28
C GLU A 261 33.10 1.09 -0.29
N LEU A 262 33.59 1.99 0.57
CA LEU A 262 32.80 2.49 1.71
C LEU A 262 31.56 3.23 1.20
N VAL A 263 31.72 4.17 0.28
CA VAL A 263 30.58 5.03 -0.16
C VAL A 263 29.60 4.22 -1.05
N ALA A 264 29.97 3.03 -1.50
CA ALA A 264 29.07 2.06 -2.16
C ALA A 264 28.33 1.22 -1.10
N GLN A 265 28.99 0.87 -0.01
CA GLN A 265 28.37 0.04 1.06
C GLN A 265 27.38 0.89 1.84
N ILE A 266 27.63 2.19 1.99
CA ILE A 266 26.81 3.03 2.91
C ILE A 266 26.94 4.49 2.49
N ARG A 267 25.92 5.28 2.77
CA ARG A 267 25.87 6.70 2.37
C ARG A 267 25.70 7.56 3.62
N GLN A 268 26.38 8.69 3.65
CA GLN A 268 26.21 9.66 4.79
C GLN A 268 24.75 10.11 4.85
N ASN A 269 24.25 10.21 6.08
CA ASN A 269 22.97 10.86 6.48
C ASN A 269 23.28 11.82 7.66
N PHE A 270 24.13 12.81 7.43
CA PHE A 270 24.71 13.69 8.48
C PHE A 270 23.79 14.90 8.78
N ASN A 271 22.64 15.03 8.13
CA ASN A 271 21.80 16.26 8.25
C ASN A 271 20.31 15.90 8.32
N ALA A 272 19.88 14.85 9.04
CA ALA A 272 18.47 14.39 8.98
C ALA A 272 17.59 15.06 10.04
N ARG A 273 18.17 15.63 11.09
CA ARG A 273 17.41 16.08 12.30
C ARG A 273 17.32 17.60 12.33
N ASP A 274 16.11 18.13 12.42
CA ASP A 274 15.85 19.56 12.75
C ASP A 274 16.54 19.87 14.07
N PRO A 275 17.50 20.82 14.13
CA PRO A 275 18.27 21.04 15.35
C PRO A 275 17.39 21.49 16.53
N LYS A 276 16.23 22.09 16.25
CA LYS A 276 15.31 22.71 17.26
C LYS A 276 14.31 21.68 17.80
N THR A 277 13.61 20.92 16.94
CA THR A 277 12.66 19.87 17.42
C THR A 277 13.43 18.58 17.73
N GLY A 278 14.62 18.36 17.15
CA GLY A 278 15.30 17.04 17.14
C GLY A 278 14.57 16.00 16.29
N ARG A 279 13.54 16.43 15.55
CA ARG A 279 12.70 15.55 14.72
C ARG A 279 13.41 15.26 13.39
N ILE A 280 13.31 14.04 12.89
CA ILE A 280 13.77 13.70 11.52
C ILE A 280 12.94 14.52 10.53
N GLU A 281 13.62 15.29 9.66
CA GLU A 281 13.02 15.94 8.48
C GLU A 281 13.92 15.62 7.29
N VAL A 282 13.48 14.74 6.40
CA VAL A 282 14.34 14.27 5.28
C VAL A 282 14.70 15.48 4.42
N PRO A 283 15.98 15.81 4.21
CA PRO A 283 16.32 16.95 3.35
C PRO A 283 16.27 16.51 1.88
N ARG A 284 15.30 17.03 1.14
CA ARG A 284 14.92 16.53 -0.21
C ARG A 284 15.98 16.90 -1.24
N ASP A 285 16.77 17.95 -1.02
CA ASP A 285 17.83 18.37 -1.97
C ASP A 285 18.91 17.28 -2.05
N THR A 286 19.19 16.54 -0.98
CA THR A 286 20.32 15.56 -0.94
C THR A 286 19.84 14.12 -0.67
N HIS A 287 18.72 13.93 0.05
CA HIS A 287 18.27 12.63 0.58
C HIS A 287 16.80 12.36 0.24
N ALA A 288 16.29 12.86 -0.89
CA ALA A 288 14.89 12.62 -1.31
C ALA A 288 14.62 11.09 -1.35
N ASP A 289 15.64 10.26 -1.63
CA ASP A 289 15.49 8.78 -1.76
C ASP A 289 15.49 8.06 -0.41
N MSE A 290 15.57 8.81 0.71
CA MSE A 290 15.68 8.19 2.03
C MSE A 290 14.31 8.05 2.69
O MSE A 290 13.54 9.00 2.81
CB MSE A 290 16.59 9.00 2.96
CG MSE A 290 16.84 8.32 4.31
SE MSE A 290 18.29 9.23 5.26
CE MSE A 290 17.36 10.98 5.42
N ASP A 291 14.00 6.83 3.13
CA ASP A 291 12.84 6.55 3.92
C ASP A 291 13.05 7.20 5.29
N PRO A 292 12.13 8.07 5.76
CA PRO A 292 12.26 8.67 7.10
C PRO A 292 12.44 7.64 8.22
N LEU A 293 11.84 6.47 8.07
CA LEU A 293 11.92 5.38 9.07
C LEU A 293 13.35 4.87 9.25
N VAL A 294 14.28 5.09 8.30
CA VAL A 294 15.69 4.60 8.44
C VAL A 294 16.65 5.77 8.72
N ALA A 295 16.14 6.98 8.90
CA ALA A 295 16.94 8.22 8.98
C ALA A 295 17.38 8.50 10.44
N TYR A 296 17.09 7.57 11.36
CA TYR A 296 17.29 7.71 12.83
C TYR A 296 18.78 7.55 13.13
N ILE A 297 19.55 6.98 12.18
CA ILE A 297 21.03 6.86 12.27
C ILE A 297 21.63 7.66 11.13
N PRO A 298 22.85 8.20 11.34
CA PRO A 298 23.51 9.10 10.39
C PRO A 298 24.20 8.40 9.20
N LEU A 299 23.76 7.18 8.87
CA LEU A 299 24.23 6.40 7.70
C LEU A 299 23.05 5.62 7.16
N TYR A 300 22.94 5.47 5.84
CA TYR A 300 21.83 4.68 5.23
C TYR A 300 22.26 4.10 3.90
N ARG A 301 21.45 3.17 3.41
CA ARG A 301 21.61 2.55 2.07
C ARG A 301 20.22 2.42 1.47
N PRO A 302 19.83 3.29 0.53
CA PRO A 302 18.44 3.30 0.05
C PRO A 302 18.04 2.11 -0.84
N GLU A 303 18.96 1.58 -1.62
CA GLU A 303 18.64 0.67 -2.78
C GLU A 303 18.13 -0.68 -2.32
N PRO A 304 18.68 -1.35 -1.26
CA PRO A 304 18.15 -2.65 -0.87
C PRO A 304 16.65 -2.52 -0.58
N ARG A 305 16.29 -1.46 0.15
CA ARG A 305 14.90 -1.27 0.64
C ARG A 305 13.97 -0.86 -0.51
N SER A 306 14.37 0.08 -1.38
CA SER A 306 13.52 0.50 -2.52
C SER A 306 13.32 -0.70 -3.45
N THR A 307 14.36 -1.48 -3.67
CA THR A 307 14.33 -2.64 -4.59
C THR A 307 13.40 -3.71 -4.04
N PHE A 308 13.50 -3.99 -2.74
CA PHE A 308 12.64 -4.97 -2.05
C PHE A 308 11.17 -4.58 -2.30
N ARG A 309 10.85 -3.30 -2.12
CA ARG A 309 9.45 -2.82 -2.17
C ARG A 309 8.87 -2.88 -3.58
N ARG A 310 9.70 -3.04 -4.62
CA ARG A 310 9.17 -3.14 -6.00
C ARG A 310 9.20 -4.59 -6.50
N LEU A 311 9.62 -5.55 -5.66
CA LEU A 311 9.83 -6.96 -6.10
C LEU A 311 8.58 -7.55 -6.74
N GLU A 312 7.39 -7.19 -6.28
CA GLU A 312 6.13 -7.76 -6.84
C GLU A 312 6.01 -7.44 -8.34
N THR A 313 6.68 -6.39 -8.81
CA THR A 313 6.62 -5.95 -10.23
C THR A 313 7.69 -6.64 -11.09
N LEU A 314 8.60 -7.42 -10.51
CA LEU A 314 9.77 -7.95 -11.27
C LEU A 314 9.28 -8.88 -12.38
N ARG A 315 9.57 -8.51 -13.63
CA ARG A 315 9.02 -9.25 -14.81
C ARG A 315 9.77 -10.56 -15.07
N PRO A 316 11.12 -10.60 -15.18
CA PRO A 316 11.79 -11.87 -15.42
C PRO A 316 11.53 -12.89 -14.29
N SER A 317 11.48 -14.16 -14.66
CA SER A 317 11.66 -15.28 -13.72
C SER A 317 12.96 -15.02 -12.95
N CYS A 318 13.06 -15.54 -11.74
CA CYS A 318 14.18 -15.17 -10.85
C CYS A 318 14.58 -16.35 -9.96
N LEU A 319 15.86 -16.72 -10.03
CA LEU A 319 16.51 -17.70 -9.12
C LEU A 319 17.25 -16.93 -8.03
N TRP A 320 16.92 -17.19 -6.78
CA TRP A 320 17.57 -16.58 -5.60
C TRP A 320 18.45 -17.63 -4.94
N VAL A 321 19.76 -17.53 -5.15
CA VAL A 321 20.75 -18.42 -4.51
C VAL A 321 21.27 -17.70 -3.27
N ILE A 322 20.95 -18.23 -2.10
CA ILE A 322 21.29 -17.61 -0.80
C ILE A 322 22.34 -18.47 -0.09
N ALA A 323 23.43 -17.86 0.34
CA ALA A 323 24.45 -18.49 1.23
C ALA A 323 23.84 -18.65 2.62
N GLY A 324 23.83 -19.88 3.14
CA GLY A 324 23.30 -20.15 4.50
C GLY A 324 24.09 -19.38 5.55
N ALA A 325 25.40 -19.19 5.37
CA ALA A 325 26.27 -18.51 6.35
C ALA A 325 26.62 -17.11 5.80
N THR A 326 25.58 -16.32 5.50
CA THR A 326 25.68 -14.97 4.90
C THR A 326 25.61 -13.91 6.01
N PHE A 327 25.83 -12.64 5.71
CA PHE A 327 25.57 -11.51 6.63
C PHE A 327 24.22 -10.88 6.27
N LEU A 328 23.61 -11.28 5.16
CA LEU A 328 22.32 -10.66 4.74
C LEU A 328 21.24 -11.06 5.73
N ASN A 329 20.18 -10.27 5.76
CA ASN A 329 18.97 -10.58 6.55
C ASN A 329 18.21 -11.65 5.77
N ILE A 330 18.57 -12.90 6.01
CA ILE A 330 18.06 -14.05 5.22
C ILE A 330 16.53 -14.17 5.37
N ASP A 331 15.96 -13.88 6.54
CA ASP A 331 14.49 -13.98 6.76
C ASP A 331 13.76 -12.91 5.92
N GLU A 332 14.29 -11.71 5.86
CA GLU A 332 13.72 -10.65 4.97
C GLU A 332 13.83 -11.11 3.51
N ILE A 333 14.99 -11.64 3.12
CA ILE A 333 15.21 -12.10 1.72
C ILE A 333 14.14 -13.14 1.38
N ARG A 334 13.80 -14.05 2.28
CA ARG A 334 12.83 -15.14 1.98
C ARG A 334 11.41 -14.56 1.87
N GLU A 335 11.11 -13.45 2.56
CA GLU A 335 9.83 -12.72 2.31
C GLU A 335 9.86 -12.10 0.91
N GLY A 336 10.99 -11.52 0.51
CA GLY A 336 11.20 -10.96 -0.84
C GLY A 336 10.91 -12.02 -1.89
N VAL A 337 11.47 -13.21 -1.71
CA VAL A 337 11.26 -14.34 -2.64
C VAL A 337 9.75 -14.61 -2.76
N LYS A 338 9.04 -14.65 -1.65
CA LYS A 338 7.57 -14.95 -1.65
C LYS A 338 6.82 -13.90 -2.45
N ILE A 339 7.20 -12.63 -2.38
CA ILE A 339 6.46 -11.51 -3.05
C ILE A 339 6.92 -11.36 -4.50
N CYS A 340 8.15 -11.78 -4.80
CA CYS A 340 8.82 -11.57 -6.10
C CYS A 340 7.89 -11.95 -7.27
N GLY A 341 7.54 -10.98 -8.11
CA GLY A 341 6.80 -11.20 -9.37
C GLY A 341 5.33 -11.49 -9.15
N SER A 342 4.78 -11.30 -7.95
CA SER A 342 3.39 -11.73 -7.61
C SER A 342 2.40 -10.63 -7.99
N GLY A 343 2.84 -9.43 -8.33
CA GLY A 343 1.93 -8.30 -8.58
C GLY A 343 1.94 -7.84 -10.02
N ILE A 344 1.52 -6.60 -10.22
CA ILE A 344 1.31 -6.03 -11.58
C ILE A 344 2.70 -5.80 -12.21
N GLY A 345 2.89 -6.30 -13.42
CA GLY A 345 4.18 -6.29 -14.14
C GLY A 345 4.99 -7.55 -13.86
N GLY A 346 4.58 -8.36 -12.88
CA GLY A 346 5.41 -9.47 -12.36
C GLY A 346 5.37 -10.71 -13.25
N SER A 347 6.36 -11.59 -13.06
CA SER A 347 6.48 -12.91 -13.72
C SER A 347 5.27 -13.79 -13.41
N GLY A 348 4.62 -13.59 -12.26
CA GLY A 348 3.70 -14.57 -11.67
C GLY A 348 4.27 -15.22 -10.41
N GLY A 349 5.59 -15.14 -10.21
CA GLY A 349 6.22 -15.50 -8.94
C GLY A 349 6.15 -16.98 -8.59
N VAL A 350 6.31 -17.26 -7.31
CA VAL A 350 6.37 -18.64 -6.74
C VAL A 350 5.11 -19.42 -7.12
N PRO A 351 3.87 -18.89 -7.00
CA PRO A 351 2.69 -19.68 -7.39
C PRO A 351 2.75 -20.22 -8.82
N ASP A 352 3.38 -19.51 -9.77
CA ASP A 352 3.43 -19.93 -11.19
C ASP A 352 4.76 -20.66 -11.48
N GLY A 353 5.57 -20.96 -10.47
CA GLY A 353 6.88 -21.60 -10.66
C GLY A 353 7.89 -20.70 -11.36
N ARG A 354 7.77 -19.36 -11.28
CA ARG A 354 8.66 -18.41 -12.01
C ARG A 354 9.74 -17.84 -11.07
N VAL A 355 9.68 -18.20 -9.79
CA VAL A 355 10.65 -17.74 -8.76
C VAL A 355 11.02 -18.95 -7.90
N ARG A 356 12.32 -19.15 -7.67
CA ARG A 356 12.79 -20.26 -6.80
C ARG A 356 13.90 -19.73 -5.89
N GLU A 357 13.89 -20.17 -4.63
CA GLU A 357 15.02 -19.95 -3.69
C GLU A 357 15.78 -21.26 -3.56
N VAL A 358 17.10 -21.15 -3.53
CA VAL A 358 18.00 -22.25 -3.11
C VAL A 358 18.90 -21.67 -2.01
N VAL A 359 18.72 -22.13 -0.77
CA VAL A 359 19.58 -21.77 0.38
C VAL A 359 20.66 -22.86 0.48
N LEU A 360 21.93 -22.51 0.34
CA LEU A 360 23.06 -23.46 0.36
C LEU A 360 23.68 -23.44 1.77
N PRO A 361 23.37 -24.46 2.61
CA PRO A 361 23.83 -24.47 4.00
C PRO A 361 25.36 -24.48 4.08
N GLY A 362 25.93 -23.66 4.95
CA GLY A 362 27.38 -23.65 5.20
C GLY A 362 28.16 -22.84 4.16
N PHE A 363 27.52 -22.34 3.09
CA PHE A 363 28.19 -21.48 2.08
C PHE A 363 28.23 -20.06 2.63
N GLY A 364 29.23 -19.30 2.22
CA GLY A 364 29.34 -17.87 2.58
C GLY A 364 29.03 -16.96 1.40
N HIS A 365 29.03 -15.65 1.65
CA HIS A 365 28.82 -14.58 0.67
C HIS A 365 29.74 -14.76 -0.54
N LEU A 366 30.97 -15.24 -0.33
CA LEU A 366 32.01 -15.37 -1.39
C LEU A 366 31.94 -16.76 -2.04
N MSE A 367 30.76 -17.39 -1.98
CA MSE A 367 30.56 -18.69 -2.62
C MSE A 367 30.91 -18.71 -4.10
O MSE A 367 31.35 -19.77 -4.58
CB MSE A 367 29.12 -19.20 -2.37
CG MSE A 367 28.04 -18.36 -2.99
SE MSE A 367 26.28 -19.02 -2.50
CE MSE A 367 25.22 -17.37 -2.80
N PRO A 368 30.74 -17.64 -4.92
CA PRO A 368 31.11 -17.72 -6.33
C PRO A 368 32.62 -17.94 -6.57
N PHE A 369 33.42 -17.72 -5.53
CA PHE A 369 34.91 -17.89 -5.55
C PHE A 369 35.34 -19.07 -4.67
N GLN A 370 34.49 -19.54 -3.74
CA GLN A 370 34.82 -20.62 -2.78
C GLN A 370 34.15 -21.95 -3.17
N GLU A 371 33.03 -21.93 -3.89
CA GLU A 371 32.22 -23.14 -4.18
C GLU A 371 31.78 -23.08 -5.64
N VAL A 372 32.76 -22.92 -6.52
CA VAL A 372 32.54 -22.57 -7.95
C VAL A 372 31.66 -23.64 -8.58
N LYS A 373 31.94 -24.92 -8.34
CA LYS A 373 31.22 -26.03 -9.00
C LYS A 373 29.75 -26.09 -8.54
N THR A 374 29.47 -25.96 -7.25
CA THR A 374 28.09 -26.07 -6.72
C THR A 374 27.26 -24.83 -7.16
N VAL A 375 27.86 -23.64 -7.14
CA VAL A 375 27.17 -22.41 -7.59
C VAL A 375 26.78 -22.58 -9.06
N ALA A 376 27.72 -23.00 -9.91
CA ALA A 376 27.48 -23.28 -11.34
C ALA A 376 26.34 -24.29 -11.48
N GLU A 377 26.41 -25.40 -10.76
CA GLU A 377 25.40 -26.50 -10.88
C GLU A 377 24.00 -25.97 -10.53
N THR A 378 23.88 -25.19 -9.45
CA THR A 378 22.60 -24.61 -9.01
C THR A 378 22.05 -23.75 -10.16
N CYS A 379 22.91 -23.00 -10.84
CA CYS A 379 22.48 -22.10 -11.95
C CYS A 379 22.03 -22.95 -13.15
N ILE A 380 22.74 -24.02 -13.48
CA ILE A 380 22.47 -24.83 -14.71
C ILE A 380 21.07 -25.44 -14.67
N VAL A 381 20.68 -25.97 -13.54
CA VAL A 381 19.36 -26.66 -13.36
C VAL A 381 18.26 -25.64 -13.68
N TRP A 382 18.39 -24.43 -13.16
CA TRP A 382 17.40 -23.36 -13.41
C TRP A 382 17.43 -22.94 -14.88
N LEU A 383 18.63 -22.71 -15.44
CA LEU A 383 18.78 -22.24 -16.84
C LEU A 383 18.12 -23.24 -17.80
N GLN A 384 18.32 -24.53 -17.55
CA GLN A 384 17.76 -25.58 -18.44
C GLN A 384 16.23 -25.54 -18.39
N GLN A 385 15.62 -25.41 -17.22
CA GLN A 385 14.15 -25.30 -17.09
C GLN A 385 13.70 -24.03 -17.83
N GLU A 386 14.38 -22.90 -17.64
CA GLU A 386 13.94 -21.60 -18.20
C GLU A 386 14.09 -21.63 -19.71
N MSE A 387 15.12 -22.31 -20.21
CA MSE A 387 15.37 -22.35 -21.65
C MSE A 387 14.41 -23.33 -22.33
O MSE A 387 14.00 -23.08 -23.48
CB MSE A 387 16.83 -22.70 -21.95
CG MSE A 387 17.81 -21.55 -21.69
SE MSE A 387 17.25 -19.91 -22.70
CE MSE A 387 17.28 -20.56 -24.51
N ASP A 388 13.97 -24.38 -21.64
CA ASP A 388 12.91 -25.24 -22.19
C ASP A 388 11.62 -24.41 -22.35
N ARG A 389 11.27 -23.65 -21.31
CA ARG A 389 10.10 -22.74 -21.33
C ARG A 389 10.26 -21.69 -22.43
N PHE A 390 11.44 -21.08 -22.56
CA PHE A 390 11.72 -20.06 -23.59
C PHE A 390 11.46 -20.67 -24.98
N ARG A 391 12.04 -21.81 -25.30
CA ARG A 391 11.89 -22.44 -26.64
C ARG A 391 10.40 -22.65 -26.94
N GLN A 392 9.65 -23.15 -25.97
CA GLN A 392 8.20 -23.46 -26.11
C GLN A 392 7.40 -22.16 -26.31
N THR A 393 7.62 -21.13 -25.48
CA THR A 393 6.83 -19.88 -25.53
C THR A 393 7.22 -19.13 -26.80
N GLU A 394 8.50 -19.13 -27.20
CA GLU A 394 8.92 -18.49 -28.47
C GLU A 394 8.17 -19.16 -29.65
N ARG A 395 8.06 -20.48 -29.65
CA ARG A 395 7.35 -21.21 -30.73
C ARG A 395 5.85 -20.87 -30.72
N GLN A 396 5.20 -20.88 -29.55
CA GLN A 396 3.77 -20.59 -29.42
C GLN A 396 3.51 -19.15 -29.96
N TRP A 397 4.36 -18.18 -29.59
CA TRP A 397 4.32 -16.77 -30.09
C TRP A 397 4.35 -16.74 -31.61
N LYS A 398 5.36 -17.34 -32.24
CA LYS A 398 5.51 -17.39 -33.72
C LYS A 398 4.25 -18.00 -34.34
N GLU A 399 3.75 -19.11 -33.79
CA GLU A 399 2.51 -19.78 -34.24
C GLU A 399 1.34 -18.79 -34.19
N ASP A 400 1.09 -18.16 -33.04
CA ASP A 400 -0.06 -17.24 -32.84
C ASP A 400 0.01 -16.02 -33.78
N ARG A 401 1.19 -15.65 -34.26
CA ARG A 401 1.43 -14.44 -35.07
C ARG A 401 1.41 -14.79 -36.58
N ASP A 402 1.51 -16.07 -36.95
CA ASP A 402 1.81 -16.52 -38.34
C ASP A 402 1.06 -15.71 -39.42
N GLY A 403 -0.27 -15.75 -39.48
CA GLY A 403 -1.01 -15.09 -40.59
C GLY A 403 -1.16 -13.57 -40.44
N LYS A 404 -0.66 -12.95 -39.37
CA LYS A 404 -1.22 -11.64 -38.91
C LYS A 404 -0.52 -10.50 -39.65
N SER A 405 -1.27 -9.46 -39.97
CA SER A 405 -0.78 -8.25 -40.64
C SER A 405 0.14 -7.46 -39.71
N HIS A 406 1.19 -6.87 -40.25
CA HIS A 406 2.05 -5.85 -39.58
C HIS A 406 1.50 -4.43 -39.77
N LEU A 407 0.48 -4.26 -40.62
CA LEU A 407 0.07 -2.91 -41.15
C LEU A 407 -1.31 -2.49 -40.63
N ALA A 408 -2.17 -3.44 -40.27
CA ALA A 408 -3.58 -3.17 -39.89
C ALA A 408 -3.98 -4.15 -38.79
N VAL A 409 -4.95 -3.79 -37.97
CA VAL A 409 -5.35 -4.63 -36.80
C VAL A 409 -6.22 -5.80 -37.28
N GLU A 410 -6.25 -6.87 -36.52
CA GLU A 410 -7.10 -8.07 -36.76
C GLU A 410 -8.60 -7.73 -36.59
N GLU A 411 -9.45 -8.59 -37.15
CA GLU A 411 -10.92 -8.40 -37.29
C GLU A 411 -11.59 -8.24 -35.94
N ASN A 412 -11.10 -8.90 -34.89
CA ASN A 412 -11.76 -8.86 -33.55
C ASN A 412 -11.90 -7.40 -33.09
N TRP A 413 -11.01 -6.51 -33.52
CA TRP A 413 -11.06 -5.10 -33.07
C TRP A 413 -12.42 -4.49 -33.47
N TYR A 414 -12.89 -4.81 -34.69
CA TYR A 414 -14.14 -4.25 -35.25
C TYR A 414 -15.35 -4.84 -34.52
N LYS A 415 -15.23 -6.03 -33.93
CA LYS A 415 -16.29 -6.65 -33.09
C LYS A 415 -16.37 -5.98 -31.72
N VAL A 416 -15.25 -5.56 -31.12
CA VAL A 416 -15.28 -5.09 -29.69
C VAL A 416 -15.45 -3.58 -29.61
N LEU A 417 -14.90 -2.85 -30.57
CA LEU A 417 -14.88 -1.36 -30.52
C LEU A 417 -15.94 -0.85 -31.51
N LYS A 418 -17.10 -0.42 -31.06
CA LYS A 418 -18.19 -0.08 -31.99
C LYS A 418 -17.92 1.29 -32.62
N PRO A 419 -18.51 1.52 -33.81
CA PRO A 419 -18.41 2.83 -34.47
C PRO A 419 -19.16 3.94 -33.73
N ILE A 420 -18.74 5.17 -33.98
CA ILE A 420 -19.43 6.37 -33.45
C ILE A 420 -20.79 6.44 -34.15
N PRO A 421 -21.90 6.76 -33.44
CA PRO A 421 -23.22 6.81 -34.06
C PRO A 421 -23.18 7.85 -35.19
N SER A 422 -23.45 7.45 -36.43
CA SER A 422 -23.62 8.39 -37.57
C SER A 422 -24.90 9.19 -37.35
N GLU B 4 -10.70 15.63 48.59
CA GLU B 4 -10.43 15.32 47.14
C GLU B 4 -11.48 16.05 46.28
N LYS B 5 -11.19 16.24 44.98
CA LYS B 5 -12.06 16.96 44.01
C LYS B 5 -13.28 16.11 43.58
N PHE B 6 -13.29 14.78 43.78
CA PHE B 6 -14.28 13.86 43.14
C PHE B 6 -14.97 12.96 44.15
N THR B 7 -16.25 12.65 43.91
CA THR B 7 -16.96 11.43 44.35
C THR B 7 -16.45 10.24 43.54
N ILE B 8 -16.17 9.13 44.20
CA ILE B 8 -15.70 7.87 43.56
C ILE B 8 -16.84 6.86 43.65
N THR B 9 -17.29 6.33 42.51
CA THR B 9 -18.23 5.17 42.47
C THR B 9 -17.48 3.99 41.85
N GLU B 10 -17.57 2.83 42.50
CA GLU B 10 -16.95 1.57 42.03
C GLU B 10 -18.00 0.76 41.30
N HIS B 11 -17.60 0.10 40.22
CA HIS B 11 -18.46 -0.80 39.44
C HIS B 11 -17.68 -2.05 39.08
N LEU B 12 -18.40 -3.15 38.87
CA LEU B 12 -17.85 -4.41 38.35
C LEU B 12 -18.73 -4.80 37.17
N VAL B 13 -18.24 -4.73 35.94
CA VAL B 13 -19.10 -4.98 34.74
C VAL B 13 -18.47 -6.08 33.89
N PRO B 14 -19.33 -6.89 33.25
CA PRO B 14 -18.85 -7.96 32.39
C PRO B 14 -18.13 -7.38 31.18
N GLY B 15 -17.01 -7.98 30.81
CA GLY B 15 -16.29 -7.67 29.56
C GLY B 15 -16.83 -8.46 28.38
N SER B 16 -16.17 -8.32 27.24
CA SER B 16 -16.50 -8.83 25.91
C SER B 16 -16.52 -10.38 25.93
N HIS B 17 -17.54 -10.94 25.29
CA HIS B 17 -17.72 -12.40 25.12
C HIS B 17 -16.78 -12.89 24.00
N ILE B 18 -16.01 -13.92 24.30
CA ILE B 18 -14.98 -14.58 23.43
C ILE B 18 -13.75 -13.67 23.36
N ARG B 19 -12.63 -14.15 23.90
CA ARG B 19 -11.39 -13.34 23.99
C ARG B 19 -10.63 -13.57 22.68
N GLU B 20 -9.82 -12.61 22.29
CA GLU B 20 -9.06 -12.64 21.02
C GLU B 20 -8.14 -13.87 20.97
N TYR B 21 -7.48 -14.20 22.09
CA TYR B 21 -6.63 -15.41 22.20
C TYR B 21 -7.33 -16.41 23.11
N PRO B 22 -7.51 -17.67 22.66
CA PRO B 22 -8.25 -18.66 23.43
C PRO B 22 -7.57 -18.99 24.77
N GLY B 23 -6.24 -18.87 24.87
CA GLY B 23 -5.48 -19.21 26.09
C GLY B 23 -5.48 -18.05 27.09
N SER B 24 -6.31 -17.01 26.89
CA SER B 24 -6.30 -15.86 27.83
C SER B 24 -7.17 -16.18 29.03
N THR B 25 -8.00 -17.22 28.96
CA THR B 25 -8.86 -17.65 30.09
C THR B 25 -8.83 -19.18 30.20
N VAL B 26 -9.33 -19.72 31.32
CA VAL B 26 -9.41 -21.19 31.56
C VAL B 26 -10.37 -21.80 30.53
N ASN B 27 -11.55 -21.20 30.35
CA ASN B 27 -12.61 -21.68 29.43
C ASN B 27 -12.96 -20.55 28.46
N GLN B 28 -13.15 -20.87 27.18
CA GLN B 28 -13.24 -19.84 26.11
C GLN B 28 -14.47 -18.95 26.31
N GLU B 29 -15.51 -19.42 27.02
CA GLU B 29 -16.76 -18.69 27.27
C GLU B 29 -16.76 -18.01 28.64
N ASP B 30 -15.65 -18.04 29.39
CA ASP B 30 -15.53 -17.34 30.68
C ASP B 30 -16.01 -15.88 30.54
N VAL B 31 -16.76 -15.44 31.54
CA VAL B 31 -17.21 -14.03 31.71
C VAL B 31 -16.17 -13.34 32.60
N LEU B 32 -15.27 -12.56 32.00
CA LEU B 32 -14.35 -11.68 32.75
C LEU B 32 -15.10 -10.41 33.17
N LYS B 33 -14.74 -9.88 34.33
CA LYS B 33 -15.29 -8.58 34.80
C LYS B 33 -14.15 -7.55 34.81
N ILE B 34 -14.52 -6.29 34.57
CA ILE B 34 -13.60 -5.15 34.76
C ILE B 34 -14.09 -4.33 35.96
N HIS B 35 -13.15 -4.03 36.85
CA HIS B 35 -13.33 -3.14 38.02
C HIS B 35 -13.11 -1.71 37.52
N VAL B 36 -14.13 -0.87 37.68
CA VAL B 36 -14.19 0.52 37.14
C VAL B 36 -14.31 1.48 38.31
N LYS B 37 -13.58 2.58 38.26
CA LYS B 37 -13.86 3.75 39.13
C LYS B 37 -14.36 4.89 38.26
N GLN B 38 -15.51 5.42 38.69
CA GLN B 38 -16.18 6.60 38.12
C GLN B 38 -15.89 7.78 39.07
N TYR B 39 -15.27 8.83 38.55
CA TYR B 39 -14.86 10.04 39.29
C TYR B 39 -15.78 11.20 38.86
N THR B 40 -16.69 11.60 39.74
CA THR B 40 -17.68 12.69 39.48
C THR B 40 -17.27 13.92 40.30
N PRO B 41 -16.96 15.07 39.66
CA PRO B 41 -16.60 16.25 40.42
C PRO B 41 -17.63 16.60 41.50
N LYS B 42 -17.18 16.93 42.70
CA LYS B 42 -18.00 17.65 43.71
C LYS B 42 -18.35 19.01 43.10
N ARG B 43 -19.63 19.31 42.92
CA ARG B 43 -20.12 20.51 42.19
C ARG B 43 -21.38 21.05 42.87
N GLU B 44 -21.45 22.38 43.04
CA GLU B 44 -22.64 23.05 43.63
C GLU B 44 -23.76 23.04 42.59
N GLY B 45 -23.53 23.64 41.42
CA GLY B 45 -24.59 23.87 40.42
C GLY B 45 -24.87 22.63 39.57
N PRO B 46 -25.78 22.72 38.57
CA PRO B 46 -25.99 21.60 37.66
C PRO B 46 -24.76 21.43 36.75
N VAL B 47 -24.69 20.28 36.07
CA VAL B 47 -23.58 19.93 35.14
C VAL B 47 -23.82 20.66 33.83
N PRO B 48 -22.89 21.50 33.32
CA PRO B 48 -23.04 22.10 32.00
C PRO B 48 -23.27 21.07 30.89
N ASP B 49 -23.92 21.50 29.79
CA ASP B 49 -24.46 20.63 28.71
C ASP B 49 -23.36 19.94 27.89
N ASP B 50 -22.16 20.52 27.83
CA ASP B 50 -21.04 20.08 26.97
C ASP B 50 -19.94 19.47 27.86
N ALA B 51 -20.26 19.14 29.11
CA ALA B 51 -19.28 18.56 30.06
C ALA B 51 -18.74 17.23 29.49
N ILE B 52 -17.45 16.98 29.66
CA ILE B 52 -16.75 15.85 29.00
C ILE B 52 -16.87 14.57 29.84
N THR B 53 -17.23 13.47 29.21
CA THR B 53 -17.00 12.10 29.75
C THR B 53 -15.60 11.64 29.29
N PHE B 54 -14.69 11.38 30.22
CA PHE B 54 -13.35 10.84 29.92
C PHE B 54 -13.38 9.33 30.09
N ILE B 55 -12.87 8.61 29.09
CA ILE B 55 -12.65 7.14 29.16
C ILE B 55 -11.14 6.93 29.13
N ALA B 56 -10.57 6.38 30.19
CA ALA B 56 -9.11 6.36 30.40
C ALA B 56 -8.61 4.92 30.56
N THR B 57 -7.42 4.67 30.05
CA THR B 57 -6.74 3.35 30.13
C THR B 57 -5.33 3.53 30.66
N HIS B 58 -4.89 2.57 31.46
CA HIS B 58 -3.61 2.60 32.23
C HIS B 58 -2.56 1.80 31.46
N GLY B 59 -1.32 1.86 31.96
CA GLY B 59 -0.19 1.08 31.47
C GLY B 59 -0.13 -0.28 32.15
N VAL B 60 0.73 -1.14 31.64
CA VAL B 60 0.83 -2.55 32.13
C VAL B 60 1.19 -2.54 33.62
N GLY B 61 0.40 -3.22 34.44
CA GLY B 61 0.71 -3.42 35.87
C GLY B 61 0.50 -2.17 36.72
N LEU B 62 -0.03 -1.10 36.13
CA LEU B 62 -0.19 0.18 36.86
C LEU B 62 -1.65 0.33 37.31
N PRO B 63 -1.91 0.25 38.63
CA PRO B 63 -3.27 0.35 39.13
C PRO B 63 -3.93 1.66 38.73
N LYS B 64 -5.23 1.60 38.38
CA LYS B 64 -6.01 2.79 37.96
C LYS B 64 -5.90 3.91 39.01
N GLU B 65 -5.73 3.56 40.29
CA GLU B 65 -5.75 4.57 41.39
C GLU B 65 -4.52 5.48 41.28
N LEU B 66 -3.44 5.05 40.65
CA LEU B 66 -2.22 5.88 40.46
C LEU B 66 -2.56 7.13 39.64
N TYR B 67 -3.63 7.12 38.84
CA TYR B 67 -3.98 8.25 37.94
C TYR B 67 -4.82 9.29 38.68
N GLU B 68 -5.20 9.03 39.92
CA GLU B 68 -6.11 9.95 40.66
C GLU B 68 -5.50 11.34 40.81
N PRO B 69 -4.20 11.52 41.12
CA PRO B 69 -3.62 12.87 41.16
C PRO B 69 -3.73 13.58 39.81
N LEU B 70 -3.55 12.85 38.71
CA LEU B 70 -3.73 13.44 37.35
C LEU B 70 -5.18 13.91 37.19
N TRP B 71 -6.16 13.13 37.65
CA TRP B 71 -7.59 13.52 37.60
C TRP B 71 -7.79 14.81 38.41
N ASP B 72 -7.29 14.87 39.64
CA ASP B 72 -7.38 16.10 40.49
C ASP B 72 -6.83 17.30 39.74
N GLU B 73 -5.67 17.12 39.10
CA GLU B 73 -4.99 18.21 38.37
C GLU B 73 -5.82 18.65 37.16
N LEU B 74 -6.39 17.71 36.38
CA LEU B 74 -7.20 18.05 35.18
C LEU B 74 -8.40 18.89 35.61
N LEU B 75 -9.02 18.55 36.73
CA LEU B 75 -10.20 19.29 37.23
C LEU B 75 -9.74 20.67 37.69
N ASP B 76 -8.69 20.72 38.50
CA ASP B 76 -8.20 21.99 39.12
C ASP B 76 -7.74 22.97 38.02
N GLN B 77 -7.09 22.49 36.94
CA GLN B 77 -6.54 23.35 35.86
C GLN B 77 -7.51 23.47 34.69
N ALA B 78 -8.70 22.88 34.75
CA ALA B 78 -9.67 22.91 33.63
C ALA B 78 -9.91 24.36 33.20
N SER B 79 -9.84 24.65 31.89
CA SER B 79 -10.05 25.98 31.31
C SER B 79 -10.83 25.85 30.01
N GLY B 80 -12.02 26.46 29.93
CA GLY B 80 -12.88 26.40 28.72
C GLY B 80 -13.53 25.03 28.52
N PHE B 81 -13.58 24.17 29.54
CA PHE B 81 -14.34 22.90 29.48
C PHE B 81 -14.73 22.50 30.89
N HIS B 82 -15.74 21.65 30.99
CA HIS B 82 -16.20 21.02 32.26
C HIS B 82 -16.00 19.51 32.14
N ILE B 83 -15.87 18.86 33.29
CA ILE B 83 -15.73 17.40 33.42
C ILE B 83 -17.05 16.88 33.95
N ARG B 84 -17.73 16.02 33.20
CA ARG B 84 -18.92 15.30 33.70
C ARG B 84 -18.40 14.21 34.63
N ALA B 85 -17.46 13.39 34.15
CA ALA B 85 -16.88 12.31 34.95
C ALA B 85 -15.69 11.71 34.19
N ILE B 86 -14.80 11.08 34.95
CA ILE B 86 -13.66 10.32 34.43
C ILE B 86 -13.93 8.86 34.81
N TRP B 87 -13.82 7.96 33.83
CA TRP B 87 -14.02 6.51 34.02
C TRP B 87 -12.72 5.81 33.64
N MSE B 88 -12.18 5.03 34.58
CA MSE B 88 -11.02 4.21 34.33
C MSE B 88 -11.30 2.82 34.88
O MSE B 88 -11.71 2.64 36.03
CB MSE B 88 -9.73 4.79 34.92
CG MSE B 88 -8.50 4.00 34.51
SE MSE B 88 -6.79 4.76 35.09
CE MSE B 88 -5.84 5.39 33.50
N ALA B 89 -11.11 1.83 33.99
CA ALA B 89 -11.20 0.44 34.37
C ALA B 89 -9.80 -0.17 34.44
N ASP B 90 -9.63 -1.14 35.33
CA ASP B 90 -8.47 -2.06 35.32
C ASP B 90 -8.68 -3.10 34.24
N VAL B 91 -7.69 -3.28 33.37
CA VAL B 91 -7.70 -4.37 32.36
C VAL B 91 -7.97 -5.68 33.10
N ALA B 92 -8.69 -6.61 32.46
CA ALA B 92 -9.30 -7.79 33.09
C ALA B 92 -8.24 -8.63 33.83
N SER B 93 -7.02 -8.67 33.31
CA SER B 93 -5.93 -9.58 33.79
C SER B 93 -5.03 -8.88 34.82
N MSE B 94 -5.40 -7.67 35.27
CA MSE B 94 -4.50 -6.84 36.06
C MSE B 94 -5.21 -6.14 37.20
O MSE B 94 -6.43 -5.94 37.15
CB MSE B 94 -3.84 -5.77 35.19
CG MSE B 94 -3.10 -6.33 34.03
SE MSE B 94 -2.28 -4.97 32.86
CE MSE B 94 -1.83 -6.23 31.42
N ASN B 95 -4.41 -5.74 38.20
CA ASN B 95 -4.87 -4.80 39.21
C ASN B 95 -6.10 -5.44 39.91
N GLN B 96 -7.16 -4.69 40.20
CA GLN B 96 -8.33 -5.24 40.96
C GLN B 96 -9.16 -6.18 40.07
N SER B 97 -9.25 -5.91 38.78
CA SER B 97 -9.96 -6.80 37.82
C SER B 97 -9.33 -8.20 37.92
N GLY B 98 -8.00 -8.27 37.90
CA GLY B 98 -7.26 -9.54 37.94
C GLY B 98 -7.63 -10.35 39.17
N ILE B 99 -7.78 -9.67 40.31
CA ILE B 99 -8.19 -10.32 41.58
C ILE B 99 -9.58 -10.92 41.39
N HIS B 100 -10.57 -10.13 40.94
CA HIS B 100 -11.94 -10.61 40.71
C HIS B 100 -11.90 -11.78 39.72
N ASN B 101 -11.05 -11.77 38.69
CA ASN B 101 -11.01 -12.79 37.62
C ASN B 101 -9.98 -13.91 37.90
N GLU B 102 -9.39 -13.99 39.08
CA GLU B 102 -8.15 -14.79 39.31
C GLU B 102 -8.36 -16.27 38.99
N ASP B 103 -9.56 -16.83 39.17
CA ASP B 103 -9.82 -18.27 38.90
C ASP B 103 -10.16 -18.50 37.43
N LYS B 104 -10.23 -17.44 36.59
CA LYS B 104 -10.60 -17.57 35.16
C LYS B 104 -9.47 -17.17 34.22
N LEU B 105 -8.44 -16.45 34.70
CA LEU B 105 -7.33 -15.96 33.86
C LEU B 105 -6.43 -17.12 33.48
N SER B 106 -5.75 -16.96 32.35
CA SER B 106 -4.72 -17.92 31.89
C SER B 106 -3.64 -17.14 31.15
N MSE B 107 -2.67 -17.85 30.58
CA MSE B 107 -1.40 -17.28 30.18
C MSE B 107 -1.43 -16.76 28.74
O MSE B 107 -0.64 -17.15 27.90
CB MSE B 107 -0.30 -18.33 30.36
CG MSE B 107 0.08 -18.59 31.78
SE MSE B 107 0.88 -17.05 32.69
CE MSE B 107 -0.60 -16.16 33.66
N ASP B 108 -2.32 -15.80 28.45
CA ASP B 108 -2.24 -15.06 27.20
C ASP B 108 -2.97 -13.72 27.39
N CYS B 109 -2.83 -12.81 26.45
CA CYS B 109 -3.39 -11.44 26.55
C CYS B 109 -3.35 -10.78 25.18
N SER B 110 -4.50 -10.31 24.71
CA SER B 110 -4.65 -9.43 23.54
C SER B 110 -5.07 -8.05 24.05
N TRP B 111 -4.37 -7.01 23.61
CA TRP B 111 -4.76 -5.62 23.96
C TRP B 111 -6.13 -5.27 23.38
N MSE B 112 -6.56 -5.97 22.32
CA MSE B 112 -7.79 -5.65 21.62
C MSE B 112 -9.01 -5.90 22.51
O MSE B 112 -10.05 -5.25 22.33
CB MSE B 112 -7.91 -6.46 20.32
CG MSE B 112 -6.74 -6.24 19.34
SE MSE B 112 -6.29 -4.29 19.12
CE MSE B 112 -5.00 -4.33 17.62
N ASP B 113 -8.89 -6.87 23.42
CA ASP B 113 -10.02 -7.26 24.23
C ASP B 113 -10.46 -6.08 25.12
N HIS B 114 -9.51 -5.33 25.71
CA HIS B 114 -9.88 -4.17 26.56
C HIS B 114 -10.64 -3.11 25.75
N ALA B 115 -10.31 -2.92 24.47
CA ALA B 115 -11.10 -1.99 23.61
C ALA B 115 -12.56 -2.45 23.55
N ARG B 116 -12.80 -3.75 23.35
CA ARG B 116 -14.18 -4.32 23.30
C ARG B 116 -14.82 -4.21 24.69
N ASP B 117 -14.08 -4.47 25.77
CA ASP B 117 -14.58 -4.36 27.17
C ASP B 117 -15.05 -2.92 27.40
N LEU B 118 -14.26 -1.93 26.96
CA LEU B 118 -14.61 -0.51 27.14
C LEU B 118 -15.85 -0.17 26.29
N LEU B 119 -15.95 -0.68 25.05
CA LEU B 119 -17.15 -0.40 24.21
C LEU B 119 -18.41 -0.90 24.94
N LEU B 120 -18.37 -2.10 25.52
CA LEU B 120 -19.52 -2.65 26.33
C LEU B 120 -19.81 -1.73 27.51
N MSE B 121 -18.77 -1.34 28.24
CA MSE B 121 -18.92 -0.51 29.42
C MSE B 121 -19.64 0.79 29.05
O MSE B 121 -20.54 1.23 29.77
CB MSE B 121 -17.55 -0.22 30.03
CG MSE B 121 -17.61 0.63 31.27
SE MSE B 121 -15.86 1.30 31.82
CE MSE B 121 -15.58 2.86 30.67
N ILE B 122 -19.22 1.42 27.95
CA ILE B 122 -19.82 2.67 27.50
C ILE B 122 -21.31 2.48 27.17
N ASN B 123 -21.66 1.38 26.52
CA ASN B 123 -23.07 1.08 26.20
C ASN B 123 -23.84 0.81 27.50
N HIS B 124 -23.22 0.15 28.47
CA HIS B 124 -23.87 -0.14 29.77
C HIS B 124 -24.16 1.21 30.48
N PHE B 125 -23.24 2.15 30.50
CA PHE B 125 -23.39 3.40 31.29
C PHE B 125 -23.81 4.56 30.39
N ARG B 126 -24.44 4.30 29.24
CA ARG B 126 -24.68 5.33 28.21
C ARG B 126 -25.48 6.52 28.77
N ASP B 127 -26.42 6.28 29.67
CA ASP B 127 -27.32 7.32 30.23
C ASP B 127 -26.48 8.36 30.98
N GLN B 128 -25.27 8.01 31.45
CA GLN B 128 -24.37 8.92 32.20
C GLN B 128 -23.26 9.46 31.29
N MSE B 129 -23.30 9.11 29.99
CA MSE B 129 -22.21 9.41 29.06
C MSE B 129 -22.72 10.00 27.75
O MSE B 129 -22.47 9.48 26.65
CB MSE B 129 -21.44 8.14 28.72
CG MSE B 129 -20.88 7.47 29.92
SE MSE B 129 -19.79 5.97 29.30
CE MSE B 129 -18.80 5.45 30.92
N PRO B 130 -23.40 11.17 27.78
CA PRO B 130 -23.76 11.84 26.54
C PRO B 130 -22.46 12.39 25.93
N ARG B 131 -22.51 12.79 24.68
CA ARG B 131 -21.39 13.49 24.01
C ARG B 131 -21.15 14.79 24.77
N PRO B 132 -19.91 15.32 24.84
CA PRO B 132 -18.75 14.70 24.21
C PRO B 132 -18.02 13.70 25.11
N LEU B 133 -17.46 12.64 24.49
CA LEU B 133 -16.54 11.69 25.13
C LEU B 133 -15.12 11.98 24.62
N VAL B 134 -14.14 11.87 25.51
CA VAL B 134 -12.70 11.94 25.11
C VAL B 134 -11.95 10.76 25.74
N GLY B 135 -11.03 10.20 24.96
CA GLY B 135 -10.20 9.07 25.34
C GLY B 135 -8.87 9.55 25.88
N ILE B 136 -8.41 8.94 26.97
CA ILE B 136 -7.04 9.14 27.51
C ILE B 136 -6.41 7.76 27.67
N GLY B 137 -5.23 7.57 27.10
CA GLY B 137 -4.52 6.30 27.22
C GLY B 137 -3.06 6.51 27.49
N HIS B 138 -2.57 5.85 28.53
CA HIS B 138 -1.12 5.81 28.91
C HIS B 138 -0.50 4.48 28.45
N SER B 139 0.59 4.54 27.71
CA SER B 139 1.45 3.36 27.44
C SER B 139 0.64 2.36 26.58
N PHE B 140 0.45 1.10 26.95
CA PHE B 140 -0.37 0.19 26.10
C PHE B 140 -1.82 0.67 26.11
N GLY B 141 -2.23 1.42 27.14
CA GLY B 141 -3.54 2.07 27.18
C GLY B 141 -3.71 3.06 26.04
N GLY B 142 -2.64 3.74 25.64
CA GLY B 142 -2.68 4.63 24.46
C GLY B 142 -2.99 3.83 23.20
N ASN B 143 -2.43 2.63 23.10
CA ASN B 143 -2.71 1.73 21.97
C ASN B 143 -4.18 1.27 22.03
N ILE B 144 -4.64 0.87 23.21
CA ILE B 144 -6.01 0.32 23.37
C ILE B 144 -7.04 1.41 23.01
N ILE B 145 -6.86 2.63 23.50
CA ILE B 145 -7.87 3.69 23.31
C ILE B 145 -7.92 4.05 21.82
N THR B 146 -6.80 4.00 21.12
CA THR B 146 -6.75 4.21 19.66
C THR B 146 -7.56 3.10 18.96
N ASN B 147 -7.42 1.84 19.40
CA ASN B 147 -8.16 0.70 18.77
C ASN B 147 -9.66 0.81 19.08
N LEU B 148 -10.03 1.36 20.24
CA LEU B 148 -11.46 1.65 20.54
C LEU B 148 -11.98 2.70 19.55
N ALA B 149 -11.18 3.74 19.23
CA ALA B 149 -11.56 4.74 18.20
C ALA B 149 -11.67 4.09 16.81
N TYR B 150 -10.89 3.04 16.49
CA TYR B 150 -11.03 2.25 15.24
C TYR B 150 -12.35 1.48 15.27
N LEU B 151 -12.75 0.94 16.44
CA LEU B 151 -14.01 0.17 16.57
C LEU B 151 -15.22 1.12 16.37
N HIS B 152 -15.08 2.40 16.77
CA HIS B 152 -16.22 3.35 16.81
C HIS B 152 -15.71 4.76 16.51
N PRO B 153 -15.47 5.05 15.21
CA PRO B 153 -14.77 6.27 14.83
C PRO B 153 -15.33 7.59 15.39
N ARG B 154 -16.67 7.74 15.47
CA ARG B 154 -17.29 9.02 15.87
C ARG B 154 -17.51 9.04 17.40
N LEU B 155 -17.14 7.99 18.12
CA LEU B 155 -17.39 7.89 19.58
C LEU B 155 -16.67 9.05 20.32
N PHE B 156 -15.38 9.24 20.06
CA PHE B 156 -14.53 10.20 20.79
C PHE B 156 -14.39 11.50 19.99
N THR B 157 -14.54 12.63 20.68
CA THR B 157 -14.31 13.96 20.09
C THR B 157 -12.80 14.15 19.92
N THR B 158 -12.00 13.64 20.85
CA THR B 158 -10.53 13.74 20.77
C THR B 158 -9.92 12.65 21.63
N LEU B 159 -8.65 12.39 21.38
CA LEU B 159 -7.82 11.43 22.13
C LEU B 159 -6.61 12.16 22.70
N LEU B 160 -6.24 11.78 23.91
CA LEU B 160 -5.03 12.23 24.63
C LEU B 160 -4.18 10.99 24.84
N LEU B 161 -3.09 10.85 24.05
CA LEU B 161 -2.18 9.70 24.17
C LEU B 161 -0.96 10.13 25.00
N LEU B 162 -0.67 9.39 26.07
CA LEU B 162 0.49 9.62 26.97
C LEU B 162 1.48 8.49 26.75
N ASP B 163 2.55 8.78 26.02
CA ASP B 163 3.59 7.77 25.65
C ASP B 163 2.91 6.49 25.13
N PRO B 164 2.08 6.58 24.07
CA PRO B 164 1.38 5.41 23.57
C PRO B 164 2.32 4.39 22.90
N LEU B 165 2.06 3.11 23.13
CA LEU B 165 2.83 2.01 22.51
C LEU B 165 2.25 1.80 21.12
N ILE B 166 2.64 2.68 20.20
CA ILE B 166 2.26 2.62 18.76
C ILE B 166 3.55 2.87 17.96
N GLN B 167 4.08 1.82 17.37
CA GLN B 167 5.38 1.84 16.65
C GLN B 167 5.45 0.58 15.81
N LEU B 168 6.42 0.51 14.91
CA LEU B 168 6.62 -0.66 14.01
C LEU B 168 7.56 -1.69 14.61
N SER B 169 8.62 -1.28 15.28
CA SER B 169 9.77 -2.17 15.63
C SER B 169 9.43 -3.00 16.86
N PRO B 170 9.80 -4.28 16.89
CA PRO B 170 9.74 -5.07 18.13
C PRO B 170 10.52 -4.36 19.21
N PRO B 171 10.17 -4.56 20.50
CA PRO B 171 11.03 -4.08 21.59
C PRO B 171 12.36 -4.87 21.62
N SER B 172 13.36 -4.32 22.29
CA SER B 172 14.60 -5.02 22.68
C SER B 172 14.24 -6.12 23.69
N LEU B 173 14.80 -7.31 23.53
CA LEU B 173 14.49 -8.51 24.34
C LEU B 173 15.79 -9.29 24.64
N GLY B 174 16.95 -8.64 24.53
CA GLY B 174 18.25 -9.28 24.77
C GLY B 174 18.64 -10.33 23.74
N PHE B 175 18.00 -10.37 22.57
CA PHE B 175 18.43 -11.31 21.49
C PHE B 175 19.71 -10.76 20.84
N GLY B 176 20.61 -11.66 20.43
CA GLY B 176 21.89 -11.30 19.79
C GLY B 176 22.70 -10.39 20.70
N THR B 177 23.07 -9.21 20.22
CA THR B 177 23.85 -8.19 20.97
C THR B 177 22.92 -7.27 21.76
N ASP B 178 21.60 -7.34 21.59
CA ASP B 178 20.68 -6.33 22.18
C ASP B 178 20.76 -6.43 23.70
N ALA B 179 20.64 -5.30 24.39
CA ALA B 179 20.51 -5.25 25.87
C ALA B 179 19.19 -5.90 26.25
N PRO B 180 19.16 -6.69 27.36
CA PRO B 180 17.90 -7.07 27.97
C PRO B 180 17.17 -5.80 28.44
N SER B 181 15.85 -5.79 28.31
CA SER B 181 14.96 -4.63 28.56
C SER B 181 14.11 -4.90 29.81
N ALA B 182 13.17 -4.00 30.09
CA ALA B 182 12.15 -4.15 31.14
C ALA B 182 11.38 -5.47 30.97
N ILE B 183 11.29 -6.00 29.76
CA ILE B 183 10.51 -7.24 29.49
C ILE B 183 11.31 -8.43 30.03
N ASN B 184 12.61 -8.51 29.75
CA ASN B 184 13.52 -9.51 30.37
C ASN B 184 13.40 -9.40 31.90
N TYR B 185 13.44 -8.19 32.42
CA TYR B 185 13.33 -7.93 33.88
C TYR B 185 12.03 -8.54 34.39
N THR B 186 10.91 -8.37 33.67
CA THR B 186 9.57 -8.82 34.12
C THR B 186 9.57 -10.33 34.36
N LEU B 187 10.14 -11.12 33.45
CA LEU B 187 10.10 -12.59 33.58
C LEU B 187 10.88 -13.02 34.83
N TRP B 188 12.05 -12.42 35.05
CA TRP B 188 13.07 -12.94 36.02
C TRP B 188 12.96 -12.27 37.39
N ARG B 189 12.13 -11.23 37.54
CA ARG B 189 12.11 -10.37 38.76
C ARG B 189 11.61 -11.15 39.96
N ASP B 190 12.05 -10.76 41.15
CA ASP B 190 11.44 -11.19 42.44
C ASP B 190 9.96 -10.82 42.38
N ASP B 191 9.08 -11.66 42.93
CA ASP B 191 7.63 -11.36 42.92
C ASP B 191 7.01 -11.70 44.27
N VAL B 192 7.83 -11.99 45.28
CA VAL B 192 7.32 -12.28 46.64
C VAL B 192 8.38 -11.84 47.65
N TRP B 193 7.91 -11.34 48.79
CA TRP B 193 8.70 -10.73 49.89
C TRP B 193 8.11 -11.16 51.22
N PRO B 194 8.93 -11.27 52.28
CA PRO B 194 8.44 -11.69 53.60
C PRO B 194 7.50 -10.67 54.26
N SER B 195 7.49 -9.42 53.81
CA SER B 195 6.58 -8.37 54.37
C SER B 195 6.36 -7.26 53.33
N ARG B 196 5.35 -6.41 53.54
CA ARG B 196 5.08 -5.26 52.64
C ARG B 196 6.22 -4.25 52.77
N GLU B 197 6.76 -4.07 53.98
CA GLU B 197 7.88 -3.14 54.24
C GLU B 197 9.05 -3.56 53.36
N VAL B 198 9.37 -4.86 53.29
CA VAL B 198 10.53 -5.34 52.48
C VAL B 198 10.22 -5.16 50.99
N ALA B 199 8.99 -5.46 50.57
CA ALA B 199 8.54 -5.30 49.18
C ALA B 199 8.73 -3.83 48.76
N ILE B 200 8.32 -2.89 49.59
CA ILE B 200 8.38 -1.43 49.26
C ILE B 200 9.86 -1.07 49.02
N ARG B 201 10.73 -1.48 49.95
CA ARG B 201 12.18 -1.14 49.90
C ARG B 201 12.78 -1.73 48.62
N ALA B 202 12.44 -2.98 48.29
CA ALA B 202 12.92 -3.68 47.08
C ALA B 202 12.43 -2.99 45.81
N ASN B 203 11.38 -2.17 45.86
CA ASN B 203 10.78 -1.56 44.64
C ASN B 203 10.96 -0.05 44.63
N ARG B 204 11.99 0.47 45.31
CA ARG B 204 12.40 1.90 45.29
C ARG B 204 12.58 2.45 43.86
N ALA B 205 13.14 1.65 42.96
CA ALA B 205 13.48 2.04 41.57
C ALA B 205 12.23 2.56 40.84
N ILE B 206 11.12 1.82 40.90
CA ILE B 206 9.87 2.16 40.18
C ILE B 206 9.20 3.38 40.81
N MSE B 207 9.48 3.63 42.11
CA MSE B 207 8.81 4.70 42.82
C MSE B 207 9.62 6.00 42.84
O MSE B 207 9.13 7.01 43.32
CB MSE B 207 8.53 4.22 44.24
CG MSE B 207 7.54 3.10 44.24
SE MSE B 207 6.89 2.66 46.00
CE MSE B 207 6.99 0.70 45.97
N GLN B 208 10.85 5.98 42.35
CA GLN B 208 11.72 7.14 42.37
C GLN B 208 11.08 8.28 41.57
N GLY B 209 11.03 9.48 42.17
CA GLY B 209 10.47 10.68 41.52
C GLY B 209 8.94 10.70 41.49
N MSE B 210 8.26 9.68 42.02
CA MSE B 210 6.80 9.69 42.00
C MSE B 210 6.31 10.76 42.95
O MSE B 210 6.82 10.92 44.05
CB MSE B 210 6.19 8.36 42.45
CG MSE B 210 6.01 7.37 41.34
SE MSE B 210 4.94 5.83 41.93
CE MSE B 210 5.00 4.70 40.35
N ASP B 211 5.25 11.43 42.51
CA ASP B 211 4.46 12.29 43.36
C ASP B 211 4.11 11.56 44.65
N PRO B 212 4.20 12.20 45.84
CA PRO B 212 3.89 11.52 47.11
C PRO B 212 2.46 10.93 47.13
N ARG B 213 1.52 11.57 46.45
CA ARG B 213 0.12 11.05 46.34
C ARG B 213 0.13 9.69 45.63
N CYS B 214 1.03 9.51 44.66
CA CYS B 214 1.16 8.24 43.88
C CYS B 214 1.86 7.19 44.75
N LEU B 215 2.80 7.61 45.60
CA LEU B 215 3.56 6.70 46.49
C LEU B 215 2.60 5.94 47.41
N ASP B 216 1.68 6.62 48.08
CA ASP B 216 0.70 5.96 48.99
C ASP B 216 -0.13 4.92 48.22
N ARG B 217 -0.54 5.27 47.01
CA ARG B 217 -1.39 4.37 46.17
C ARG B 217 -0.58 3.15 45.73
N MSE B 218 0.70 3.36 45.44
CA MSE B 218 1.58 2.29 45.03
C MSE B 218 1.74 1.27 46.14
O MSE B 218 1.55 0.07 45.92
CB MSE B 218 2.91 2.92 44.60
CG MSE B 218 3.77 2.05 43.79
SE MSE B 218 3.03 1.62 42.03
CE MSE B 218 4.62 0.57 41.67
N THR B 219 2.05 1.72 47.37
CA THR B 219 2.33 0.80 48.47
C THR B 219 1.06 0.02 48.82
N LYS B 220 -0.12 0.60 48.63
CA LYS B 220 -1.41 -0.07 48.90
C LYS B 220 -1.78 -1.04 47.76
N HIS B 221 -1.65 -0.64 46.49
CA HIS B 221 -2.28 -1.38 45.37
C HIS B 221 -1.27 -2.27 44.63
N PHE B 222 0.03 -1.95 44.67
CA PHE B 222 1.04 -2.69 43.86
C PHE B 222 1.33 -4.05 44.49
N PHE B 223 1.09 -4.22 45.81
CA PHE B 223 1.36 -5.48 46.54
C PHE B 223 0.07 -6.01 47.16
N ARG B 224 -0.01 -7.33 47.28
CA ARG B 224 -1.16 -8.08 47.81
C ARG B 224 -0.68 -9.12 48.83
N ASP B 225 -1.34 -9.20 49.99
CA ASP B 225 -1.03 -10.20 51.03
C ASP B 225 -1.30 -11.59 50.47
N LEU B 226 -0.43 -12.54 50.76
CA LEU B 226 -0.70 -13.97 50.55
C LEU B 226 -1.89 -14.31 51.47
N PRO B 227 -2.67 -15.36 51.17
CA PRO B 227 -2.47 -16.20 49.99
C PRO B 227 -3.11 -15.63 48.72
N THR B 228 -2.54 -15.97 47.56
CA THR B 228 -3.10 -15.74 46.22
C THR B 228 -3.04 -17.07 45.48
N PRO B 229 -3.72 -17.22 44.34
CA PRO B 229 -3.56 -18.45 43.54
C PRO B 229 -2.09 -18.81 43.24
N LEU B 230 -1.25 -17.82 42.90
CA LEU B 230 0.17 -18.12 42.54
C LEU B 230 0.93 -18.57 43.82
N TYR B 231 0.59 -17.99 44.97
CA TYR B 231 1.25 -18.24 46.28
C TYR B 231 0.17 -18.56 47.30
N PRO B 232 -0.42 -19.78 47.24
CA PRO B 232 -1.60 -20.12 48.04
C PRO B 232 -1.32 -20.55 49.47
N ASP B 233 -0.04 -20.62 49.85
CA ASP B 233 0.42 -21.20 51.13
C ASP B 233 1.33 -20.17 51.83
N VAL B 234 0.77 -19.43 52.78
CA VAL B 234 1.47 -18.40 53.58
C VAL B 234 2.68 -19.04 54.27
N GLU B 235 2.48 -20.17 54.94
CA GLU B 235 3.49 -20.79 55.83
C GLU B 235 4.66 -21.32 54.97
N ALA B 236 4.40 -21.87 53.79
CA ALA B 236 5.46 -22.34 52.88
C ALA B 236 6.36 -21.16 52.51
N ILE B 237 5.80 -19.96 52.33
CA ILE B 237 6.59 -18.76 51.93
C ILE B 237 7.36 -18.24 53.15
N LYS B 238 6.74 -18.23 54.33
CA LYS B 238 7.48 -17.86 55.57
C LYS B 238 8.66 -18.83 55.76
N ALA B 239 8.47 -20.11 55.46
CA ALA B 239 9.54 -21.14 55.54
C ALA B 239 10.63 -20.79 54.53
N LEU B 240 10.28 -20.44 53.29
CA LEU B 240 11.27 -20.09 52.24
C LEU B 240 12.15 -18.94 52.73
N PHE B 241 11.59 -17.95 53.42
CA PHE B 241 12.33 -16.74 53.87
C PHE B 241 12.92 -16.95 55.28
N GLY B 242 12.58 -18.05 55.96
CA GLY B 242 12.95 -18.33 57.36
C GLY B 242 12.33 -17.36 58.35
N THR B 243 11.05 -16.98 58.19
CA THR B 243 10.41 -15.97 59.05
C THR B 243 9.27 -16.60 59.88
N THR B 244 9.24 -17.93 59.96
CA THR B 244 8.08 -18.70 60.50
C THR B 244 7.81 -18.33 61.97
N ALA B 245 8.81 -17.87 62.72
CA ALA B 245 8.66 -17.48 64.15
C ALA B 245 7.98 -16.12 64.29
N ASP B 246 7.92 -15.31 63.24
CA ASP B 246 7.23 -14.00 63.31
C ASP B 246 5.78 -14.19 62.81
N SER B 247 4.87 -14.51 63.72
CA SER B 247 3.53 -15.05 63.37
C SER B 247 2.63 -13.91 62.87
N THR B 248 3.00 -12.68 63.20
CA THR B 248 2.20 -11.46 62.99
C THR B 248 2.47 -10.81 61.62
N THR B 249 3.48 -11.24 60.83
CA THR B 249 3.90 -10.53 59.59
C THR B 249 3.50 -11.36 58.36
N THR B 250 2.82 -10.75 57.38
CA THR B 250 2.29 -11.50 56.20
C THR B 250 3.14 -11.19 54.97
N PRO B 251 3.66 -12.23 54.30
CA PRO B 251 4.34 -12.06 53.02
C PRO B 251 3.39 -11.42 52.00
N VAL B 252 3.96 -10.65 51.07
CA VAL B 252 3.17 -10.04 49.96
C VAL B 252 3.77 -10.47 48.64
N THR B 253 2.95 -10.37 47.60
CA THR B 253 3.34 -10.65 46.20
C THR B 253 2.86 -9.47 45.34
N LEU B 254 3.26 -9.46 44.07
CA LEU B 254 2.78 -8.46 43.08
C LEU B 254 1.29 -8.67 42.92
N THR B 255 0.49 -7.61 43.10
CA THR B 255 -0.98 -7.64 42.89
C THR B 255 -1.26 -8.12 41.47
N THR B 256 -0.59 -7.53 40.48
CA THR B 256 -0.55 -8.07 39.10
C THR B 256 0.61 -9.05 39.01
N PRO B 257 0.37 -10.37 38.91
CA PRO B 257 1.45 -11.33 38.79
C PRO B 257 2.38 -10.90 37.65
N LYS B 258 3.68 -11.07 37.84
CA LYS B 258 4.68 -10.67 36.83
C LYS B 258 4.31 -11.36 35.51
N TYR B 259 3.72 -12.54 35.56
CA TYR B 259 3.33 -13.34 34.36
C TYR B 259 2.26 -12.61 33.56
N HIS B 260 1.34 -11.92 34.24
CA HIS B 260 0.27 -11.17 33.55
C HIS B 260 0.83 -9.87 32.96
N GLU B 261 1.79 -9.22 33.62
CA GLU B 261 2.53 -8.12 32.99
C GLU B 261 3.23 -8.68 31.74
N LEU B 262 3.92 -9.80 31.88
CA LEU B 262 4.79 -10.35 30.82
C LEU B 262 3.96 -10.65 29.56
N VAL B 263 2.87 -11.39 29.67
CA VAL B 263 2.12 -11.86 28.46
C VAL B 263 1.33 -10.67 27.84
N ALA B 264 1.21 -9.53 28.52
CA ALA B 264 0.72 -8.26 27.94
C ALA B 264 1.86 -7.52 27.23
N GLN B 265 3.08 -7.57 27.76
CA GLN B 265 4.25 -6.88 27.15
C GLN B 265 4.69 -7.59 25.88
N ILE B 266 4.52 -8.91 25.82
CA ILE B 266 5.12 -9.71 24.71
C ILE B 266 4.38 -11.05 24.62
N ARG B 267 4.33 -11.63 23.43
CA ARG B 267 3.57 -12.86 23.18
C ARG B 267 4.52 -13.90 22.62
N GLN B 268 4.37 -15.15 23.07
CA GLN B 268 5.19 -16.26 22.55
C GLN B 268 4.97 -16.39 21.03
N ASN B 269 6.08 -16.66 20.34
CA ASN B 269 6.16 -17.05 18.91
C ASN B 269 7.08 -18.27 18.83
N PHE B 270 6.69 -19.36 19.48
CA PHE B 270 7.54 -20.56 19.69
C PHE B 270 7.41 -21.54 18.53
N ASN B 271 6.62 -21.26 17.48
CA ASN B 271 6.40 -22.27 16.41
C ASN B 271 6.41 -21.63 15.00
N ALA B 272 7.29 -20.66 14.71
CA ALA B 272 7.20 -19.88 13.45
C ALA B 272 8.02 -20.53 12.30
N ARG B 273 8.99 -21.38 12.62
CA ARG B 273 9.97 -21.90 11.63
C ARG B 273 9.67 -23.36 11.28
N ASP B 274 9.49 -23.65 9.99
CA ASP B 274 9.50 -25.04 9.46
C ASP B 274 10.82 -25.69 9.88
N PRO B 275 10.80 -26.80 10.66
CA PRO B 275 12.05 -27.36 11.21
C PRO B 275 13.01 -27.84 10.12
N LYS B 276 12.49 -28.16 8.92
CA LYS B 276 13.27 -28.76 7.80
C LYS B 276 13.87 -27.68 6.90
N THR B 277 13.08 -26.69 6.44
CA THR B 277 13.56 -25.57 5.60
C THR B 277 14.22 -24.50 6.47
N GLY B 278 13.87 -24.42 7.77
CA GLY B 278 14.23 -23.28 8.65
C GLY B 278 13.51 -22.00 8.27
N ARG B 279 12.59 -22.08 7.30
CA ARG B 279 11.86 -20.91 6.75
C ARG B 279 10.72 -20.53 7.70
N ILE B 280 10.51 -19.24 7.88
CA ILE B 280 9.36 -18.67 8.63
C ILE B 280 8.10 -19.07 7.85
N GLU B 281 7.14 -19.73 8.50
CA GLU B 281 5.76 -19.94 7.97
C GLU B 281 4.82 -19.58 9.13
N VAL B 282 4.10 -18.47 9.03
CA VAL B 282 3.22 -18.00 10.14
C VAL B 282 2.16 -19.07 10.37
N PRO B 283 2.02 -19.64 11.58
CA PRO B 283 0.98 -20.63 11.84
C PRO B 283 -0.35 -19.90 12.10
N ARG B 284 -1.29 -20.03 11.16
CA ARG B 284 -2.49 -19.15 11.11
C ARG B 284 -3.48 -19.53 12.20
N ASP B 285 -3.43 -20.75 12.72
CA ASP B 285 -4.34 -21.20 13.81
C ASP B 285 -4.08 -20.37 15.08
N THR B 286 -2.84 -19.95 15.36
CA THR B 286 -2.47 -19.29 16.64
C THR B 286 -1.89 -17.89 16.42
N HIS B 287 -1.28 -17.62 15.26
CA HIS B 287 -0.49 -16.38 14.98
C HIS B 287 -0.92 -15.73 13.66
N ALA B 288 -2.19 -15.83 13.27
CA ALA B 288 -2.72 -15.18 12.06
C ALA B 288 -2.41 -13.68 12.11
N ASP B 289 -2.34 -13.08 13.29
CA ASP B 289 -2.13 -11.61 13.48
C ASP B 289 -0.66 -11.21 13.41
N MSE B 290 0.25 -12.15 13.13
CA MSE B 290 1.68 -11.86 13.13
C MSE B 290 2.19 -11.52 11.74
O MSE B 290 1.96 -12.27 10.77
CB MSE B 290 2.49 -13.05 13.67
CG MSE B 290 3.96 -12.76 13.82
SE MSE B 290 4.85 -14.16 14.89
CE MSE B 290 4.45 -15.63 13.66
N ASP B 291 2.86 -10.37 11.64
CA ASP B 291 3.59 -10.00 10.44
C ASP B 291 4.76 -10.97 10.27
N PRO B 292 4.88 -11.69 9.13
CA PRO B 292 6.03 -12.58 8.93
C PRO B 292 7.40 -11.88 9.10
N LEU B 293 7.46 -10.58 8.78
CA LEU B 293 8.70 -9.79 8.91
C LEU B 293 9.16 -9.67 10.36
N VAL B 294 8.30 -9.91 11.38
CA VAL B 294 8.71 -9.80 12.81
C VAL B 294 8.79 -11.20 13.45
N ALA B 295 8.58 -12.27 12.68
CA ALA B 295 8.48 -13.64 13.18
C ALA B 295 9.87 -14.32 13.31
N TYR B 296 10.95 -13.57 13.08
CA TYR B 296 12.36 -14.07 12.98
C TYR B 296 12.86 -14.34 14.41
N ILE B 297 12.18 -13.77 15.42
CA ILE B 297 12.48 -14.03 16.85
C ILE B 297 11.25 -14.68 17.47
N PRO B 298 11.47 -15.51 18.51
CA PRO B 298 10.40 -16.31 19.12
C PRO B 298 9.51 -15.57 20.12
N LEU B 299 9.47 -14.23 20.01
CA LEU B 299 8.58 -13.36 20.79
C LEU B 299 8.09 -12.23 19.87
N TYR B 300 6.86 -11.75 20.03
CA TYR B 300 6.34 -10.63 19.20
C TYR B 300 5.24 -9.89 19.93
N ARG B 301 4.91 -8.71 19.42
CA ARG B 301 3.80 -7.89 19.94
C ARG B 301 3.09 -7.33 18.73
N PRO B 302 1.91 -7.88 18.36
CA PRO B 302 1.26 -7.46 17.11
C PRO B 302 0.65 -6.04 17.11
N GLU B 303 0.13 -5.60 18.25
CA GLU B 303 -0.78 -4.42 18.32
C GLU B 303 -0.06 -3.10 18.03
N PRO B 304 1.16 -2.81 18.51
CA PRO B 304 1.79 -1.54 18.19
C PRO B 304 1.88 -1.37 16.67
N ARG B 305 2.28 -2.44 16.00
CA ARG B 305 2.54 -2.42 14.54
C ARG B 305 1.22 -2.35 13.76
N SER B 306 0.21 -3.17 14.09
CA SER B 306 -1.11 -3.14 13.40
C SER B 306 -1.73 -1.75 13.58
N THR B 307 -1.62 -1.19 14.77
CA THR B 307 -2.23 0.11 15.12
C THR B 307 -1.56 1.22 14.34
N PHE B 308 -0.24 1.20 14.28
CA PHE B 308 0.57 2.18 13.52
C PHE B 308 0.07 2.22 12.07
N ARG B 309 -0.12 1.03 11.48
CA ARG B 309 -0.47 0.89 10.05
C ARG B 309 -1.87 1.40 9.74
N ARG B 310 -2.74 1.58 10.73
CA ARG B 310 -4.10 2.07 10.48
C ARG B 310 -4.23 3.56 10.89
N LEU B 311 -3.14 4.19 11.35
CA LEU B 311 -3.20 5.57 11.92
C LEU B 311 -3.83 6.57 10.93
N GLU B 312 -3.59 6.42 9.63
CA GLU B 312 -4.14 7.36 8.63
C GLU B 312 -5.67 7.41 8.70
N THR B 313 -6.32 6.35 9.21
CA THR B 313 -7.79 6.25 9.30
C THR B 313 -8.33 6.84 10.60
N LEU B 314 -7.49 7.20 11.56
CA LEU B 314 -7.97 7.61 12.92
C LEU B 314 -8.88 8.84 12.82
N ARG B 315 -10.13 8.70 13.23
CA ARG B 315 -11.14 9.76 13.06
C ARG B 315 -10.98 10.89 14.09
N PRO B 316 -10.94 10.63 15.42
CA PRO B 316 -10.80 11.74 16.36
C PRO B 316 -9.50 12.52 16.14
N SER B 317 -9.54 13.81 16.42
CA SER B 317 -8.33 14.63 16.64
C SER B 317 -7.50 13.91 17.71
N CYS B 318 -6.21 14.12 17.72
CA CYS B 318 -5.30 13.32 18.57
C CYS B 318 -4.11 14.14 19.05
N LEU B 319 -3.96 14.21 20.37
CA LEU B 319 -2.77 14.79 21.06
C LEU B 319 -1.81 13.66 21.42
N TRP B 320 -0.57 13.74 20.94
CA TRP B 320 0.50 12.76 21.25
C TRP B 320 1.48 13.42 22.22
N VAL B 321 1.40 13.06 23.49
CA VAL B 321 2.34 13.55 24.54
C VAL B 321 3.42 12.49 24.65
N ILE B 322 4.63 12.84 24.23
CA ILE B 322 5.78 11.89 24.22
C ILE B 322 6.78 12.31 25.30
N ALA B 323 7.17 11.35 26.15
CA ALA B 323 8.29 11.51 27.12
C ALA B 323 9.62 11.60 26.35
N GLY B 324 10.36 12.70 26.52
CA GLY B 324 11.64 12.93 25.82
C GLY B 324 12.65 11.84 26.14
N ALA B 325 12.67 11.35 27.37
CA ALA B 325 13.55 10.23 27.79
C ALA B 325 12.81 8.88 27.75
N THR B 326 11.81 8.71 26.88
CA THR B 326 11.10 7.42 26.80
C THR B 326 12.07 6.34 26.31
N PHE B 327 11.70 5.10 26.53
CA PHE B 327 12.40 3.90 26.02
C PHE B 327 11.71 3.44 24.72
N LEU B 328 10.57 4.03 24.36
CA LEU B 328 9.87 3.65 23.11
C LEU B 328 10.70 4.15 21.93
N ASN B 329 10.40 3.63 20.75
CA ASN B 329 11.04 4.11 19.50
C ASN B 329 10.41 5.45 19.14
N ILE B 330 10.97 6.50 19.71
CA ILE B 330 10.44 7.88 19.61
C ILE B 330 10.39 8.33 18.14
N ASP B 331 11.40 7.97 17.33
CA ASP B 331 11.45 8.39 15.91
C ASP B 331 10.31 7.74 15.14
N GLU B 332 10.00 6.47 15.40
CA GLU B 332 8.85 5.78 14.78
C GLU B 332 7.55 6.47 15.23
N ILE B 333 7.43 6.75 16.52
CA ILE B 333 6.22 7.40 17.07
C ILE B 333 5.97 8.71 16.30
N ARG B 334 7.02 9.50 16.04
CA ARG B 334 6.87 10.82 15.37
C ARG B 334 6.48 10.64 13.91
N GLU B 335 6.84 9.52 13.27
CA GLU B 335 6.32 9.22 11.90
C GLU B 335 4.82 8.91 12.01
N GLY B 336 4.41 8.17 13.03
CA GLY B 336 3.00 7.89 13.31
C GLY B 336 2.21 9.16 13.43
N VAL B 337 2.73 10.11 14.22
CA VAL B 337 2.06 11.44 14.39
C VAL B 337 1.85 12.08 12.99
N LYS B 338 2.86 12.06 12.14
CA LYS B 338 2.80 12.73 10.82
C LYS B 338 1.69 12.11 9.97
N ILE B 339 1.47 10.81 10.05
CA ILE B 339 0.47 10.12 9.15
C ILE B 339 -0.91 10.12 9.80
N CYS B 340 -0.96 10.28 11.13
CA CYS B 340 -2.21 10.17 11.93
C CYS B 340 -3.35 11.01 11.31
N GLY B 341 -4.42 10.34 10.90
CA GLY B 341 -5.65 10.99 10.43
C GLY B 341 -5.55 11.57 9.03
N SER B 342 -4.50 11.28 8.26
CA SER B 342 -4.23 11.95 6.97
C SER B 342 -4.97 11.22 5.84
N GLY B 343 -5.56 10.05 6.09
CA GLY B 343 -6.18 9.25 5.00
C GLY B 343 -7.69 9.13 5.15
N ILE B 344 -8.23 8.10 4.51
CA ILE B 344 -9.70 7.89 4.43
C ILE B 344 -10.20 7.48 5.81
N GLY B 345 -11.24 8.14 6.30
CA GLY B 345 -11.78 8.00 7.66
C GLY B 345 -11.12 8.93 8.66
N GLY B 346 -10.01 9.58 8.28
CA GLY B 346 -9.13 10.32 9.20
C GLY B 346 -9.68 11.70 9.55
N SER B 347 -9.21 12.24 10.68
CA SER B 347 -9.49 13.62 11.18
C SER B 347 -9.10 14.67 10.13
N GLY B 348 -8.12 14.38 9.27
CA GLY B 348 -7.40 15.39 8.48
C GLY B 348 -5.97 15.62 8.97
N GLY B 349 -5.66 15.19 10.19
CA GLY B 349 -4.28 15.11 10.65
C GLY B 349 -3.58 16.46 10.84
N VAL B 350 -2.26 16.42 10.85
CA VAL B 350 -1.37 17.60 11.09
C VAL B 350 -1.68 18.70 10.09
N PRO B 351 -1.83 18.47 8.76
CA PRO B 351 -2.15 19.56 7.85
C PRO B 351 -3.39 20.37 8.23
N ASP B 352 -4.41 19.76 8.87
CA ASP B 352 -5.68 20.44 9.25
C ASP B 352 -5.63 20.88 10.71
N GLY B 353 -4.48 20.75 11.40
CA GLY B 353 -4.37 21.09 12.83
C GLY B 353 -5.18 20.18 13.73
N ARG B 354 -5.45 18.92 13.32
CA ARG B 354 -6.27 17.96 14.12
C ARG B 354 -5.38 16.97 14.89
N VAL B 355 -4.08 17.04 14.68
CA VAL B 355 -3.08 16.18 15.36
C VAL B 355 -1.92 17.05 15.80
N ARG B 356 -1.49 16.90 17.05
CA ARG B 356 -0.35 17.65 17.61
C ARG B 356 0.53 16.70 18.41
N GLU B 357 1.84 16.81 18.23
CA GLU B 357 2.81 16.18 19.14
C GLU B 357 3.32 17.23 20.14
N VAL B 358 3.50 16.83 21.38
CA VAL B 358 4.27 17.58 22.41
C VAL B 358 5.27 16.59 22.99
N VAL B 359 6.56 16.80 22.72
CA VAL B 359 7.68 16.04 23.33
C VAL B 359 8.13 16.80 24.57
N LEU B 360 8.09 16.17 25.74
CA LEU B 360 8.47 16.80 27.03
C LEU B 360 9.88 16.35 27.39
N PRO B 361 10.91 17.23 27.16
CA PRO B 361 12.31 16.85 27.31
C PRO B 361 12.62 16.40 28.75
N GLY B 362 13.34 15.30 28.90
CA GLY B 362 13.77 14.82 30.22
C GLY B 362 12.71 13.98 30.94
N PHE B 363 11.46 13.95 30.48
CA PHE B 363 10.36 13.20 31.14
C PHE B 363 10.51 11.72 30.77
N GLY B 364 10.05 10.86 31.67
CA GLY B 364 10.04 9.41 31.42
C GLY B 364 8.63 8.89 31.20
N HIS B 365 8.55 7.61 30.89
CA HIS B 365 7.32 6.84 30.66
C HIS B 365 6.33 7.02 31.82
N LEU B 366 6.82 7.18 33.06
CA LEU B 366 5.95 7.30 34.27
C LEU B 366 5.63 8.75 34.59
N MSE B 367 5.72 9.62 33.57
CA MSE B 367 5.39 11.03 33.71
C MSE B 367 4.01 11.29 34.30
O MSE B 367 3.85 12.29 35.01
CB MSE B 367 5.57 11.76 32.37
CG MSE B 367 4.64 11.30 31.25
SE MSE B 367 5.02 12.36 29.64
CE MSE B 367 4.25 11.15 28.30
N PRO B 368 2.94 10.49 34.08
CA PRO B 368 1.64 10.79 34.67
C PRO B 368 1.63 10.71 36.21
N PHE B 369 2.66 10.09 36.79
CA PHE B 369 2.86 9.94 38.25
C PHE B 369 4.03 10.79 38.75
N GLN B 370 4.95 11.21 37.87
CA GLN B 370 6.17 11.96 38.24
C GLN B 370 6.06 13.46 37.91
N GLU B 371 5.24 13.84 36.93
CA GLU B 371 5.14 15.22 36.41
C GLU B 371 3.67 15.56 36.22
N VAL B 372 2.88 15.35 37.27
CA VAL B 372 1.40 15.38 37.21
C VAL B 372 0.94 16.73 36.67
N LYS B 373 1.52 17.83 37.16
CA LYS B 373 1.10 19.20 36.79
C LYS B 373 1.39 19.48 35.31
N THR B 374 2.57 19.15 34.80
CA THR B 374 2.95 19.45 33.40
C THR B 374 2.14 18.57 32.43
N VAL B 375 1.95 17.29 32.75
CA VAL B 375 1.15 16.37 31.90
C VAL B 375 -0.28 16.93 31.83
N ALA B 376 -0.90 17.26 32.96
CA ALA B 376 -2.24 17.88 33.02
C ALA B 376 -2.27 19.14 32.18
N GLU B 377 -1.30 20.04 32.33
CA GLU B 377 -1.28 21.35 31.63
C GLU B 377 -1.26 21.10 30.12
N THR B 378 -0.41 20.19 29.67
CA THR B 378 -0.29 19.83 28.22
C THR B 378 -1.68 19.39 27.73
N CYS B 379 -2.40 18.60 28.52
CA CYS B 379 -3.75 18.09 28.14
C CYS B 379 -4.75 19.26 28.09
N ILE B 380 -4.70 20.19 29.02
CA ILE B 380 -5.70 21.30 29.18
C ILE B 380 -5.68 22.20 27.95
N VAL B 381 -4.49 22.56 27.48
CA VAL B 381 -4.31 23.49 26.33
C VAL B 381 -5.01 22.86 25.11
N TRP B 382 -4.80 21.57 24.91
CA TRP B 382 -5.43 20.83 23.79
C TRP B 382 -6.94 20.75 23.98
N LEU B 383 -7.40 20.38 25.18
CA LEU B 383 -8.84 20.20 25.47
C LEU B 383 -9.59 21.51 25.23
N GLN B 384 -8.99 22.65 25.61
CA GLN B 384 -9.60 23.99 25.44
C GLN B 384 -9.84 24.23 23.94
N GLN B 385 -8.82 24.02 23.12
CA GLN B 385 -8.94 24.20 21.64
C GLN B 385 -10.01 23.23 21.11
N GLU B 386 -9.99 21.97 21.54
CA GLU B 386 -10.89 20.95 20.94
C GLU B 386 -12.33 21.22 21.35
N MSE B 387 -12.52 21.76 22.56
CA MSE B 387 -13.86 22.03 23.06
C MSE B 387 -14.43 23.30 22.40
O MSE B 387 -15.64 23.36 22.17
CB MSE B 387 -13.89 22.10 24.58
CG MSE B 387 -13.78 20.74 25.24
SE MSE B 387 -15.18 19.50 24.56
CE MSE B 387 -16.83 20.52 25.00
N ASP B 388 -13.56 24.27 22.07
CA ASP B 388 -14.01 25.43 21.29
C ASP B 388 -14.52 24.93 19.92
N ARG B 389 -13.74 24.09 19.27
CA ARG B 389 -14.10 23.50 17.95
C ARG B 389 -15.39 22.67 18.07
N PHE B 390 -15.53 21.86 19.12
CA PHE B 390 -16.76 21.07 19.37
C PHE B 390 -17.99 22.00 19.45
N ARG B 391 -17.93 23.03 20.29
CA ARG B 391 -19.10 23.93 20.52
C ARG B 391 -19.49 24.57 19.19
N GLN B 392 -18.52 25.01 18.40
CA GLN B 392 -18.76 25.69 17.09
C GLN B 392 -19.37 24.70 16.09
N THR B 393 -18.80 23.50 15.94
CA THR B 393 -19.26 22.51 14.94
C THR B 393 -20.64 22.01 15.38
N GLU B 394 -20.86 21.76 16.68
CA GLU B 394 -22.20 21.33 17.17
C GLU B 394 -23.26 22.39 16.80
N ARG B 395 -22.94 23.68 16.98
CA ARG B 395 -23.89 24.78 16.65
C ARG B 395 -24.16 24.82 15.14
N GLN B 396 -23.11 24.77 14.31
CA GLN B 396 -23.25 24.84 12.84
C GLN B 396 -24.12 23.65 12.36
N TRP B 397 -23.89 22.46 12.91
CA TRP B 397 -24.71 21.23 12.65
C TRP B 397 -26.20 21.49 12.95
N LYS B 398 -26.53 21.93 14.16
CA LYS B 398 -27.92 22.24 14.57
C LYS B 398 -28.52 23.28 13.60
N GLU B 399 -27.79 24.34 13.26
CA GLU B 399 -28.21 25.38 12.29
C GLU B 399 -28.54 24.73 10.94
N ASP B 400 -27.62 23.97 10.36
CA ASP B 400 -27.79 23.35 9.03
C ASP B 400 -28.99 22.38 9.00
N ARG B 401 -29.40 21.82 10.14
CA ARG B 401 -30.46 20.78 10.21
C ARG B 401 -31.82 21.42 10.57
N ASP B 402 -31.82 22.67 11.04
CA ASP B 402 -33.04 23.34 11.57
C ASP B 402 -34.13 23.27 10.50
N GLY B 403 -35.32 22.77 10.86
CA GLY B 403 -36.49 22.68 9.98
C GLY B 403 -36.41 21.54 8.96
N LYS B 404 -35.35 20.73 8.93
CA LYS B 404 -35.26 19.66 7.90
C LYS B 404 -36.05 18.44 8.38
N SER B 405 -36.67 17.74 7.44
CA SER B 405 -37.53 16.57 7.72
C SER B 405 -36.71 15.40 8.30
N HIS B 406 -37.27 14.69 9.30
CA HIS B 406 -36.73 13.40 9.78
C HIS B 406 -37.32 12.23 8.97
N LEU B 407 -38.30 12.48 8.09
CA LEU B 407 -39.14 11.41 7.47
C LEU B 407 -38.87 11.25 5.97
N ALA B 408 -38.39 12.29 5.30
CA ALA B 408 -38.24 12.30 3.83
C ALA B 408 -36.99 13.10 3.48
N VAL B 409 -36.40 12.82 2.32
CA VAL B 409 -35.13 13.45 1.89
C VAL B 409 -35.45 14.83 1.31
N GLU B 410 -34.45 15.71 1.33
CA GLU B 410 -34.52 17.08 0.79
C GLU B 410 -34.63 17.05 -0.74
N GLU B 411 -35.04 18.17 -1.31
CA GLU B 411 -35.40 18.36 -2.73
C GLU B 411 -34.20 18.08 -3.66
N ASN B 412 -32.99 18.39 -3.22
CA ASN B 412 -31.76 18.21 -4.05
C ASN B 412 -31.68 16.75 -4.53
N TRP B 413 -32.20 15.80 -3.78
CA TRP B 413 -32.13 14.37 -4.18
C TRP B 413 -32.80 14.18 -5.54
N TYR B 414 -33.95 14.83 -5.75
CA TYR B 414 -34.76 14.70 -6.98
C TYR B 414 -34.06 15.42 -8.15
N LYS B 415 -33.17 16.38 -7.88
CA LYS B 415 -32.34 17.05 -8.92
C LYS B 415 -31.18 16.14 -9.36
N VAL B 416 -30.59 15.37 -8.44
CA VAL B 416 -29.30 14.65 -8.70
C VAL B 416 -29.59 13.22 -9.19
N LEU B 417 -30.63 12.58 -8.68
CA LEU B 417 -30.92 11.16 -8.96
C LEU B 417 -32.07 11.10 -9.96
N LYS B 418 -31.81 10.79 -11.23
CA LYS B 418 -32.85 10.94 -12.27
C LYS B 418 -33.87 9.81 -12.17
N PRO B 419 -35.11 10.10 -12.62
CA PRO B 419 -36.16 9.09 -12.66
C PRO B 419 -36.02 8.02 -13.76
N ILE B 420 -36.98 7.09 -13.80
CA ILE B 420 -37.39 6.21 -14.96
C ILE B 420 -36.34 5.12 -15.16
N THR C 3 -39.31 -22.67 11.32
CA THR C 3 -40.71 -22.27 11.65
C THR C 3 -41.64 -23.47 11.41
N GLU C 4 -41.41 -24.21 10.31
CA GLU C 4 -41.74 -25.66 10.16
C GLU C 4 -41.01 -26.43 11.29
N LYS C 5 -39.73 -26.08 11.54
CA LYS C 5 -38.75 -26.88 12.31
C LYS C 5 -38.27 -26.18 13.59
N PHE C 6 -38.65 -24.92 13.85
CA PHE C 6 -38.08 -24.07 14.93
C PHE C 6 -39.15 -23.49 15.85
N THR C 7 -38.85 -23.42 17.13
CA THR C 7 -39.43 -22.46 18.12
C THR C 7 -38.89 -21.06 17.82
N ILE C 8 -39.75 -20.05 17.83
CA ILE C 8 -39.41 -18.63 17.57
C ILE C 8 -39.52 -17.88 18.89
N THR C 9 -38.46 -17.21 19.33
CA THR C 9 -38.50 -16.22 20.45
C THR C 9 -38.17 -14.83 19.90
N GLU C 10 -38.99 -13.83 20.26
CA GLU C 10 -38.84 -12.43 19.84
C GLU C 10 -38.16 -11.67 20.96
N HIS C 11 -37.25 -10.75 20.61
CA HIS C 11 -36.54 -9.89 21.57
C HIS C 11 -36.48 -8.49 21.01
N LEU C 12 -36.36 -7.52 21.92
CA LEU C 12 -36.15 -6.10 21.57
C LEU C 12 -34.98 -5.66 22.42
N VAL C 13 -33.81 -5.40 21.82
CA VAL C 13 -32.59 -5.06 22.63
C VAL C 13 -32.03 -3.73 22.13
N PRO C 14 -31.48 -2.95 23.06
CA PRO C 14 -30.88 -1.68 22.72
C PRO C 14 -29.65 -1.88 21.82
N GLY C 15 -29.53 -1.03 20.81
CA GLY C 15 -28.34 -0.96 19.93
C GLY C 15 -27.25 -0.06 20.51
N SER C 16 -26.21 0.14 19.71
CA SER C 16 -24.95 0.83 20.03
C SER C 16 -25.24 2.31 20.36
N HIS C 17 -24.59 2.79 21.39
CA HIS C 17 -24.61 4.21 21.83
C HIS C 17 -23.73 5.05 20.91
N ILE C 18 -24.30 6.12 20.37
CA ILE C 18 -23.70 7.10 19.43
C ILE C 18 -23.63 6.46 18.03
N ARG C 19 -24.36 7.01 17.06
CA ARG C 19 -24.46 6.43 15.71
C ARG C 19 -23.33 7.04 14.89
N GLU C 20 -22.86 6.31 13.89
CA GLU C 20 -21.73 6.74 13.04
C GLU C 20 -22.03 8.07 12.36
N TYR C 21 -23.26 8.29 11.88
CA TYR C 21 -23.68 9.60 11.31
C TYR C 21 -24.64 10.29 12.26
N PRO C 22 -24.38 11.56 12.64
CA PRO C 22 -25.20 12.29 13.61
C PRO C 22 -26.67 12.43 13.15
N GLY C 23 -26.91 12.53 11.83
CA GLY C 23 -28.25 12.73 11.25
C GLY C 23 -29.03 11.43 11.13
N SER C 24 -28.56 10.31 11.71
CA SER C 24 -29.29 9.01 11.55
C SER C 24 -30.43 8.95 12.57
N THR C 25 -30.41 9.82 13.58
CA THR C 25 -31.49 9.88 14.61
C THR C 25 -31.85 11.33 14.90
N VAL C 26 -32.99 11.55 15.57
CA VAL C 26 -33.46 12.91 15.97
C VAL C 26 -32.46 13.52 16.97
N ASN C 27 -32.04 12.74 17.98
CA ASN C 27 -31.10 13.20 19.04
C ASN C 27 -29.90 12.24 19.03
N GLN C 28 -28.69 12.76 19.15
CA GLN C 28 -27.45 11.97 18.97
C GLN C 28 -27.35 10.88 20.05
N GLU C 29 -28.01 11.03 21.21
CA GLU C 29 -27.97 10.03 22.32
C GLU C 29 -29.17 9.09 22.27
N ASP C 30 -30.02 9.16 21.23
CA ASP C 30 -31.18 8.25 21.10
C ASP C 30 -30.75 6.79 21.28
N VAL C 31 -31.54 6.04 22.01
CA VAL C 31 -31.40 4.57 22.20
C VAL C 31 -32.29 3.92 21.14
N LEU C 32 -31.69 3.43 20.05
CA LEU C 32 -32.41 2.61 19.04
C LEU C 32 -32.49 1.18 19.55
N LYS C 33 -33.57 0.49 19.23
CA LYS C 33 -33.75 -0.93 19.56
C LYS C 33 -33.74 -1.76 18.28
N ILE C 34 -33.26 -2.99 18.38
CA ILE C 34 -33.32 -3.98 17.27
C ILE C 34 -34.28 -5.09 17.68
N HIS C 35 -35.20 -5.37 16.78
CA HIS C 35 -36.16 -6.50 16.87
C HIS C 35 -35.46 -7.73 16.34
N VAL C 36 -35.34 -8.76 17.17
CA VAL C 36 -34.59 -10.01 16.92
C VAL C 36 -35.54 -11.19 16.97
N LYS C 37 -35.39 -12.13 16.03
CA LYS C 37 -36.00 -13.45 16.16
C LYS C 37 -34.90 -14.49 16.36
N GLN C 38 -35.11 -15.30 17.40
CA GLN C 38 -34.26 -16.44 17.80
C GLN C 38 -35.01 -17.71 17.39
N TYR C 39 -34.41 -18.51 16.53
CA TYR C 39 -34.96 -19.77 15.98
C TYR C 39 -34.23 -20.95 16.62
N THR C 40 -34.92 -21.68 17.50
CA THR C 40 -34.39 -22.86 18.24
C THR C 40 -35.00 -24.12 17.64
N PRO C 41 -34.21 -25.06 17.09
CA PRO C 41 -34.77 -26.30 16.57
C PRO C 41 -35.67 -27.04 17.58
N LYS C 42 -36.83 -27.50 17.15
CA LYS C 42 -37.62 -28.54 17.89
C LYS C 42 -36.75 -29.79 17.95
N ARG C 43 -36.38 -30.25 19.14
CA ARG C 43 -35.38 -31.33 19.32
C ARG C 43 -35.80 -32.26 20.48
N GLU C 44 -35.68 -33.57 20.26
CA GLU C 44 -35.98 -34.59 21.31
C GLU C 44 -34.79 -34.58 22.29
N GLY C 45 -33.58 -34.85 21.81
CA GLY C 45 -32.39 -35.10 22.65
C GLY C 45 -31.75 -33.82 23.14
N PRO C 46 -30.63 -33.90 23.90
CA PRO C 46 -29.91 -32.70 24.31
C PRO C 46 -29.23 -32.05 23.10
N VAL C 47 -28.81 -30.80 23.25
CA VAL C 47 -28.09 -30.04 22.19
C VAL C 47 -26.63 -30.51 22.16
N PRO C 48 -26.09 -31.00 21.03
CA PRO C 48 -24.67 -31.35 20.95
C PRO C 48 -23.75 -30.19 21.31
N ASP C 49 -22.54 -30.48 21.79
CA ASP C 49 -21.61 -29.47 22.38
C ASP C 49 -21.04 -28.50 21.34
N ASP C 50 -21.02 -28.88 20.06
CA ASP C 50 -20.40 -28.10 18.95
C ASP C 50 -21.51 -27.50 18.08
N ALA C 51 -22.75 -27.49 18.55
CA ALA C 51 -23.89 -26.95 17.80
C ALA C 51 -23.64 -25.46 17.50
N ILE C 52 -24.01 -25.02 16.30
CA ILE C 52 -23.64 -23.68 15.77
C ILE C 52 -24.66 -22.64 16.21
N THR C 53 -24.19 -21.51 16.72
CA THR C 53 -24.99 -20.26 16.82
C THR C 53 -24.80 -19.47 15.52
N PHE C 54 -25.87 -19.26 14.77
CA PHE C 54 -25.83 -18.44 13.53
C PHE C 54 -26.26 -17.01 13.86
N ILE C 55 -25.47 -16.05 13.40
CA ILE C 55 -25.81 -14.61 13.47
C ILE C 55 -26.02 -14.15 12.03
N ALA C 56 -27.22 -13.72 11.69
CA ALA C 56 -27.61 -13.46 10.29
C ALA C 56 -28.06 -12.01 10.10
N THR C 57 -27.75 -11.46 8.94
CA THR C 57 -28.12 -10.09 8.55
C THR C 57 -28.79 -10.10 7.18
N HIS C 58 -29.76 -9.24 6.99
CA HIS C 58 -30.67 -9.21 5.81
C HIS C 58 -30.22 -8.10 4.85
N GLY C 59 -30.85 -8.04 3.68
CA GLY C 59 -30.63 -6.97 2.69
C GLY C 59 -31.52 -5.78 2.97
N VAL C 60 -31.27 -4.68 2.28
CA VAL C 60 -32.00 -3.41 2.49
C VAL C 60 -33.50 -3.65 2.26
N GLY C 61 -34.32 -3.28 3.22
CA GLY C 61 -35.78 -3.33 3.07
C GLY C 61 -36.37 -4.73 3.14
N LEU C 62 -35.56 -5.75 3.39
CA LEU C 62 -36.03 -7.17 3.32
C LEU C 62 -36.26 -7.67 4.74
N PRO C 63 -37.53 -7.89 5.15
CA PRO C 63 -37.84 -8.29 6.51
C PRO C 63 -37.14 -9.60 6.86
N LYS C 64 -36.66 -9.70 8.10
CA LYS C 64 -35.94 -10.90 8.59
C LYS C 64 -36.78 -12.17 8.34
N GLU C 65 -38.11 -12.05 8.38
CA GLU C 65 -39.01 -13.25 8.27
C GLU C 65 -38.86 -13.90 6.89
N LEU C 66 -38.45 -13.16 5.86
CA LEU C 66 -38.27 -13.71 4.50
C LEU C 66 -37.24 -14.85 4.51
N TYR C 67 -36.33 -14.87 5.49
CA TYR C 67 -35.21 -15.85 5.54
C TYR C 67 -35.65 -17.14 6.23
N GLU C 68 -36.87 -17.20 6.75
CA GLU C 68 -37.33 -18.38 7.53
C GLU C 68 -37.31 -19.65 6.67
N PRO C 69 -37.76 -19.65 5.39
CA PRO C 69 -37.65 -20.88 4.59
C PRO C 69 -36.19 -21.33 4.44
N LEU C 70 -35.25 -20.39 4.27
CA LEU C 70 -33.81 -20.71 4.22
C LEU C 70 -33.39 -21.38 5.54
N TRP C 71 -33.84 -20.88 6.69
CA TRP C 71 -33.53 -21.50 8.01
C TRP C 71 -34.08 -22.93 8.03
N ASP C 72 -35.34 -23.14 7.64
CA ASP C 72 -35.96 -24.51 7.61
C ASP C 72 -35.09 -25.43 6.74
N GLU C 73 -34.62 -24.94 5.60
CA GLU C 73 -33.81 -25.72 4.64
C GLU C 73 -32.45 -26.08 5.25
N LEU C 74 -31.78 -25.13 5.90
CA LEU C 74 -30.45 -25.37 6.53
C LEU C 74 -30.59 -26.49 7.57
N LEU C 75 -31.67 -26.47 8.35
CA LEU C 75 -31.89 -27.47 9.40
C LEU C 75 -32.18 -28.82 8.72
N ASP C 76 -33.09 -28.83 7.75
CA ASP C 76 -33.55 -30.07 7.07
C ASP C 76 -32.38 -30.75 6.36
N GLN C 77 -31.49 -29.99 5.73
CA GLN C 77 -30.35 -30.52 4.93
C GLN C 77 -29.07 -30.61 5.77
N ALA C 78 -29.07 -30.27 7.05
CA ALA C 78 -27.84 -30.20 7.87
C ALA C 78 -27.09 -31.54 7.77
N SER C 79 -25.78 -31.51 7.50
CA SER C 79 -24.91 -32.70 7.35
C SER C 79 -23.59 -32.47 8.07
N GLY C 80 -23.29 -33.24 9.12
CA GLY C 80 -22.02 -33.14 9.87
C GLY C 80 -21.95 -31.89 10.76
N PHE C 81 -23.08 -31.26 11.07
CA PHE C 81 -23.16 -30.16 12.06
C PHE C 81 -24.57 -30.14 12.65
N HIS C 82 -24.70 -29.49 13.80
CA HIS C 82 -25.98 -29.22 14.49
C HIS C 82 -26.17 -27.72 14.60
N ILE C 83 -27.44 -27.33 14.75
CA ILE C 83 -27.84 -25.91 14.88
C ILE C 83 -28.26 -25.73 16.32
N ARG C 84 -27.60 -24.86 17.06
CA ARG C 84 -28.07 -24.45 18.39
C ARG C 84 -29.23 -23.48 18.18
N ALA C 85 -28.99 -22.43 17.40
CA ALA C 85 -30.04 -21.44 17.13
C ALA C 85 -29.58 -20.51 16.03
N ILE C 86 -30.55 -19.90 15.35
CA ILE C 86 -30.33 -18.85 14.33
C ILE C 86 -30.89 -17.57 14.91
N TRP C 87 -30.10 -16.50 14.90
CA TRP C 87 -30.51 -15.17 15.38
C TRP C 87 -30.41 -14.18 14.21
N MSE C 88 -31.51 -13.51 13.91
CA MSE C 88 -31.53 -12.46 12.90
C MSE C 88 -32.27 -11.27 13.50
O MSE C 88 -33.39 -11.39 14.03
CB MSE C 88 -32.17 -12.91 11.58
CG MSE C 88 -32.06 -11.87 10.49
SE MSE C 88 -32.71 -12.42 8.72
CE MSE C 88 -31.16 -12.55 7.53
N ALA C 89 -31.63 -10.10 13.42
CA ALA C 89 -32.23 -8.85 13.82
C ALA C 89 -32.57 -8.03 12.58
N ASP C 90 -33.64 -7.24 12.65
CA ASP C 90 -33.93 -6.14 11.70
C ASP C 90 -33.01 -4.96 12.02
N VAL C 91 -32.30 -4.46 11.02
CA VAL C 91 -31.52 -3.20 11.14
C VAL C 91 -32.44 -2.13 11.70
N ALA C 92 -31.90 -1.25 12.56
CA ALA C 92 -32.66 -0.34 13.45
C ALA C 92 -33.65 0.52 12.65
N SER C 93 -33.30 0.89 11.41
CA SER C 93 -34.05 1.86 10.56
C SER C 93 -35.04 1.14 9.64
N MSE C 94 -35.22 -0.17 9.79
CA MSE C 94 -35.96 -0.95 8.82
C MSE C 94 -36.87 -1.99 9.48
O MSE C 94 -36.65 -2.40 10.62
CB MSE C 94 -35.00 -1.71 7.89
CG MSE C 94 -34.05 -0.82 7.21
SE MSE C 94 -32.75 -1.79 6.08
CE MSE C 94 -31.67 -0.24 5.68
N ASN C 95 -37.85 -2.46 8.69
CA ASN C 95 -38.64 -3.63 9.04
C ASN C 95 -39.30 -3.38 10.41
N GLN C 96 -39.30 -4.33 11.34
CA GLN C 96 -40.03 -4.15 12.63
C GLN C 96 -39.25 -3.22 13.57
N SER C 97 -37.91 -3.24 13.51
CA SER C 97 -37.05 -2.31 14.30
C SER C 97 -37.47 -0.87 13.94
N GLY C 98 -37.62 -0.57 12.66
CA GLY C 98 -37.97 0.78 12.16
C GLY C 98 -39.28 1.26 12.76
N ILE C 99 -40.25 0.35 12.90
CA ILE C 99 -41.56 0.65 13.54
C ILE C 99 -41.31 1.05 14.99
N HIS C 100 -40.61 0.23 15.76
CA HIS C 100 -40.29 0.52 17.20
C HIS C 100 -39.54 1.85 17.28
N ASN C 101 -38.64 2.15 16.34
CA ASN C 101 -37.76 3.35 16.40
C ASN C 101 -38.35 4.56 15.64
N GLU C 102 -39.59 4.49 15.15
CA GLU C 102 -40.10 5.44 14.11
C GLU C 102 -40.03 6.91 14.59
N ASP C 103 -40.17 7.19 15.88
CA ASP C 103 -40.12 8.61 16.38
C ASP C 103 -38.69 9.06 16.65
N LYS C 104 -37.67 8.21 16.44
CA LYS C 104 -36.26 8.55 16.73
C LYS C 104 -35.37 8.52 15.47
N LEU C 105 -35.85 7.91 14.38
CA LEU C 105 -35.09 7.80 13.10
C LEU C 105 -35.03 9.15 12.42
N SER C 106 -33.98 9.35 11.63
CA SER C 106 -33.82 10.54 10.78
C SER C 106 -33.08 10.11 9.50
N MSE C 107 -32.73 11.07 8.65
CA MSE C 107 -32.41 10.82 7.26
C MSE C 107 -30.91 10.56 7.08
O MSE C 107 -30.25 11.21 6.28
CB MSE C 107 -32.90 11.99 6.41
CG MSE C 107 -34.40 12.02 6.23
SE MSE C 107 -35.11 10.49 5.19
CE MSE C 107 -35.68 9.17 6.53
N ASP C 108 -30.35 9.54 7.73
CA ASP C 108 -29.03 9.07 7.38
C ASP C 108 -28.89 7.62 7.85
N CYS C 109 -27.84 6.93 7.43
CA CYS C 109 -27.64 5.50 7.76
C CYS C 109 -26.20 5.13 7.49
N SER C 110 -25.52 4.56 8.47
CA SER C 110 -24.19 3.92 8.33
C SER C 110 -24.40 2.41 8.53
N TRP C 111 -23.88 1.61 7.62
CA TRP C 111 -23.94 0.13 7.75
C TRP C 111 -23.15 -0.33 8.99
N MSE C 112 -22.19 0.47 9.44
CA MSE C 112 -21.29 0.07 10.51
C MSE C 112 -22.05 -0.05 11.84
O MSE C 112 -21.65 -0.83 12.73
CB MSE C 112 -20.13 1.09 10.65
CG MSE C 112 -19.29 1.25 9.43
SE MSE C 112 -18.81 -0.53 8.56
CE MSE C 112 -17.48 0.05 7.21
N ASP C 113 -23.12 0.75 11.99
CA ASP C 113 -23.86 0.75 13.23
C ASP C 113 -24.42 -0.64 13.52
N HIS C 114 -24.97 -1.34 12.52
CA HIS C 114 -25.57 -2.67 12.73
C HIS C 114 -24.50 -3.67 13.21
N ALA C 115 -23.25 -3.55 12.75
CA ALA C 115 -22.17 -4.41 13.24
C ALA C 115 -22.00 -4.21 14.75
N ARG C 116 -22.01 -2.95 15.22
CA ARG C 116 -21.88 -2.65 16.68
C ARG C 116 -23.15 -3.13 17.40
N ASP C 117 -24.34 -2.94 16.80
CA ASP C 117 -25.63 -3.41 17.40
C ASP C 117 -25.54 -4.93 17.60
N LEU C 118 -25.04 -5.66 16.61
CA LEU C 118 -24.93 -7.14 16.70
C LEU C 118 -23.90 -7.52 17.78
N LEU C 119 -22.76 -6.82 17.85
CA LEU C 119 -21.74 -7.11 18.90
C LEU C 119 -22.39 -6.99 20.28
N LEU C 120 -23.17 -5.94 20.53
CA LEU C 120 -23.91 -5.76 21.82
C LEU C 120 -24.87 -6.91 22.04
N MSE C 121 -25.67 -7.23 21.01
CA MSE C 121 -26.65 -8.29 21.11
C MSE C 121 -25.99 -9.60 21.53
O MSE C 121 -26.52 -10.33 22.38
CB MSE C 121 -27.36 -8.46 19.76
CG MSE C 121 -28.42 -9.53 19.76
SE MSE C 121 -29.03 -9.99 17.94
CE MSE C 121 -27.65 -11.27 17.36
N ILE C 122 -24.86 -9.94 20.89
CA ILE C 122 -24.14 -11.17 21.21
C ILE C 122 -23.68 -11.16 22.65
N ASN C 123 -23.17 -10.05 23.16
CA ASN C 123 -22.75 -9.93 24.57
C ASN C 123 -23.98 -10.05 25.49
N HIS C 124 -25.12 -9.50 25.09
CA HIS C 124 -26.37 -9.60 25.89
C HIS C 124 -26.78 -11.08 25.98
N PHE C 125 -26.75 -11.84 24.88
CA PHE C 125 -27.26 -13.24 24.87
C PHE C 125 -26.14 -14.25 25.00
N ARG C 126 -24.98 -13.86 25.54
CA ARG C 126 -23.74 -14.71 25.52
C ARG C 126 -23.98 -16.11 26.10
N ASP C 127 -24.79 -16.23 27.14
CA ASP C 127 -25.04 -17.51 27.86
C ASP C 127 -25.70 -18.51 26.90
N GLN C 128 -26.37 -18.04 25.84
CA GLN C 128 -27.04 -18.91 24.83
C GLN C 128 -26.20 -19.06 23.57
N MSE C 129 -24.99 -18.47 23.55
CA MSE C 129 -24.15 -18.41 22.35
C MSE C 129 -22.71 -18.82 22.64
O MSE C 129 -21.76 -18.08 22.40
CB MSE C 129 -24.13 -16.97 21.83
CG MSE C 129 -25.50 -16.44 21.53
SE MSE C 129 -25.34 -14.71 20.69
CE MSE C 129 -27.12 -14.34 19.97
N PRO C 130 -22.47 -20.08 23.06
CA PRO C 130 -21.10 -20.56 23.17
C PRO C 130 -20.54 -20.73 21.75
N ARG C 131 -19.22 -20.88 21.62
CA ARG C 131 -18.60 -21.23 20.34
C ARG C 131 -19.14 -22.59 19.91
N PRO C 132 -19.27 -22.90 18.61
CA PRO C 132 -18.91 -21.99 17.52
C PRO C 132 -20.05 -21.07 17.09
N LEU C 133 -19.69 -19.85 16.72
CA LEU C 133 -20.58 -18.88 16.02
C LEU C 133 -20.22 -18.82 14.55
N VAL C 134 -21.24 -18.67 13.71
CA VAL C 134 -21.09 -18.51 12.23
C VAL C 134 -21.93 -17.32 11.82
N GLY C 135 -21.37 -16.48 10.96
CA GLY C 135 -22.03 -15.29 10.40
C GLY C 135 -22.63 -15.63 9.04
N ILE C 136 -23.86 -15.17 8.80
CA ILE C 136 -24.55 -15.23 7.48
C ILE C 136 -25.00 -13.83 7.15
N GLY C 137 -24.61 -13.33 5.99
CA GLY C 137 -25.01 -12.00 5.54
C GLY C 137 -25.42 -12.01 4.10
N HIS C 138 -26.61 -11.48 3.83
CA HIS C 138 -27.16 -11.27 2.47
C HIS C 138 -27.03 -9.80 2.09
N SER C 139 -26.42 -9.51 0.93
CA SER C 139 -26.47 -8.17 0.30
C SER C 139 -25.73 -7.19 1.21
N PHE C 140 -26.31 -6.07 1.68
CA PHE C 140 -25.53 -5.16 2.56
C PHE C 140 -25.26 -5.87 3.90
N GLY C 141 -26.07 -6.88 4.25
CA GLY C 141 -25.84 -7.73 5.41
C GLY C 141 -24.54 -8.49 5.27
N GLY C 142 -24.15 -8.88 4.06
CA GLY C 142 -22.85 -9.52 3.80
C GLY C 142 -21.73 -8.56 4.15
N ASN C 143 -21.91 -7.28 3.81
CA ASN C 143 -20.93 -6.24 4.18
C ASN C 143 -20.90 -6.07 5.70
N ILE C 144 -22.07 -5.99 6.33
CA ILE C 144 -22.14 -5.73 7.79
C ILE C 144 -21.45 -6.87 8.55
N ILE C 145 -21.76 -8.12 8.20
CA ILE C 145 -21.27 -9.30 8.98
C ILE C 145 -19.74 -9.38 8.83
N THR C 146 -19.20 -8.98 7.68
CA THR C 146 -17.74 -8.93 7.46
C THR C 146 -17.15 -7.85 8.40
N ASN C 147 -17.80 -6.69 8.54
CA ASN C 147 -17.31 -5.60 9.43
C ASN C 147 -17.41 -6.06 10.90
N LEU C 148 -18.41 -6.85 11.26
CA LEU C 148 -18.48 -7.43 12.62
C LEU C 148 -17.27 -8.35 12.86
N ALA C 149 -16.88 -9.17 11.86
CA ALA C 149 -15.66 -9.99 11.93
C ALA C 149 -14.39 -9.10 12.05
N TYR C 150 -14.37 -7.90 11.44
CA TYR C 150 -13.28 -6.91 11.61
C TYR C 150 -13.28 -6.38 13.05
N LEU C 151 -14.45 -6.17 13.66
CA LEU C 151 -14.55 -5.65 15.06
C LEU C 151 -14.06 -6.73 16.04
N HIS C 152 -14.23 -8.02 15.72
CA HIS C 152 -13.96 -9.14 16.65
C HIS C 152 -13.49 -10.36 15.85
N PRO C 153 -12.20 -10.36 15.43
CA PRO C 153 -11.70 -11.33 14.47
C PRO C 153 -11.93 -12.81 14.82
N ARG C 154 -11.82 -13.19 16.10
CA ARG C 154 -11.94 -14.62 16.50
C ARG C 154 -13.39 -14.96 16.84
N LEU C 155 -14.33 -14.02 16.75
CA LEU C 155 -15.74 -14.27 17.12
C LEU C 155 -16.36 -15.40 16.27
N PHE C 156 -16.24 -15.32 14.95
CA PHE C 156 -16.89 -16.26 14.01
C PHE C 156 -15.88 -17.32 13.55
N THR C 157 -16.33 -18.57 13.52
CA THR C 157 -15.55 -19.72 12.99
C THR C 157 -15.55 -19.60 11.47
N THR C 158 -16.65 -19.18 10.86
CA THR C 158 -16.72 -19.00 9.39
C THR C 158 -17.83 -18.01 9.09
N LEU C 159 -17.77 -17.48 7.88
CA LEU C 159 -18.79 -16.57 7.33
C LEU C 159 -19.37 -17.21 6.05
N LEU C 160 -20.67 -17.04 5.89
CA LEU C 160 -21.42 -17.35 4.66
C LEU C 160 -21.92 -16.01 4.10
N LEU C 161 -21.31 -15.51 3.03
CA LEU C 161 -21.73 -14.27 2.37
C LEU C 161 -22.59 -14.64 1.15
N LEU C 162 -23.81 -14.10 1.09
CA LEU C 162 -24.78 -14.30 -0.02
C LEU C 162 -24.89 -12.99 -0.78
N ASP C 163 -24.25 -12.93 -1.95
CA ASP C 163 -24.18 -11.72 -2.79
C ASP C 163 -23.84 -10.50 -1.94
N PRO C 164 -22.69 -10.51 -1.23
CA PRO C 164 -22.32 -9.39 -0.38
C PRO C 164 -21.98 -8.11 -1.15
N LEU C 165 -22.41 -6.97 -0.63
CA LEU C 165 -22.09 -5.65 -1.24
C LEU C 165 -20.69 -5.25 -0.77
N ILE C 166 -19.68 -5.86 -1.37
CA ILE C 166 -18.24 -5.61 -1.10
C ILE C 166 -17.56 -5.50 -2.46
N GLN C 167 -17.23 -4.28 -2.85
CA GLN C 167 -16.65 -3.97 -4.18
C GLN C 167 -16.06 -2.57 -4.10
N LEU C 168 -15.31 -2.18 -5.12
CA LEU C 168 -14.63 -0.87 -5.18
C LEU C 168 -15.50 0.17 -5.88
N SER C 169 -16.22 -0.20 -6.92
CA SER C 169 -16.90 0.75 -7.83
C SER C 169 -18.19 1.28 -7.19
N PRO C 170 -18.47 2.59 -7.34
CA PRO C 170 -19.78 3.12 -6.99
C PRO C 170 -20.85 2.35 -7.75
N PRO C 171 -22.08 2.24 -7.23
CA PRO C 171 -23.17 1.68 -8.02
C PRO C 171 -23.52 2.64 -9.18
N SER C 172 -24.20 2.12 -10.21
CA SER C 172 -24.75 2.94 -11.31
C SER C 172 -25.89 3.79 -10.74
N LEU C 173 -25.97 5.08 -11.10
CA LEU C 173 -26.96 6.03 -10.55
C LEU C 173 -27.56 6.91 -11.64
N GLY C 174 -27.47 6.48 -12.90
CA GLY C 174 -27.99 7.22 -14.06
C GLY C 174 -27.23 8.50 -14.35
N PHE C 175 -26.03 8.71 -13.79
CA PHE C 175 -25.20 9.90 -14.15
C PHE C 175 -24.67 9.76 -15.58
N GLY C 176 -24.64 10.86 -16.34
CA GLY C 176 -24.15 10.88 -17.74
C GLY C 176 -24.90 9.88 -18.60
N THR C 177 -24.19 8.93 -19.21
CA THR C 177 -24.80 7.88 -20.06
C THR C 177 -25.20 6.66 -19.22
N ASP C 178 -24.87 6.59 -17.93
CA ASP C 178 -25.12 5.35 -17.15
C ASP C 178 -26.62 5.07 -17.09
N ALA C 179 -27.00 3.78 -17.09
CA ALA C 179 -28.38 3.32 -16.79
C ALA C 179 -28.73 3.72 -15.36
N PRO C 180 -29.97 4.15 -15.08
CA PRO C 180 -30.46 4.23 -13.70
C PRO C 180 -30.45 2.82 -13.10
N SER C 181 -30.20 2.71 -11.79
CA SER C 181 -30.22 1.42 -11.05
C SER C 181 -31.47 1.32 -10.16
N ALA C 182 -31.56 0.27 -9.34
CA ALA C 182 -32.62 0.11 -8.31
C ALA C 182 -32.62 1.32 -7.36
N ILE C 183 -31.50 2.03 -7.23
CA ILE C 183 -31.39 3.19 -6.30
C ILE C 183 -32.22 4.35 -6.87
N ASN C 184 -32.10 4.64 -8.17
CA ASN C 184 -32.98 5.61 -8.88
C ASN C 184 -34.44 5.24 -8.63
N TYR C 185 -34.77 3.97 -8.81
CA TYR C 185 -36.15 3.45 -8.62
C TYR C 185 -36.61 3.77 -7.19
N THR C 186 -35.74 3.53 -6.19
CA THR C 186 -36.09 3.70 -4.76
C THR C 186 -36.59 5.13 -4.49
N LEU C 187 -35.89 6.16 -4.99
CA LEU C 187 -36.25 7.55 -4.68
C LEU C 187 -37.63 7.88 -5.27
N TRP C 188 -37.90 7.40 -6.49
CA TRP C 188 -39.03 7.90 -7.33
C TRP C 188 -40.28 7.00 -7.19
N ARG C 189 -40.16 5.83 -6.55
CA ARG C 189 -41.22 4.80 -6.58
C ARG C 189 -42.47 5.28 -5.81
N ASP C 190 -43.64 4.79 -6.22
CA ASP C 190 -44.87 4.88 -5.41
C ASP C 190 -44.60 4.24 -4.05
N ASP C 191 -45.17 4.76 -2.98
CA ASP C 191 -44.94 4.19 -1.62
C ASP C 191 -46.24 4.15 -0.79
N VAL C 192 -47.40 4.36 -1.41
CA VAL C 192 -48.72 4.22 -0.73
C VAL C 192 -49.79 3.82 -1.76
N TRP C 193 -50.73 2.98 -1.34
CA TRP C 193 -51.73 2.28 -2.20
C TRP C 193 -53.08 2.20 -1.48
N PRO C 194 -54.21 2.15 -2.22
CA PRO C 194 -55.54 2.11 -1.61
C PRO C 194 -55.83 0.80 -0.88
N SER C 195 -55.08 -0.26 -1.18
CA SER C 195 -55.28 -1.59 -0.55
C SER C 195 -53.97 -2.39 -0.60
N ARG C 196 -53.85 -3.41 0.23
CA ARG C 196 -52.70 -4.34 0.23
C ARG C 196 -52.66 -5.10 -1.10
N GLU C 197 -53.82 -5.48 -1.65
CA GLU C 197 -53.89 -6.20 -2.95
C GLU C 197 -53.25 -5.34 -4.02
N VAL C 198 -53.56 -4.05 -4.05
CA VAL C 198 -52.98 -3.15 -5.11
C VAL C 198 -51.47 -2.97 -4.84
N ALA C 199 -51.07 -2.83 -3.59
CA ALA C 199 -49.64 -2.70 -3.20
C ALA C 199 -48.85 -3.92 -3.69
N ILE C 200 -49.39 -5.12 -3.52
CA ILE C 200 -48.70 -6.38 -3.95
C ILE C 200 -48.42 -6.29 -5.45
N ARG C 201 -49.44 -5.92 -6.23
CA ARG C 201 -49.36 -5.82 -7.71
C ARG C 201 -48.32 -4.77 -8.11
N ALA C 202 -48.30 -3.62 -7.44
CA ALA C 202 -47.31 -2.55 -7.67
C ALA C 202 -45.88 -3.00 -7.35
N ASN C 203 -45.70 -4.09 -6.59
CA ASN C 203 -44.34 -4.52 -6.17
C ASN C 203 -44.00 -5.88 -6.82
N ARG C 204 -44.61 -6.21 -7.95
CA ARG C 204 -44.48 -7.52 -8.64
C ARG C 204 -43.03 -7.83 -9.04
N ALA C 205 -42.22 -6.83 -9.41
CA ALA C 205 -40.82 -7.06 -9.88
C ALA C 205 -39.99 -7.76 -8.78
N ILE C 206 -40.06 -7.27 -7.54
CA ILE C 206 -39.30 -7.81 -6.39
C ILE C 206 -39.83 -9.20 -6.00
N MSE C 207 -41.09 -9.49 -6.31
CA MSE C 207 -41.72 -10.73 -5.87
C MSE C 207 -41.67 -11.84 -6.91
O MSE C 207 -41.99 -12.99 -6.60
CB MSE C 207 -43.15 -10.45 -5.44
CG MSE C 207 -43.15 -9.63 -4.20
SE MSE C 207 -44.89 -9.27 -3.50
CE MSE C 207 -45.95 -10.90 -3.42
N GLN C 208 -41.26 -11.50 -8.14
CA GLN C 208 -41.30 -12.46 -9.23
C GLN C 208 -40.38 -13.65 -8.90
N GLY C 209 -40.87 -14.88 -9.03
CA GLY C 209 -40.08 -16.10 -8.81
C GLY C 209 -39.83 -16.42 -7.34
N MSE C 210 -40.44 -15.66 -6.41
CA MSE C 210 -40.21 -15.96 -5.00
C MSE C 210 -40.90 -17.28 -4.65
O MSE C 210 -42.01 -17.55 -5.09
CB MSE C 210 -40.73 -14.87 -4.08
CG MSE C 210 -39.72 -13.78 -3.82
SE MSE C 210 -40.44 -12.59 -2.42
CE MSE C 210 -39.04 -11.29 -2.19
N ASP C 211 -40.25 -18.08 -3.81
CA ASP C 211 -40.86 -19.22 -3.16
C ASP C 211 -42.19 -18.80 -2.54
N PRO C 212 -43.29 -19.60 -2.65
CA PRO C 212 -44.58 -19.21 -2.08
C PRO C 212 -44.53 -18.88 -0.58
N ARG C 213 -43.64 -19.55 0.17
CA ARG C 213 -43.48 -19.28 1.62
C ARG C 213 -42.93 -17.86 1.80
N CYS C 214 -42.11 -17.37 0.87
CA CYS C 214 -41.53 -16.00 0.91
C CYS C 214 -42.59 -15.00 0.48
N LEU C 215 -43.45 -15.37 -0.47
CA LEU C 215 -44.56 -14.50 -0.96
C LEU C 215 -45.48 -14.19 0.21
N ASP C 216 -45.88 -15.19 1.02
CA ASP C 216 -46.81 -14.95 2.15
C ASP C 216 -46.16 -13.96 3.14
N ARG C 217 -44.86 -14.10 3.38
CA ARG C 217 -44.13 -13.23 4.34
C ARG C 217 -44.00 -11.83 3.79
N MSE C 218 -43.82 -11.70 2.47
CA MSE C 218 -43.76 -10.40 1.81
C MSE C 218 -45.07 -9.66 2.01
O MSE C 218 -45.09 -8.51 2.45
CB MSE C 218 -43.48 -10.57 0.31
CG MSE C 218 -42.06 -10.57 -0.11
SE MSE C 218 -41.02 -8.97 0.37
CE MSE C 218 -41.21 -7.61 -1.01
N THR C 219 -46.20 -10.30 1.68
CA THR C 219 -47.49 -9.61 1.69
C THR C 219 -47.84 -9.22 3.12
N LYS C 220 -47.41 -9.97 4.13
CA LYS C 220 -47.62 -9.64 5.56
C LYS C 220 -46.67 -8.53 6.05
N HIS C 221 -45.37 -8.60 5.75
CA HIS C 221 -44.34 -7.79 6.45
C HIS C 221 -43.90 -6.58 5.62
N PHE C 222 -43.99 -6.66 4.28
CA PHE C 222 -43.42 -5.61 3.40
C PHE C 222 -44.33 -4.38 3.41
N PHE C 223 -45.61 -4.53 3.77
CA PHE C 223 -46.61 -3.43 3.78
C PHE C 223 -47.17 -3.26 5.17
N ARG C 224 -47.54 -2.02 5.48
CA ARG C 224 -48.10 -1.61 6.78
C ARG C 224 -49.37 -0.75 6.55
N ASP C 225 -50.43 -1.05 7.31
CA ASP C 225 -51.69 -0.25 7.26
C ASP C 225 -51.39 1.16 7.75
N LEU C 226 -51.93 2.16 7.07
CA LEU C 226 -51.98 3.53 7.59
C LEU C 226 -52.78 3.48 8.88
N PRO C 227 -52.60 4.42 9.84
CA PRO C 227 -51.64 5.50 9.70
C PRO C 227 -50.20 5.12 10.11
N THR C 228 -49.21 5.81 9.53
CA THR C 228 -47.78 5.78 9.94
C THR C 228 -47.32 7.23 10.06
N PRO C 229 -46.15 7.51 10.67
CA PRO C 229 -45.62 8.88 10.68
C PRO C 229 -45.58 9.55 9.28
N LEU C 230 -45.15 8.82 8.25
CA LEU C 230 -45.04 9.40 6.90
C LEU C 230 -46.43 9.69 6.33
N TYR C 231 -47.41 8.84 6.64
CA TYR C 231 -48.81 8.91 6.14
C TYR C 231 -49.75 8.81 7.33
N PRO C 232 -49.85 9.90 8.13
CA PRO C 232 -50.60 9.85 9.39
C PRO C 232 -52.13 10.03 9.26
N ASP C 233 -52.64 10.26 8.03
CA ASP C 233 -54.08 10.58 7.82
C ASP C 233 -54.71 9.58 6.85
N VAL C 234 -55.40 8.57 7.39
CA VAL C 234 -56.08 7.50 6.62
C VAL C 234 -57.07 8.15 5.65
N GLU C 235 -57.92 9.04 6.15
CA GLU C 235 -59.07 9.57 5.35
C GLU C 235 -58.55 10.44 4.20
N ALA C 236 -57.49 11.22 4.42
CA ALA C 236 -56.91 12.04 3.34
C ALA C 236 -56.44 11.13 2.20
N ILE C 237 -55.89 9.94 2.51
CA ILE C 237 -55.36 9.01 1.49
C ILE C 237 -56.53 8.30 0.80
N LYS C 238 -57.56 7.89 1.53
CA LYS C 238 -58.76 7.29 0.90
C LYS C 238 -59.38 8.33 -0.05
N ALA C 239 -59.40 9.61 0.34
CA ALA C 239 -59.91 10.70 -0.52
C ALA C 239 -59.04 10.80 -1.78
N LEU C 240 -57.71 10.80 -1.63
CA LEU C 240 -56.78 10.89 -2.79
C LEU C 240 -57.10 9.77 -3.79
N PHE C 241 -57.37 8.56 -3.32
CA PHE C 241 -57.57 7.39 -4.21
C PHE C 241 -59.06 7.21 -4.56
N GLY C 242 -59.96 8.04 -3.99
CA GLY C 242 -61.42 7.97 -4.20
C GLY C 242 -62.03 6.71 -3.61
N THR C 243 -61.58 6.23 -2.46
CA THR C 243 -62.07 4.96 -1.85
C THR C 243 -62.77 5.29 -0.53
N THR C 244 -63.14 6.56 -0.28
CA THR C 244 -63.77 7.02 0.99
C THR C 244 -65.04 6.21 1.31
N ALA C 245 -65.77 5.76 0.29
CA ALA C 245 -67.06 5.03 0.46
C ALA C 245 -66.80 3.56 0.76
N ASP C 246 -65.58 3.06 0.54
CA ASP C 246 -65.30 1.62 0.66
C ASP C 246 -64.74 1.33 2.06
N SER C 247 -65.62 0.96 3.00
CA SER C 247 -65.29 0.61 4.41
C SER C 247 -64.43 -0.66 4.49
N THR C 248 -64.40 -1.51 3.47
CA THR C 248 -63.69 -2.82 3.50
C THR C 248 -62.21 -2.71 3.06
N THR C 249 -61.71 -1.58 2.55
CA THR C 249 -60.29 -1.46 2.10
C THR C 249 -59.54 -0.44 2.96
N THR C 250 -58.36 -0.78 3.48
CA THR C 250 -57.46 0.13 4.24
C THR C 250 -56.22 0.40 3.40
N PRO C 251 -55.84 1.67 3.20
CA PRO C 251 -54.62 1.97 2.47
C PRO C 251 -53.40 1.42 3.23
N VAL C 252 -52.37 1.02 2.46
CA VAL C 252 -51.08 0.54 3.03
C VAL C 252 -49.94 1.38 2.44
N THR C 253 -48.82 1.40 3.17
CA THR C 253 -47.54 2.00 2.73
C THR C 253 -46.42 0.95 2.92
N LEU C 254 -45.23 1.25 2.42
CA LEU C 254 -44.02 0.43 2.63
C LEU C 254 -43.70 0.40 4.13
N THR C 255 -43.61 -0.78 4.73
CA THR C 255 -43.20 -0.96 6.15
C THR C 255 -41.87 -0.24 6.36
N THR C 256 -40.88 -0.50 5.50
CA THR C 256 -39.64 0.30 5.46
C THR C 256 -39.87 1.46 4.50
N PRO C 257 -39.96 2.71 4.99
CA PRO C 257 -40.15 3.85 4.11
C PRO C 257 -39.09 3.82 3.01
N LYS C 258 -39.49 4.20 1.80
CA LYS C 258 -38.55 4.21 0.66
C LYS C 258 -37.33 5.05 1.03
N TYR C 259 -37.51 6.07 1.87
CA TYR C 259 -36.43 7.02 2.24
C TYR C 259 -35.38 6.27 3.10
N HIS C 260 -35.80 5.33 3.93
CA HIS C 260 -34.87 4.53 4.78
C HIS C 260 -34.14 3.50 3.92
N GLU C 261 -34.79 2.92 2.91
CA GLU C 261 -34.06 2.10 1.92
C GLU C 261 -33.03 3.00 1.25
N LEU C 262 -33.45 4.19 0.80
CA LEU C 262 -32.61 5.05 -0.06
C LEU C 262 -31.33 5.44 0.69
N VAL C 263 -31.43 5.96 1.90
CA VAL C 263 -30.24 6.49 2.63
C VAL C 263 -29.32 5.34 3.11
N ALA C 264 -29.78 4.09 3.06
CA ALA C 264 -28.94 2.87 3.28
C ALA C 264 -28.26 2.48 1.96
N GLN C 265 -28.93 2.64 0.83
CA GLN C 265 -28.36 2.28 -0.50
C GLN C 265 -27.29 3.28 -0.91
N ILE C 266 -27.44 4.55 -0.53
CA ILE C 266 -26.55 5.62 -1.06
C ILE C 266 -26.61 6.80 -0.09
N ARG C 267 -25.54 7.59 -0.05
CA ARG C 267 -25.41 8.72 0.88
C ARG C 267 -25.15 9.98 0.08
N GLN C 268 -25.77 11.08 0.50
CA GLN C 268 -25.54 12.40 -0.16
C GLN C 268 -24.05 12.76 -0.06
N ASN C 269 -23.53 13.31 -1.14
CA ASN C 269 -22.21 13.97 -1.28
C ASN C 269 -22.45 15.33 -1.98
N PHE C 270 -23.23 16.19 -1.36
CA PHE C 270 -23.74 17.46 -1.98
C PHE C 270 -22.74 18.63 -1.80
N ASN C 271 -21.58 18.43 -1.16
CA ASN C 271 -20.68 19.56 -0.82
C ASN C 271 -19.21 19.17 -1.06
N ALA C 272 -18.86 18.46 -2.13
CA ALA C 272 -17.48 17.92 -2.29
C ALA C 272 -16.54 18.88 -3.04
N ARG C 273 -17.09 19.86 -3.77
CA ARG C 273 -16.29 20.72 -4.70
C ARG C 273 -16.13 22.13 -4.12
N ASP C 274 -14.89 22.59 -3.99
CA ASP C 274 -14.58 24.03 -3.77
C ASP C 274 -15.22 24.83 -4.92
N PRO C 275 -16.16 25.76 -4.66
CA PRO C 275 -16.89 26.43 -5.75
C PRO C 275 -15.96 27.27 -6.63
N LYS C 276 -14.79 27.69 -6.12
CA LYS C 276 -13.84 28.61 -6.82
C LYS C 276 -12.85 27.81 -7.69
N THR C 277 -12.19 26.77 -7.15
CA THR C 277 -11.26 25.93 -7.95
C THR C 277 -12.05 24.88 -8.74
N GLY C 278 -13.28 24.52 -8.33
CA GLY C 278 -14.02 23.34 -8.83
C GLY C 278 -13.36 22.02 -8.42
N ARG C 279 -12.33 22.09 -7.56
CA ARG C 279 -11.56 20.91 -7.12
C ARG C 279 -12.33 20.19 -6.01
N ILE C 280 -12.30 18.85 -6.05
CA ILE C 280 -12.79 18.00 -4.93
C ILE C 280 -11.93 18.32 -3.70
N GLU C 281 -12.58 18.69 -2.60
CA GLU C 281 -11.98 18.79 -1.25
C GLU C 281 -12.93 18.05 -0.32
N VAL C 282 -12.53 16.88 0.19
CA VAL C 282 -13.42 16.07 1.07
C VAL C 282 -13.71 16.89 2.32
N PRO C 283 -14.98 17.17 2.66
CA PRO C 283 -15.28 17.88 3.90
C PRO C 283 -15.24 16.89 5.07
N ARG C 284 -14.25 17.03 5.93
CA ARG C 284 -13.91 15.99 6.97
C ARG C 284 -14.95 15.98 8.08
N ASP C 285 -15.66 17.09 8.30
CA ASP C 285 -16.68 17.19 9.37
C ASP C 285 -17.84 16.22 9.06
N THR C 286 -18.18 15.97 7.80
CA THR C 286 -19.36 15.15 7.41
C THR C 286 -18.98 13.92 6.59
N HIS C 287 -17.88 13.96 5.83
CA HIS C 287 -17.50 12.95 4.82
C HIS C 287 -16.04 12.51 5.00
N ALA C 288 -15.52 12.44 6.23
CA ALA C 288 -14.14 11.96 6.47
C ALA C 288 -13.97 10.56 5.88
N ASP C 289 -15.04 9.75 5.82
CA ASP C 289 -14.99 8.33 5.37
C ASP C 289 -15.05 8.21 3.84
N MSE C 290 -15.04 9.35 3.11
CA MSE C 290 -15.17 9.32 1.66
C MSE C 290 -13.80 9.36 0.98
O MSE C 290 -12.98 10.22 1.25
CB MSE C 290 -16.00 10.48 1.14
CG MSE C 290 -16.27 10.43 -0.36
SE MSE C 290 -17.63 11.70 -0.88
CE MSE C 290 -16.65 13.29 -0.27
N ASP C 291 -13.58 8.38 0.10
CA ASP C 291 -12.42 8.37 -0.77
C ASP C 291 -12.56 9.52 -1.76
N PRO C 292 -11.59 10.45 -1.86
CA PRO C 292 -11.67 11.55 -2.83
C PRO C 292 -11.89 11.06 -4.28
N LEU C 293 -11.34 9.89 -4.62
CA LEU C 293 -11.49 9.29 -5.96
C LEU C 293 -12.95 8.98 -6.31
N VAL C 294 -13.87 8.85 -5.34
CA VAL C 294 -15.30 8.53 -5.64
C VAL C 294 -16.18 9.78 -5.43
N ALA C 295 -15.59 10.94 -5.11
CA ALA C 295 -16.31 12.16 -4.69
C ALA C 295 -16.71 13.01 -5.91
N TYR C 296 -16.48 12.52 -7.14
CA TYR C 296 -16.66 13.24 -8.42
C TYR C 296 -18.15 13.30 -8.74
N ILE C 297 -18.95 12.45 -8.09
CA ILE C 297 -20.43 12.45 -8.20
C ILE C 297 -21.00 12.77 -6.83
N PRO C 298 -22.19 13.40 -6.81
CA PRO C 298 -22.79 13.90 -5.57
C PRO C 298 -23.54 12.86 -4.73
N LEU C 299 -23.20 11.58 -4.94
CA LEU C 299 -23.73 10.44 -4.16
C LEU C 299 -22.59 9.44 -3.98
N TYR C 300 -22.53 8.77 -2.84
CA TYR C 300 -21.46 7.75 -2.60
C TYR C 300 -21.95 6.72 -1.59
N ARG C 301 -21.22 5.62 -1.49
CA ARG C 301 -21.44 4.55 -0.49
C ARG C 301 -20.07 4.10 -0.04
N PRO C 302 -19.63 4.51 1.17
CA PRO C 302 -18.25 4.24 1.58
C PRO C 302 -17.92 2.77 1.92
N GLU C 303 -18.89 2.02 2.44
CA GLU C 303 -18.64 0.72 3.14
C GLU C 303 -18.22 -0.38 2.18
N PRO C 304 -18.80 -0.53 0.95
CA PRO C 304 -18.36 -1.59 0.07
C PRO C 304 -16.85 -1.45 -0.18
N ARG C 305 -16.40 -0.22 -0.42
CA ARG C 305 -15.00 0.06 -0.82
C ARG C 305 -14.07 -0.09 0.40
N SER C 306 -14.40 0.47 1.56
CA SER C 306 -13.55 0.34 2.78
C SER C 306 -13.43 -1.14 3.15
N THR C 307 -14.53 -1.88 3.05
CA THR C 307 -14.59 -3.30 3.44
C THR C 307 -13.71 -4.12 2.49
N PHE C 308 -13.81 -3.85 1.20
CA PHE C 308 -12.99 -4.54 0.16
C PHE C 308 -11.51 -4.38 0.51
N ARG C 309 -11.11 -3.16 0.87
CA ARG C 309 -9.69 -2.81 1.10
C ARG C 309 -9.13 -3.48 2.35
N ARG C 310 -9.96 -3.99 3.26
CA ARG C 310 -9.46 -4.68 4.48
C ARG C 310 -9.60 -6.20 4.34
N LEU C 311 -10.08 -6.70 3.20
CA LEU C 311 -10.37 -8.16 3.05
C LEU C 311 -9.16 -9.05 3.37
N GLU C 312 -7.95 -8.61 3.07
CA GLU C 312 -6.73 -9.41 3.34
C GLU C 312 -6.61 -9.73 4.84
N THR C 313 -7.22 -8.90 5.70
CA THR C 313 -7.14 -9.07 7.17
C THR C 313 -8.26 -9.98 7.70
N LEU C 314 -9.23 -10.39 6.88
CA LEU C 314 -10.44 -11.12 7.38
C LEU C 314 -10.02 -12.45 8.02
N ARG C 315 -10.29 -12.59 9.31
CA ARG C 315 -9.81 -13.77 10.11
C ARG C 315 -10.66 -15.02 9.83
N PRO C 316 -12.00 -15.01 9.93
CA PRO C 316 -12.74 -16.24 9.66
C PRO C 316 -12.55 -16.73 8.22
N SER C 317 -12.60 -18.05 8.05
CA SER C 317 -12.81 -18.67 6.72
C SER C 317 -14.08 -18.05 6.13
N CYS C 318 -14.21 -18.04 4.82
CA CYS C 318 -15.28 -17.27 4.16
C CYS C 318 -15.76 -17.98 2.88
N LEU C 319 -17.06 -18.27 2.83
CA LEU C 319 -17.77 -18.74 1.61
C LEU C 319 -18.44 -17.54 0.93
N TRP C 320 -18.10 -17.31 -0.34
CA TRP C 320 -18.70 -16.23 -1.15
C TRP C 320 -19.65 -16.87 -2.17
N VAL C 321 -20.95 -16.79 -1.91
CA VAL C 321 -21.99 -17.28 -2.82
C VAL C 321 -22.44 -16.11 -3.69
N ILE C 322 -22.14 -16.15 -4.98
CA ILE C 322 -22.40 -15.04 -5.92
C ILE C 322 -23.48 -15.45 -6.91
N ALA C 323 -24.53 -14.64 -7.05
CA ALA C 323 -25.58 -14.80 -8.08
C ALA C 323 -24.96 -14.45 -9.43
N GLY C 324 -25.00 -15.38 -10.39
CA GLY C 324 -24.50 -15.13 -11.76
C GLY C 324 -25.24 -13.97 -12.43
N ALA C 325 -26.54 -13.81 -12.17
CA ALA C 325 -27.37 -12.74 -12.74
C ALA C 325 -27.62 -11.66 -11.69
N THR C 326 -26.55 -11.11 -11.12
CA THR C 326 -26.58 -10.10 -10.02
C THR C 326 -26.42 -8.70 -10.64
N PHE C 327 -26.55 -7.63 -9.88
CA PHE C 327 -26.20 -6.26 -10.28
C PHE C 327 -24.83 -5.88 -9.71
N LEU C 328 -24.26 -6.74 -8.86
CA LEU C 328 -22.94 -6.42 -8.25
C LEU C 328 -21.87 -6.46 -9.34
N ASN C 329 -20.76 -5.79 -9.07
CA ASN C 329 -19.57 -5.86 -9.94
C ASN C 329 -18.89 -7.19 -9.64
N ILE C 330 -19.33 -8.21 -10.34
CA ILE C 330 -18.90 -9.60 -10.09
C ILE C 330 -17.37 -9.74 -10.28
N ASP C 331 -16.77 -9.05 -11.26
CA ASP C 331 -15.30 -9.18 -11.50
C ASP C 331 -14.51 -8.58 -10.32
N GLU C 332 -14.97 -7.46 -9.75
CA GLU C 332 -14.34 -6.87 -8.55
C GLU C 332 -14.51 -7.85 -7.40
N ILE C 333 -15.71 -8.42 -7.22
CA ILE C 333 -15.97 -9.37 -6.11
C ILE C 333 -14.97 -10.52 -6.22
N ARG C 334 -14.70 -11.04 -7.41
CA ARG C 334 -13.81 -12.22 -7.55
C ARG C 334 -12.36 -11.84 -7.26
N GLU C 335 -11.96 -10.58 -7.46
CA GLU C 335 -10.64 -10.09 -6.97
C GLU C 335 -10.66 -10.06 -5.44
N GLY C 336 -11.75 -9.62 -4.82
CA GLY C 336 -11.93 -9.64 -3.36
C GLY C 336 -11.75 -11.05 -2.82
N VAL C 337 -12.38 -12.03 -3.45
CA VAL C 337 -12.23 -13.46 -3.05
C VAL C 337 -10.74 -13.83 -3.06
N LYS C 338 -10.02 -13.48 -4.13
CA LYS C 338 -8.59 -13.83 -4.26
C LYS C 338 -7.77 -13.22 -3.13
N ILE C 339 -8.07 -12.01 -2.67
CA ILE C 339 -7.27 -11.30 -1.61
C ILE C 339 -7.74 -11.73 -0.21
N CYS C 340 -8.98 -12.19 -0.10
CA CYS C 340 -9.65 -12.45 1.20
C CYS C 340 -8.77 -13.33 2.11
N GLY C 341 -8.36 -12.79 3.25
CA GLY C 341 -7.66 -13.52 4.31
C GLY C 341 -6.21 -13.82 3.98
N SER C 342 -5.64 -13.20 2.94
CA SER C 342 -4.29 -13.55 2.43
C SER C 342 -3.23 -12.77 3.21
N GLY C 343 -3.60 -11.77 4.02
CA GLY C 343 -2.60 -10.91 4.68
C GLY C 343 -2.63 -11.04 6.19
N ILE C 344 -2.16 -9.99 6.87
CA ILE C 344 -1.90 -10.04 8.33
C ILE C 344 -3.27 -9.98 9.02
N GLY C 345 -3.51 -10.91 9.94
CA GLY C 345 -4.81 -11.09 10.59
C GLY C 345 -5.71 -12.09 9.85
N GLY C 346 -5.33 -12.47 8.64
CA GLY C 346 -6.19 -13.24 7.72
C GLY C 346 -6.24 -14.73 8.04
N SER C 347 -7.29 -15.39 7.56
CA SER C 347 -7.51 -16.85 7.61
C SER C 347 -6.35 -17.62 6.95
N GLY C 348 -5.68 -17.01 5.98
CA GLY C 348 -4.82 -17.75 5.02
C GLY C 348 -5.42 -17.79 3.62
N GLY C 349 -6.71 -17.56 3.49
CA GLY C 349 -7.35 -17.33 2.19
C GLY C 349 -7.36 -18.53 1.27
N VAL C 350 -7.51 -18.26 -0.02
CA VAL C 350 -7.66 -19.27 -1.09
C VAL C 350 -6.47 -20.22 -1.06
N PRO C 351 -5.19 -19.78 -0.98
CA PRO C 351 -4.08 -20.74 -0.97
C PRO C 351 -4.19 -21.81 0.13
N ASP C 352 -4.79 -21.50 1.28
CA ASP C 352 -4.90 -22.45 2.42
C ASP C 352 -6.28 -23.14 2.40
N GLY C 353 -7.10 -22.95 1.38
CA GLY C 353 -8.44 -23.53 1.31
C GLY C 353 -9.40 -22.95 2.34
N ARG C 354 -9.19 -21.69 2.81
CA ARG C 354 -10.04 -21.08 3.86
C ARG C 354 -11.06 -20.11 3.24
N VAL C 355 -10.99 -19.92 1.93
CA VAL C 355 -11.92 -19.02 1.17
C VAL C 355 -12.34 -19.75 -0.10
N ARG C 356 -13.62 -19.78 -0.39
CA ARG C 356 -14.17 -20.40 -1.62
C ARG C 356 -15.22 -19.49 -2.21
N GLU C 357 -15.21 -19.34 -3.54
CA GLU C 357 -16.33 -18.72 -4.28
C GLU C 357 -17.19 -19.81 -4.90
N VAL C 358 -18.50 -19.62 -4.87
CA VAL C 358 -19.47 -20.39 -5.68
C VAL C 358 -20.31 -19.37 -6.43
N VAL C 359 -20.14 -19.32 -7.76
CA VAL C 359 -20.99 -18.48 -8.66
C VAL C 359 -22.11 -19.39 -9.16
N LEU C 360 -23.38 -19.05 -8.88
CA LEU C 360 -24.56 -19.82 -9.30
C LEU C 360 -25.14 -19.17 -10.57
N PRO C 361 -24.87 -19.74 -11.77
CA PRO C 361 -25.31 -19.14 -13.03
C PRO C 361 -26.85 -19.05 -13.09
N GLY C 362 -27.38 -17.92 -13.55
CA GLY C 362 -28.82 -17.71 -13.71
C GLY C 362 -29.55 -17.39 -12.41
N PHE C 363 -28.89 -17.42 -11.25
CA PHE C 363 -29.51 -17.00 -9.97
C PHE C 363 -29.42 -15.48 -9.89
N GLY C 364 -30.37 -14.87 -9.21
CA GLY C 364 -30.38 -13.41 -8.98
C GLY C 364 -30.08 -13.06 -7.53
N HIS C 365 -29.97 -11.79 -7.23
CA HIS C 365 -29.70 -11.20 -5.90
C HIS C 365 -30.67 -11.77 -4.85
N LEU C 366 -31.92 -12.06 -5.23
CA LEU C 366 -32.98 -12.56 -4.31
C LEU C 366 -33.00 -14.08 -4.26
N MSE C 367 -31.87 -14.71 -4.59
CA MSE C 367 -31.75 -16.16 -4.53
C MSE C 367 -32.11 -16.77 -3.17
O MSE C 367 -32.63 -17.88 -3.14
CB MSE C 367 -30.35 -16.62 -4.98
CG MSE C 367 -29.21 -16.15 -4.10
SE MSE C 367 -27.49 -16.72 -4.83
CE MSE C 367 -26.31 -15.38 -3.94
N PRO C 368 -31.88 -16.11 -1.99
CA PRO C 368 -32.28 -16.71 -0.72
C PRO C 368 -33.79 -16.93 -0.57
N PHE C 369 -34.57 -16.26 -1.43
CA PHE C 369 -36.06 -16.34 -1.47
C PHE C 369 -36.57 -17.06 -2.73
N GLN C 370 -35.73 -17.16 -3.77
CA GLN C 370 -36.12 -17.74 -5.10
C GLN C 370 -35.53 -19.15 -5.28
N GLU C 371 -34.41 -19.48 -4.64
CA GLU C 371 -33.67 -20.75 -4.87
C GLU C 371 -33.26 -21.31 -3.50
N VAL C 372 -34.23 -21.44 -2.60
CA VAL C 372 -34.01 -21.70 -1.16
C VAL C 372 -33.20 -22.98 -1.01
N LYS C 373 -33.58 -24.04 -1.72
CA LYS C 373 -32.94 -25.39 -1.62
C LYS C 373 -31.47 -25.33 -2.05
N THR C 374 -31.16 -24.72 -3.18
CA THR C 374 -29.77 -24.70 -3.73
C THR C 374 -28.89 -23.78 -2.87
N VAL C 375 -29.40 -22.64 -2.43
CA VAL C 375 -28.63 -21.73 -1.54
C VAL C 375 -28.28 -22.49 -0.26
N ALA C 376 -29.25 -23.15 0.38
CA ALA C 376 -29.04 -23.97 1.57
C ALA C 376 -27.98 -25.03 1.29
N GLU C 377 -28.10 -25.77 0.19
CA GLU C 377 -27.17 -26.88 -0.15
C GLU C 377 -25.75 -26.34 -0.29
N THR C 378 -25.57 -25.22 -0.96
CA THR C 378 -24.24 -24.59 -1.13
C THR C 378 -23.66 -24.30 0.25
N CYS C 379 -24.47 -23.80 1.18
CA CYS C 379 -24.01 -23.45 2.54
C CYS C 379 -23.64 -24.74 3.31
N ILE C 380 -24.43 -25.81 3.16
CA ILE C 380 -24.26 -27.08 3.95
C ILE C 380 -22.88 -27.70 3.67
N VAL C 381 -22.49 -27.74 2.41
CA VAL C 381 -21.25 -28.42 1.96
C VAL C 381 -20.08 -27.69 2.62
N TRP C 382 -20.12 -26.35 2.63
CA TRP C 382 -19.07 -25.55 3.29
C TRP C 382 -19.10 -25.78 4.80
N LEU C 383 -20.28 -25.71 5.43
CA LEU C 383 -20.41 -25.81 6.90
C LEU C 383 -19.86 -27.17 7.37
N GLN C 384 -20.13 -28.24 6.62
CA GLN C 384 -19.65 -29.61 6.94
C GLN C 384 -18.12 -29.61 6.98
N GLN C 385 -17.47 -29.08 5.95
CA GLN C 385 -15.99 -29.00 5.91
C GLN C 385 -15.49 -28.15 7.09
N GLU C 386 -16.12 -27.01 7.33
CA GLU C 386 -15.60 -26.05 8.37
C GLU C 386 -15.79 -26.65 9.75
N MSE C 387 -16.86 -27.41 9.95
CA MSE C 387 -17.14 -28.00 11.26
C MSE C 387 -16.23 -29.20 11.53
O MSE C 387 -15.84 -29.41 12.68
CB MSE C 387 -18.61 -28.35 11.43
CG MSE C 387 -19.49 -27.15 11.62
SE MSE C 387 -18.90 -26.13 13.23
CE MSE C 387 -18.91 -27.47 14.65
N ASP C 388 -15.85 -29.93 10.47
CA ASP C 388 -14.83 -30.97 10.61
C ASP C 388 -13.52 -30.32 11.08
N ARG C 389 -13.11 -29.26 10.41
CA ARG C 389 -11.87 -28.51 10.76
C ARG C 389 -11.97 -27.95 12.18
N PHE C 390 -13.11 -27.36 12.56
CA PHE C 390 -13.34 -26.84 13.93
C PHE C 390 -13.12 -27.96 14.96
N ARG C 391 -13.78 -29.10 14.80
CA ARG C 391 -13.69 -30.22 15.79
C ARG C 391 -12.24 -30.64 15.94
N GLN C 392 -11.52 -30.79 14.84
CA GLN C 392 -10.09 -31.23 14.81
C GLN C 392 -9.20 -30.18 15.50
N THR C 393 -9.31 -28.91 15.12
CA THR C 393 -8.44 -27.84 15.67
C THR C 393 -8.79 -27.64 17.15
N GLU C 394 -10.07 -27.69 17.54
CA GLU C 394 -10.45 -27.60 18.97
C GLU C 394 -9.77 -28.72 19.78
N ARG C 395 -9.77 -29.94 19.26
CA ARG C 395 -9.16 -31.10 19.94
C ARG C 395 -7.65 -30.91 20.05
N GLN C 396 -6.98 -30.54 18.96
CA GLN C 396 -5.51 -30.37 18.95
C GLN C 396 -5.13 -29.27 19.97
N TRP C 397 -5.89 -28.16 20.01
CA TRP C 397 -5.72 -27.06 21.01
C TRP C 397 -5.78 -27.61 22.44
N LYS C 398 -6.85 -28.33 22.80
CA LYS C 398 -7.03 -28.92 24.15
C LYS C 398 -5.84 -29.83 24.47
N GLU C 399 -5.45 -30.68 23.51
CA GLU C 399 -4.29 -31.60 23.66
C GLU C 399 -3.03 -30.79 23.96
N ASP C 400 -2.70 -29.79 23.14
CA ASP C 400 -1.45 -28.99 23.27
C ASP C 400 -1.40 -28.26 24.63
N ARG C 401 -2.55 -27.97 25.23
CA ARG C 401 -2.64 -27.13 26.45
C ARG C 401 -2.73 -28.02 27.70
N ASP C 402 -3.03 -29.32 27.55
CA ASP C 402 -3.23 -30.26 28.69
C ASP C 402 -2.03 -30.15 29.64
N GLY C 403 -2.29 -29.91 30.92
CA GLY C 403 -1.26 -29.84 31.97
C GLY C 403 -0.46 -28.55 31.97
N LYS C 404 -0.80 -27.56 31.14
CA LYS C 404 -0.09 -26.25 31.20
C LYS C 404 -0.70 -25.42 32.33
N SER C 405 0.15 -24.64 33.00
CA SER C 405 -0.26 -23.75 34.10
C SER C 405 -1.13 -22.60 33.56
N HIS C 406 -2.15 -22.23 34.30
CA HIS C 406 -2.96 -20.99 34.07
C HIS C 406 -2.34 -19.82 34.85
N LEU C 407 -1.32 -20.06 35.69
CA LEU C 407 -0.82 -19.05 36.67
C LEU C 407 0.58 -18.53 36.31
N ALA C 408 1.38 -19.30 35.56
CA ALA C 408 2.80 -19.00 35.32
C ALA C 408 3.20 -19.49 33.93
N VAL C 409 4.21 -18.88 33.31
CA VAL C 409 4.58 -19.20 31.90
C VAL C 409 5.39 -20.49 31.87
N GLU C 410 5.34 -21.20 30.75
CA GLU C 410 6.06 -22.47 30.51
C GLU C 410 7.57 -22.21 30.42
N GLU C 411 8.34 -23.29 30.56
CA GLU C 411 9.82 -23.30 30.74
C GLU C 411 10.53 -22.64 29.56
N ASN C 412 10.01 -22.79 28.34
CA ASN C 412 10.68 -22.25 27.13
C ASN C 412 10.92 -20.75 27.29
N TRP C 413 10.08 -20.05 28.05
CA TRP C 413 10.25 -18.58 28.21
C TRP C 413 11.62 -18.28 28.81
N TYR C 414 12.05 -19.07 29.79
CA TYR C 414 13.34 -18.87 30.52
C TYR C 414 14.52 -19.22 29.59
N LYS C 415 14.31 -20.04 28.57
CA LYS C 415 15.34 -20.37 27.55
C LYS C 415 15.50 -19.21 26.54
N VAL C 416 14.43 -18.52 26.18
CA VAL C 416 14.41 -17.53 25.06
C VAL C 416 14.71 -16.11 25.58
N LEU C 417 14.25 -15.79 26.77
CA LEU C 417 14.34 -14.40 27.32
C LEU C 417 15.43 -14.43 28.38
N LYS C 418 16.60 -13.87 28.11
CA LYS C 418 17.71 -14.02 29.09
C LYS C 418 17.53 -13.01 30.21
N PRO C 419 18.11 -13.33 31.40
CA PRO C 419 18.05 -12.43 32.54
C PRO C 419 18.88 -11.16 32.34
N ILE C 420 18.53 -10.11 33.07
CA ILE C 420 19.32 -8.84 33.08
C ILE C 420 20.69 -9.17 33.67
N PRO C 421 21.80 -8.65 33.09
CA PRO C 421 23.13 -8.94 33.59
C PRO C 421 23.20 -8.50 35.06
N SER C 422 23.55 -9.42 35.95
CA SER C 422 23.99 -9.17 37.34
C SER C 422 25.22 -8.24 37.36
N THR D 3 12.16 28.04 -38.66
CA THR D 3 11.42 28.76 -37.57
C THR D 3 11.84 30.23 -37.50
N GLU D 4 13.00 30.56 -38.08
CA GLU D 4 13.59 31.92 -38.20
C GLU D 4 14.19 32.32 -36.84
N LYS D 5 13.45 32.17 -35.73
CA LYS D 5 13.95 32.34 -34.33
C LYS D 5 14.94 31.22 -33.90
N PHE D 6 14.86 30.03 -34.52
CA PHE D 6 15.75 28.88 -34.27
C PHE D 6 16.39 28.39 -35.56
N THR D 7 17.65 27.95 -35.47
CA THR D 7 18.30 26.98 -36.38
C THR D 7 17.70 25.60 -36.11
N ILE D 8 17.36 24.85 -37.17
CA ILE D 8 16.81 23.48 -37.06
C ILE D 8 17.88 22.51 -37.54
N THR D 9 18.28 21.55 -36.71
CA THR D 9 19.11 20.41 -37.12
C THR D 9 18.29 19.12 -37.01
N GLU D 10 18.29 18.30 -38.07
CA GLU D 10 17.58 17.00 -38.11
C GLU D 10 18.57 15.89 -37.78
N HIS D 11 18.10 14.89 -37.04
CA HIS D 11 18.92 13.71 -36.69
C HIS D 11 18.04 12.47 -36.82
N LEU D 12 18.69 11.35 -37.08
CA LEU D 12 18.04 10.02 -37.11
C LEU D 12 18.90 9.14 -36.22
N VAL D 13 18.41 8.75 -35.04
CA VAL D 13 19.25 7.99 -34.06
C VAL D 13 18.53 6.70 -33.69
N PRO D 14 19.32 5.64 -33.42
CA PRO D 14 18.75 4.36 -33.05
C PRO D 14 18.05 4.45 -31.68
N GLY D 15 16.90 3.82 -31.57
CA GLY D 15 16.18 3.66 -30.29
C GLY D 15 16.64 2.43 -29.54
N SER D 16 15.96 2.15 -28.43
CA SER D 16 16.21 1.11 -27.43
C SER D 16 16.13 -0.29 -28.07
N HIS D 17 17.11 -1.13 -27.74
CA HIS D 17 17.20 -2.54 -28.15
C HIS D 17 16.23 -3.37 -27.29
N ILE D 18 15.37 -4.15 -27.96
CA ILE D 18 14.30 -5.02 -27.41
C ILE D 18 13.12 -4.14 -26.99
N ARG D 19 11.98 -4.29 -27.68
CA ARG D 19 10.81 -3.43 -27.42
C ARG D 19 10.02 -4.11 -26.29
N GLU D 20 9.27 -3.32 -25.53
CA GLU D 20 8.49 -3.81 -24.37
C GLU D 20 7.48 -4.89 -24.79
N TYR D 21 6.83 -4.72 -25.94
CA TYR D 21 5.91 -5.73 -26.51
C TYR D 21 6.57 -6.37 -27.72
N PRO D 22 6.62 -7.72 -27.82
CA PRO D 22 7.29 -8.39 -28.92
C PRO D 22 6.64 -8.08 -30.28
N GLY D 23 5.35 -7.80 -30.30
CA GLY D 23 4.57 -7.53 -31.53
C GLY D 23 4.72 -6.10 -32.02
N SER D 24 5.58 -5.28 -31.40
CA SER D 24 5.78 -3.85 -31.76
C SER D 24 6.52 -3.76 -33.10
N THR D 25 7.29 -4.80 -33.44
CA THR D 25 8.14 -4.80 -34.67
C THR D 25 8.04 -6.14 -35.38
N VAL D 26 8.51 -6.22 -36.63
CA VAL D 26 8.48 -7.47 -37.45
C VAL D 26 9.39 -8.51 -36.80
N ASN D 27 10.60 -8.12 -36.38
CA ASN D 27 11.61 -8.97 -35.71
C ASN D 27 11.97 -8.35 -34.37
N GLN D 28 12.12 -9.16 -33.33
CA GLN D 28 12.28 -8.62 -31.94
C GLN D 28 13.56 -7.82 -31.80
N GLU D 29 14.59 -8.05 -32.63
CA GLU D 29 15.89 -7.34 -32.54
C GLU D 29 15.95 -6.20 -33.56
N ASP D 30 14.85 -5.86 -34.23
CA ASP D 30 14.80 -4.70 -35.14
C ASP D 30 15.33 -3.45 -34.44
N VAL D 31 16.12 -2.68 -35.18
CA VAL D 31 16.65 -1.35 -34.75
C VAL D 31 15.68 -0.30 -35.27
N LEU D 32 14.80 0.23 -34.43
CA LEU D 32 13.95 1.40 -34.78
C LEU D 32 14.79 2.67 -34.64
N LYS D 33 14.52 3.65 -35.49
CA LYS D 33 15.19 4.97 -35.43
C LYS D 33 14.14 6.00 -35.04
N ILE D 34 14.60 7.03 -34.34
CA ILE D 34 13.74 8.21 -34.04
C ILE D 34 14.28 9.40 -34.84
N HIS D 35 13.35 10.07 -35.54
CA HIS D 35 13.60 11.34 -36.25
C HIS D 35 13.46 12.45 -35.23
N VAL D 36 14.51 13.24 -35.04
CA VAL D 36 14.65 14.28 -34.01
C VAL D 36 14.87 15.63 -34.71
N LYS D 37 14.22 16.67 -34.20
CA LYS D 37 14.60 18.04 -34.54
C LYS D 37 15.16 18.72 -33.31
N GLN D 38 16.33 19.32 -33.53
CA GLN D 38 17.07 20.14 -32.55
C GLN D 38 16.88 21.60 -32.95
N TYR D 39 16.33 22.40 -32.04
CA TYR D 39 16.01 23.84 -32.25
C TYR D 39 16.99 24.65 -31.40
N THR D 40 17.95 25.33 -32.07
CA THR D 40 19.00 26.15 -31.42
C THR D 40 18.65 27.62 -31.67
N PRO D 41 18.42 28.43 -30.63
CA PRO D 41 18.15 29.86 -30.83
C PRO D 41 19.22 30.53 -31.71
N LYS D 42 18.79 31.35 -32.67
CA LYS D 42 19.72 32.25 -33.42
C LYS D 42 20.28 33.24 -32.40
N ARG D 43 21.61 33.26 -32.21
CA ARG D 43 22.23 34.02 -31.09
C ARG D 43 23.54 34.67 -31.55
N GLU D 44 23.70 35.95 -31.25
CA GLU D 44 24.95 36.72 -31.50
C GLU D 44 26.00 36.25 -30.48
N GLY D 45 25.73 36.39 -29.18
CA GLY D 45 26.72 36.19 -28.11
C GLY D 45 26.91 34.72 -27.76
N PRO D 46 27.75 34.40 -26.75
CA PRO D 46 27.88 33.03 -26.27
C PRO D 46 26.60 32.60 -25.54
N VAL D 47 26.44 31.29 -25.33
CA VAL D 47 25.28 30.69 -24.62
C VAL D 47 25.48 30.88 -23.12
N PRO D 48 24.56 31.52 -22.37
CA PRO D 48 24.67 31.59 -20.92
C PRO D 48 24.78 30.22 -20.23
N ASP D 49 25.40 30.20 -19.05
CA ASP D 49 25.97 28.98 -18.40
C ASP D 49 24.88 27.99 -17.97
N ASP D 50 23.69 28.48 -17.63
CA ASP D 50 22.57 27.71 -17.01
C ASP D 50 21.46 27.55 -18.04
N ALA D 51 21.76 27.73 -19.32
CA ALA D 51 20.77 27.67 -20.41
C ALA D 51 20.17 26.26 -20.43
N ILE D 52 18.87 26.17 -20.69
CA ILE D 52 18.08 24.92 -20.51
C ILE D 52 18.15 24.08 -21.79
N THR D 53 18.42 22.80 -21.65
CA THR D 53 18.11 21.77 -22.68
C THR D 53 16.69 21.27 -22.43
N PHE D 54 15.78 21.49 -23.39
CA PHE D 54 14.40 20.96 -23.30
C PHE D 54 14.33 19.65 -24.07
N ILE D 55 13.75 18.64 -23.44
CA ILE D 55 13.43 17.33 -24.08
C ILE D 55 11.92 17.24 -24.13
N ALA D 56 11.34 17.20 -25.32
CA ALA D 56 9.88 17.34 -25.49
C ALA D 56 9.31 16.10 -26.19
N THR D 57 8.09 15.73 -25.81
CA THR D 57 7.34 14.60 -26.38
C THR D 57 5.94 15.05 -26.78
N HIS D 58 5.46 14.51 -27.88
CA HIS D 58 4.22 14.93 -28.56
C HIS D 58 3.09 13.96 -28.18
N GLY D 59 1.87 14.31 -28.59
CA GLY D 59 0.68 13.45 -28.44
C GLY D 59 0.57 12.48 -29.60
N VAL D 60 -0.34 11.54 -29.47
CA VAL D 60 -0.54 10.47 -30.47
C VAL D 60 -0.87 11.09 -31.83
N GLY D 61 -0.12 10.76 -32.86
CA GLY D 61 -0.45 11.17 -34.24
C GLY D 61 -0.15 12.62 -34.53
N LEU D 62 0.46 13.34 -33.57
CA LEU D 62 0.72 14.78 -33.73
C LEU D 62 2.17 14.99 -34.11
N PRO D 63 2.45 15.44 -35.37
CA PRO D 63 3.82 15.62 -35.82
C PRO D 63 4.57 16.65 -34.93
N LYS D 64 5.85 16.37 -34.67
CA LYS D 64 6.69 17.24 -33.79
C LYS D 64 6.66 18.68 -34.32
N GLU D 65 6.50 18.88 -35.63
CA GLU D 65 6.58 20.21 -36.25
C GLU D 65 5.43 21.10 -35.76
N LEU D 66 4.30 20.52 -35.35
CA LEU D 66 3.14 21.29 -34.83
C LEU D 66 3.53 22.11 -33.59
N TYR D 67 4.59 21.72 -32.88
CA TYR D 67 4.99 22.37 -31.60
C TYR D 67 5.90 23.56 -31.86
N GLU D 68 6.29 23.80 -33.13
CA GLU D 68 7.27 24.86 -33.46
C GLU D 68 6.76 26.23 -33.02
N PRO D 69 5.48 26.62 -33.26
CA PRO D 69 4.99 27.91 -32.76
C PRO D 69 5.13 28.03 -31.24
N LEU D 70 4.86 26.95 -30.50
CA LEU D 70 5.05 26.96 -29.03
C LEU D 70 6.54 27.22 -28.71
N TRP D 71 7.46 26.59 -29.42
CA TRP D 71 8.91 26.84 -29.22
C TRP D 71 9.22 28.33 -29.47
N ASP D 72 8.75 28.90 -30.59
CA ASP D 72 8.96 30.34 -30.90
C ASP D 72 8.45 31.20 -29.76
N GLU D 73 7.27 30.88 -29.23
CA GLU D 73 6.65 31.66 -28.14
C GLU D 73 7.49 31.53 -26.84
N LEU D 74 7.97 30.34 -26.49
CA LEU D 74 8.80 30.12 -25.28
C LEU D 74 10.05 30.99 -25.36
N LEU D 75 10.68 31.05 -26.53
CA LEU D 75 11.90 31.85 -26.73
C LEU D 75 11.51 33.33 -26.63
N ASP D 76 10.49 33.75 -27.35
CA ASP D 76 10.08 35.18 -27.42
C ASP D 76 9.66 35.71 -26.04
N GLN D 77 8.97 34.92 -25.23
CA GLN D 77 8.45 35.34 -23.90
C GLN D 77 9.45 34.97 -22.77
N ALA D 78 10.60 34.37 -23.08
CA ALA D 78 11.53 33.83 -22.05
C ALA D 78 11.90 34.96 -21.09
N SER D 79 11.83 34.71 -19.78
CA SER D 79 12.20 35.66 -18.71
C SER D 79 12.78 34.87 -17.55
N GLY D 80 14.01 35.17 -17.15
CA GLY D 80 14.70 34.50 -16.02
C GLY D 80 15.21 33.11 -16.40
N PHE D 81 15.29 32.79 -17.70
CA PHE D 81 15.96 31.57 -18.19
C PHE D 81 16.40 31.80 -19.63
N HIS D 82 17.38 31.02 -20.06
CA HIS D 82 17.82 30.93 -21.48
C HIS D 82 17.56 29.53 -21.99
N ILE D 83 17.45 29.43 -23.31
CA ILE D 83 17.23 28.15 -24.03
C ILE D 83 18.53 27.81 -24.71
N ARG D 84 19.15 26.69 -24.34
CA ARG D 84 20.31 26.15 -25.09
C ARG D 84 19.75 25.53 -26.36
N ALA D 85 18.78 24.64 -26.24
CA ALA D 85 18.12 24.02 -27.40
C ALA D 85 16.89 23.27 -26.93
N ILE D 86 15.96 23.08 -27.86
CA ILE D 86 14.76 22.24 -27.67
C ILE D 86 14.96 21.03 -28.60
N TRP D 87 14.78 19.84 -28.05
CA TRP D 87 14.86 18.55 -28.79
C TRP D 87 13.52 17.85 -28.69
N MSE D 88 12.91 17.55 -29.84
CA MSE D 88 11.70 16.76 -29.92
C MSE D 88 11.91 15.67 -30.97
O MSE D 88 12.34 15.93 -32.10
CB MSE D 88 10.48 17.63 -30.23
CG MSE D 88 9.20 16.84 -30.17
SE MSE D 88 7.54 17.88 -30.39
CE MSE D 88 6.60 17.86 -28.67
N ALA D 89 11.65 14.44 -30.54
CA ALA D 89 11.67 13.30 -31.45
C ALA D 89 10.25 12.85 -31.74
N ASP D 90 10.00 12.34 -32.94
CA ASP D 90 8.79 11.58 -33.29
C ASP D 90 8.92 10.17 -32.70
N VAL D 91 7.91 9.73 -31.95
CA VAL D 91 7.82 8.34 -31.45
C VAL D 91 7.97 7.42 -32.66
N ALA D 92 8.64 6.28 -32.45
CA ALA D 92 9.21 5.43 -33.53
C ALA D 92 8.11 4.99 -34.50
N SER D 93 6.88 4.82 -34.04
CA SER D 93 5.75 4.26 -34.82
C SER D 93 4.92 5.37 -35.49
N MSE D 94 5.37 6.63 -35.43
CA MSE D 94 4.53 7.75 -35.82
C MSE D 94 5.31 8.81 -36.59
O MSE D 94 6.52 8.91 -36.49
CB MSE D 94 3.91 8.43 -34.60
CG MSE D 94 3.15 7.49 -33.74
SE MSE D 94 2.43 8.37 -32.16
CE MSE D 94 1.80 6.71 -31.32
N ASN D 95 4.56 9.63 -37.33
CA ASN D 95 5.08 10.86 -37.93
C ASN D 95 6.27 10.47 -38.83
N GLN D 96 7.39 11.21 -38.79
CA GLN D 96 8.53 10.91 -39.72
C GLN D 96 9.29 9.67 -39.28
N SER D 97 9.38 9.39 -37.98
CA SER D 97 10.01 8.14 -37.47
C SER D 97 9.29 6.94 -38.10
N GLY D 98 7.96 6.95 -38.11
CA GLY D 98 7.16 5.84 -38.63
C GLY D 98 7.50 5.56 -40.10
N ILE D 99 7.71 6.61 -40.87
CA ILE D 99 8.10 6.51 -42.30
C ILE D 99 9.45 5.81 -42.39
N HIS D 100 10.47 6.29 -41.66
CA HIS D 100 11.81 5.66 -41.65
C HIS D 100 11.70 4.19 -41.22
N ASN D 101 10.84 3.86 -40.27
CA ASN D 101 10.72 2.50 -39.68
C ASN D 101 9.65 1.64 -40.37
N GLU D 102 9.05 2.09 -41.49
CA GLU D 102 7.77 1.51 -42.00
C GLU D 102 7.89 0.02 -42.30
N ASP D 103 9.07 -0.49 -42.68
CA ASP D 103 9.23 -1.93 -43.01
C ASP D 103 9.54 -2.75 -41.74
N LYS D 104 9.64 -2.12 -40.57
CA LYS D 104 9.97 -2.82 -39.30
C LYS D 104 8.83 -2.76 -38.27
N LEU D 105 7.87 -1.85 -38.42
CA LEU D 105 6.78 -1.64 -37.43
C LEU D 105 5.79 -2.78 -37.53
N SER D 106 5.11 -3.05 -36.42
CA SER D 106 4.02 -4.06 -36.39
C SER D 106 2.97 -3.59 -35.40
N MSE D 107 1.96 -4.42 -35.14
CA MSE D 107 0.72 -3.96 -34.51
C MSE D 107 0.80 -4.05 -32.98
O MSE D 107 -0.01 -4.72 -32.36
CB MSE D 107 -0.47 -4.75 -35.06
CG MSE D 107 -0.82 -4.39 -36.48
SE MSE D 107 -1.54 -2.59 -36.69
CE MSE D 107 -0.01 -1.43 -37.17
N ASP D 108 1.73 -3.31 -32.36
CA ASP D 108 1.68 -3.13 -30.92
C ASP D 108 2.50 -1.89 -30.58
N CYS D 109 2.34 -1.39 -29.37
CA CYS D 109 3.00 -0.13 -28.95
C CYS D 109 2.99 -0.07 -27.43
N SER D 110 4.17 0.09 -26.82
CA SER D 110 4.35 0.42 -25.39
C SER D 110 4.87 1.84 -25.32
N TRP D 111 4.22 2.67 -24.49
CA TRP D 111 4.71 4.07 -24.29
C TRP D 111 6.09 4.07 -23.61
N MSE D 112 6.46 2.98 -22.92
CA MSE D 112 7.69 2.90 -22.15
C MSE D 112 8.90 2.93 -23.08
O MSE D 112 9.99 3.38 -22.71
CB MSE D 112 7.71 1.64 -21.29
CG MSE D 112 6.56 1.53 -20.30
SE MSE D 112 6.29 3.25 -19.31
CE MSE D 112 4.98 2.67 -17.94
N ASP D 113 8.74 2.40 -24.30
CA ASP D 113 9.88 2.32 -25.22
C ASP D 113 10.38 3.73 -25.57
N HIS D 114 9.51 4.72 -25.77
CA HIS D 114 9.96 6.09 -26.12
C HIS D 114 10.76 6.70 -24.97
N ALA D 115 10.43 6.39 -23.71
CA ALA D 115 11.25 6.83 -22.55
C ALA D 115 12.67 6.28 -22.71
N ARG D 116 12.83 5.01 -23.05
CA ARG D 116 14.17 4.38 -23.23
C ARG D 116 14.84 4.99 -24.48
N ASP D 117 14.09 5.22 -25.57
CA ASP D 117 14.63 5.85 -26.81
C ASP D 117 15.18 7.24 -26.45
N LEU D 118 14.46 8.01 -25.65
CA LEU D 118 14.90 9.37 -25.23
C LEU D 118 16.15 9.26 -24.34
N LEU D 119 16.20 8.29 -23.41
CA LEU D 119 17.39 8.12 -22.55
C LEU D 119 18.62 7.88 -23.43
N LEU D 120 18.52 7.01 -24.44
CA LEU D 120 19.63 6.78 -25.40
C LEU D 120 20.01 8.05 -26.15
N MSE D 121 19.00 8.76 -26.65
CA MSE D 121 19.23 9.99 -27.40
C MSE D 121 20.03 10.99 -26.55
O MSE D 121 20.95 11.65 -27.03
CB MSE D 121 17.88 10.59 -27.81
CG MSE D 121 18.03 11.86 -28.63
SE MSE D 121 16.33 12.82 -28.83
CE MSE D 121 16.18 13.80 -27.14
N ILE D 122 19.64 11.15 -25.28
CA ILE D 122 20.30 12.10 -24.39
C ILE D 122 21.75 11.70 -24.16
N ASN D 123 22.02 10.41 -24.00
CA ASN D 123 23.41 9.92 -23.85
C ASN D 123 24.17 10.15 -25.16
N HIS D 124 23.54 9.95 -26.30
CA HIS D 124 24.17 10.18 -27.62
C HIS D 124 24.57 11.67 -27.74
N PHE D 125 23.72 12.60 -27.37
CA PHE D 125 23.96 14.05 -27.60
C PHE D 125 24.44 14.73 -26.32
N ARG D 126 25.03 13.99 -25.37
CA ARG D 126 25.34 14.51 -24.03
C ARG D 126 26.22 15.76 -24.08
N ASP D 127 27.16 15.83 -25.03
CA ASP D 127 28.12 16.96 -25.14
C ASP D 127 27.35 18.27 -25.39
N GLN D 128 26.13 18.20 -25.94
CA GLN D 128 25.29 19.39 -26.24
C GLN D 128 24.22 19.61 -25.16
N MSE D 129 24.22 18.76 -24.12
CA MSE D 129 23.16 18.75 -23.12
C MSE D 129 23.70 18.73 -21.69
O MSE D 129 23.41 17.82 -20.89
CB MSE D 129 22.27 17.51 -23.31
CG MSE D 129 21.72 17.37 -24.67
SE MSE D 129 20.51 15.83 -24.72
CE MSE D 129 19.52 16.08 -26.43
N PRO D 130 24.41 19.78 -21.27
CA PRO D 130 24.80 19.89 -19.87
C PRO D 130 23.54 20.20 -19.06
N ARG D 131 23.62 20.08 -17.74
CA ARG D 131 22.51 20.52 -16.85
C ARG D 131 22.34 22.03 -17.02
N PRO D 132 21.13 22.60 -16.87
CA PRO D 132 19.93 21.84 -16.56
C PRO D 132 19.17 21.33 -17.79
N LEU D 133 18.56 20.14 -17.64
CA LEU D 133 17.58 19.58 -18.61
C LEU D 133 16.17 19.75 -18.01
N VAL D 134 15.19 20.07 -18.85
CA VAL D 134 13.76 20.09 -18.45
C VAL D 134 12.95 19.30 -19.48
N GLY D 135 11.99 18.53 -18.96
CA GLY D 135 11.09 17.71 -19.77
C GLY D 135 9.80 18.46 -20.06
N ILE D 136 9.32 18.37 -21.29
CA ILE D 136 7.96 18.86 -21.69
C ILE D 136 7.25 17.72 -22.39
N GLY D 137 6.04 17.38 -21.93
CA GLY D 137 5.27 16.28 -22.51
C GLY D 137 3.83 16.68 -22.66
N HIS D 138 3.31 16.53 -23.87
CA HIS D 138 1.89 16.75 -24.21
C HIS D 138 1.18 15.39 -24.33
N SER D 139 0.07 15.21 -23.59
CA SER D 139 -0.86 14.07 -23.82
C SER D 139 -0.11 12.78 -23.45
N PHE D 140 -0.01 11.76 -24.31
CA PHE D 140 0.73 10.54 -23.89
C PHE D 140 2.23 10.88 -23.71
N GLY D 141 2.69 11.94 -24.35
CA GLY D 141 4.05 12.47 -24.14
C GLY D 141 4.25 12.92 -22.70
N GLY D 142 3.21 13.44 -22.04
CA GLY D 142 3.29 13.78 -20.61
C GLY D 142 3.53 12.53 -19.78
N ASN D 143 2.87 11.43 -20.15
CA ASN D 143 3.08 10.14 -19.48
C ASN D 143 4.51 9.65 -19.74
N ILE D 144 4.97 9.71 -20.98
CA ILE D 144 6.30 9.17 -21.36
C ILE D 144 7.39 9.95 -20.61
N ILE D 145 7.31 11.27 -20.59
CA ILE D 145 8.40 12.11 -20.00
C ILE D 145 8.44 11.87 -18.49
N THR D 146 7.31 11.57 -17.85
CA THR D 146 7.25 11.21 -16.42
C THR D 146 7.98 9.88 -16.24
N ASN D 147 7.75 8.89 -17.13
CA ASN D 147 8.40 7.56 -17.00
C ASN D 147 9.90 7.70 -17.26
N LEU D 148 10.32 8.63 -18.12
CA LEU D 148 11.78 8.92 -18.30
C LEU D 148 12.35 9.45 -16.98
N ALA D 149 11.64 10.34 -16.27
CA ALA D 149 12.06 10.83 -14.93
C ALA D 149 12.11 9.66 -13.93
N TYR D 150 11.25 8.63 -14.03
CA TYR D 150 11.30 7.41 -13.19
C TYR D 150 12.56 6.61 -13.55
N LEU D 151 12.95 6.54 -14.83
CA LEU D 151 14.18 5.83 -15.26
C LEU D 151 15.42 6.55 -14.72
N HIS D 152 15.38 7.88 -14.59
CA HIS D 152 16.58 8.69 -14.26
C HIS D 152 16.17 9.89 -13.41
N PRO D 153 15.94 9.68 -12.11
CA PRO D 153 15.29 10.69 -11.26
C PRO D 153 15.95 12.07 -11.24
N ARG D 154 17.29 12.13 -11.26
CA ARG D 154 18.03 13.42 -11.15
C ARG D 154 18.24 14.04 -12.54
N LEU D 155 17.84 13.38 -13.61
CA LEU D 155 18.09 13.87 -15.00
C LEU D 155 17.45 15.27 -15.21
N PHE D 156 16.17 15.42 -14.88
CA PHE D 156 15.39 16.64 -15.17
C PHE D 156 15.31 17.52 -13.91
N THR D 157 15.54 18.82 -14.10
CA THR D 157 15.40 19.85 -13.05
C THR D 157 13.91 20.06 -12.81
N THR D 158 13.08 20.00 -13.86
CA THR D 158 11.63 20.14 -13.71
C THR D 158 10.95 19.53 -14.93
N LEU D 159 9.66 19.26 -14.78
CA LEU D 159 8.79 18.76 -15.85
C LEU D 159 7.66 19.75 -16.07
N LEU D 160 7.31 19.97 -17.33
CA LEU D 160 6.11 20.71 -17.78
C LEU D 160 5.18 19.69 -18.45
N LEU D 161 4.09 19.31 -17.79
CA LEU D 161 3.12 18.34 -18.35
C LEU D 161 1.93 19.12 -18.89
N LEU D 162 1.62 18.91 -20.18
CA LEU D 162 0.49 19.57 -20.88
C LEU D 162 -0.57 18.51 -21.14
N ASP D 163 -1.64 18.54 -20.34
CA ASP D 163 -2.74 17.54 -20.39
C ASP D 163 -2.15 16.12 -20.43
N PRO D 164 -1.33 15.72 -19.44
CA PRO D 164 -0.73 14.40 -19.45
C PRO D 164 -1.74 13.27 -19.24
N LEU D 165 -1.57 12.17 -19.96
CA LEU D 165 -2.41 10.97 -19.82
C LEU D 165 -1.87 10.18 -18.63
N ILE D 166 -2.21 10.65 -17.43
CA ILE D 166 -1.86 9.99 -16.14
C ILE D 166 -3.13 9.97 -15.29
N GLN D 167 -3.74 8.80 -15.16
CA GLN D 167 -5.04 8.62 -14.47
C GLN D 167 -5.22 7.13 -14.17
N LEU D 168 -6.22 6.78 -13.38
CA LEU D 168 -6.51 5.38 -12.98
C LEU D 168 -7.50 4.71 -13.93
N SER D 169 -8.52 5.43 -14.37
CA SER D 169 -9.70 4.85 -15.10
C SER D 169 -9.34 4.57 -16.55
N PRO D 170 -9.81 3.44 -17.11
CA PRO D 170 -9.78 3.22 -18.55
C PRO D 170 -10.50 4.37 -19.25
N PRO D 171 -10.14 4.69 -20.51
CA PRO D 171 -10.95 5.62 -21.30
C PRO D 171 -12.35 5.02 -21.59
N SER D 172 -13.30 5.87 -21.97
CA SER D 172 -14.59 5.46 -22.57
C SER D 172 -14.31 4.82 -23.95
N LEU D 173 -14.94 3.69 -24.26
CA LEU D 173 -14.69 2.88 -25.47
C LEU D 173 -16.01 2.36 -26.05
N GLY D 174 -17.14 2.97 -25.68
CA GLY D 174 -18.48 2.56 -26.14
C GLY D 174 -18.91 1.21 -25.63
N PHE D 175 -18.29 0.66 -24.58
CA PHE D 175 -18.80 -0.60 -23.96
C PHE D 175 -20.06 -0.30 -23.16
N GLY D 176 -21.01 -1.23 -23.14
CA GLY D 176 -22.26 -1.11 -22.35
C GLY D 176 -23.03 0.13 -22.75
N THR D 177 -23.30 1.03 -21.81
CA THR D 177 -24.01 2.30 -22.07
C THR D 177 -23.02 3.42 -22.43
N ASP D 178 -21.71 3.21 -22.33
CA ASP D 178 -20.73 4.33 -22.50
C ASP D 178 -20.81 4.86 -23.94
N ALA D 179 -20.59 6.16 -24.12
CA ALA D 179 -20.45 6.80 -25.45
C ALA D 179 -19.17 6.29 -26.11
N PRO D 180 -19.17 6.00 -27.43
CA PRO D 180 -17.93 5.80 -28.17
C PRO D 180 -17.13 7.11 -28.11
N SER D 181 -15.81 7.00 -28.05
CA SER D 181 -14.85 8.11 -27.85
C SER D 181 -14.02 8.31 -29.11
N ALA D 182 -13.03 9.20 -29.04
CA ALA D 182 -12.00 9.41 -30.09
C ALA D 182 -11.32 8.08 -30.45
N ILE D 183 -11.28 7.11 -29.53
CA ILE D 183 -10.56 5.83 -29.78
C ILE D 183 -11.41 4.98 -30.74
N ASN D 184 -12.72 4.88 -30.50
CA ASN D 184 -13.69 4.27 -31.45
C ASN D 184 -13.55 4.96 -32.82
N TYR D 185 -13.48 6.29 -32.82
CA TYR D 185 -13.33 7.08 -34.07
C TYR D 185 -12.06 6.63 -34.80
N THR D 186 -10.96 6.43 -34.08
CA THR D 186 -9.64 6.10 -34.67
C THR D 186 -9.73 4.81 -35.48
N LEU D 187 -10.36 3.76 -34.95
CA LEU D 187 -10.42 2.46 -35.65
C LEU D 187 -11.20 2.62 -36.96
N TRP D 188 -12.32 3.34 -36.94
CA TRP D 188 -13.34 3.29 -38.01
C TRP D 188 -13.17 4.44 -39.02
N ARG D 189 -12.29 5.42 -38.75
CA ARG D 189 -12.21 6.69 -39.53
C ARG D 189 -11.71 6.41 -40.94
N ASP D 190 -12.13 7.25 -41.89
CA ASP D 190 -11.54 7.31 -43.25
C ASP D 190 -10.02 7.52 -43.08
N ASP D 191 -9.19 6.89 -43.91
CA ASP D 191 -7.73 7.08 -43.81
C ASP D 191 -7.10 7.24 -45.19
N VAL D 192 -7.90 7.42 -46.23
CA VAL D 192 -7.37 7.65 -47.60
C VAL D 192 -8.38 8.52 -48.35
N TRP D 193 -7.86 9.37 -49.22
CA TRP D 193 -8.58 10.42 -49.99
C TRP D 193 -8.01 10.49 -51.39
N PRO D 194 -8.81 10.86 -52.42
CA PRO D 194 -8.32 10.95 -53.80
C PRO D 194 -7.31 12.09 -54.01
N SER D 195 -7.25 13.07 -53.10
CA SER D 195 -6.29 14.18 -53.19
C SER D 195 -6.02 14.78 -51.82
N ARG D 196 -4.94 15.55 -51.69
CA ARG D 196 -4.59 16.28 -50.43
C ARG D 196 -5.68 17.32 -50.14
N GLU D 197 -6.18 18.01 -51.17
CA GLU D 197 -7.22 19.04 -51.05
C GLU D 197 -8.44 18.40 -50.39
N VAL D 198 -8.86 17.21 -50.83
CA VAL D 198 -10.05 16.53 -50.26
C VAL D 198 -9.75 16.09 -48.81
N ALA D 199 -8.55 15.55 -48.56
CA ALA D 199 -8.12 15.13 -47.20
C ALA D 199 -8.21 16.33 -46.24
N ILE D 200 -7.72 17.49 -46.65
CA ILE D 200 -7.69 18.71 -45.79
C ILE D 200 -9.13 19.06 -45.41
N ARG D 201 -10.02 19.11 -46.40
CA ARG D 201 -11.44 19.49 -46.23
C ARG D 201 -12.11 18.50 -45.26
N ALA D 202 -11.85 17.20 -45.45
CA ALA D 202 -12.40 16.12 -44.61
C ALA D 202 -11.88 16.22 -43.17
N ASN D 203 -10.79 16.94 -42.90
CA ASN D 203 -10.18 16.97 -41.55
C ASN D 203 -10.27 18.38 -40.96
N ARG D 204 -11.28 19.17 -41.36
CA ARG D 204 -11.57 20.52 -40.77
C ARG D 204 -11.74 20.46 -39.25
N ALA D 205 -12.39 19.41 -38.75
CA ALA D 205 -12.73 19.19 -37.32
C ALA D 205 -11.46 19.26 -36.46
N ILE D 206 -10.41 18.53 -36.82
CA ILE D 206 -9.14 18.44 -36.05
C ILE D 206 -8.39 19.77 -36.11
N MSE D 207 -8.62 20.56 -37.17
CA MSE D 207 -7.86 21.78 -37.38
C MSE D 207 -8.58 23.03 -36.86
O MSE D 207 -8.02 24.13 -36.90
CB MSE D 207 -7.56 21.92 -38.86
CG MSE D 207 -6.68 20.81 -39.35
SE MSE D 207 -6.11 21.06 -41.19
CE MSE D 207 -5.00 22.63 -41.12
N GLN D 208 -9.82 22.88 -36.39
CA GLN D 208 -10.61 23.99 -35.91
C GLN D 208 -9.89 24.70 -34.75
N GLY D 209 -9.76 26.02 -34.85
CA GLY D 209 -9.15 26.85 -33.79
C GLY D 209 -7.62 26.79 -33.77
N MSE D 210 -7.00 26.00 -34.66
CA MSE D 210 -5.55 25.92 -34.68
C MSE D 210 -4.98 27.25 -35.15
O MSE D 210 -5.49 27.88 -36.08
CB MSE D 210 -5.01 24.84 -35.61
CG MSE D 210 -4.92 23.49 -34.98
SE MSE D 210 -3.93 22.31 -36.18
CE MSE D 210 -4.15 20.62 -35.22
N ASP D 211 -3.87 27.62 -34.51
CA ASP D 211 -3.03 28.70 -34.96
C ASP D 211 -2.72 28.53 -36.46
N PRO D 212 -2.76 29.61 -37.28
CA PRO D 212 -2.43 29.50 -38.72
C PRO D 212 -1.06 28.86 -38.99
N ARG D 213 -0.08 29.08 -38.11
CA ARG D 213 1.27 28.50 -38.24
C ARG D 213 1.16 26.96 -38.15
N CYS D 214 0.24 26.48 -37.31
CA CYS D 214 0.00 25.02 -37.10
C CYS D 214 -0.74 24.45 -38.31
N LEU D 215 -1.64 25.24 -38.92
CA LEU D 215 -2.42 24.80 -40.11
C LEU D 215 -1.47 24.37 -41.25
N ASP D 216 -0.49 25.20 -41.60
CA ASP D 216 0.44 24.89 -42.72
C ASP D 216 1.18 23.58 -42.41
N ARG D 217 1.59 23.39 -41.17
CA ARG D 217 2.36 22.19 -40.75
C ARG D 217 1.46 20.96 -40.81
N MSE D 218 0.18 21.13 -40.45
CA MSE D 218 -0.78 20.05 -40.49
C MSE D 218 -0.98 19.55 -41.93
O MSE D 218 -0.87 18.36 -42.19
CB MSE D 218 -2.07 20.55 -39.86
CG MSE D 218 -2.98 19.48 -39.44
SE MSE D 218 -2.31 18.37 -37.96
CE MSE D 218 -3.94 17.32 -37.94
N THR D 219 -1.23 20.47 -42.88
CA THR D 219 -1.55 20.08 -44.23
C THR D 219 -0.33 19.41 -44.88
N LYS D 220 0.87 19.79 -44.50
CA LYS D 220 2.13 19.16 -45.01
C LYS D 220 2.40 17.80 -44.32
N HIS D 221 2.29 17.71 -43.00
CA HIS D 221 2.84 16.55 -42.22
C HIS D 221 1.75 15.51 -41.90
N PHE D 222 0.48 15.91 -41.79
CA PHE D 222 -0.59 14.99 -41.35
C PHE D 222 -0.95 13.99 -42.46
N PHE D 223 -0.68 14.33 -43.73
CA PHE D 223 -1.02 13.47 -44.90
C PHE D 223 0.23 13.15 -45.68
N ARG D 224 0.23 11.97 -46.30
CA ARG D 224 1.34 11.42 -47.10
C ARG D 224 0.82 10.89 -48.44
N ASP D 225 1.50 11.22 -49.54
CA ASP D 225 1.14 10.71 -50.89
C ASP D 225 1.29 9.20 -50.90
N LEU D 226 0.34 8.50 -51.51
CA LEU D 226 0.52 7.09 -51.88
C LEU D 226 1.68 7.06 -52.87
N PRO D 227 2.40 5.93 -53.03
CA PRO D 227 2.14 4.71 -52.27
C PRO D 227 2.82 4.71 -50.88
N THR D 228 2.21 3.98 -49.95
CA THR D 228 2.76 3.64 -48.61
C THR D 228 2.60 2.14 -48.45
N PRO D 229 3.25 1.52 -47.45
CA PRO D 229 3.03 0.10 -47.19
C PRO D 229 1.55 -0.27 -47.05
N LEU D 230 0.76 0.54 -46.35
CA LEU D 230 -0.68 0.20 -46.11
C LEU D 230 -1.45 0.33 -47.45
N TYR D 231 -1.06 1.29 -48.31
CA TYR D 231 -1.73 1.56 -49.61
C TYR D 231 -0.65 1.61 -50.68
N PRO D 232 -0.11 0.44 -51.08
CA PRO D 232 1.06 0.37 -51.96
C PRO D 232 0.74 0.53 -53.46
N ASP D 233 -0.53 0.69 -53.81
CA ASP D 233 -1.02 0.63 -55.19
C ASP D 233 -1.85 1.89 -55.47
N VAL D 234 -1.23 2.88 -56.12
CA VAL D 234 -1.88 4.18 -56.44
C VAL D 234 -3.11 3.91 -57.31
N GLU D 235 -2.96 3.08 -58.35
CA GLU D 235 -4.03 2.89 -59.38
C GLU D 235 -5.23 2.18 -58.75
N ALA D 236 -5.01 1.23 -57.85
CA ALA D 236 -6.12 0.54 -57.15
C ALA D 236 -6.95 1.56 -56.36
N ILE D 237 -6.30 2.58 -55.76
CA ILE D 237 -7.03 3.60 -54.96
C ILE D 237 -7.74 4.59 -55.89
N LYS D 238 -7.11 4.99 -56.98
CA LYS D 238 -7.79 5.85 -57.98
C LYS D 238 -9.02 5.10 -58.52
N ALA D 239 -8.92 3.78 -58.73
CA ALA D 239 -10.07 2.93 -59.15
C ALA D 239 -11.14 2.97 -58.05
N LEU D 240 -10.77 2.79 -56.78
CA LEU D 240 -11.75 2.81 -55.67
C LEU D 240 -12.54 4.13 -55.67
N PHE D 241 -11.91 5.25 -55.94
CA PHE D 241 -12.57 6.59 -55.91
C PHE D 241 -13.16 6.94 -57.27
N GLY D 242 -12.89 6.16 -58.32
CA GLY D 242 -13.27 6.45 -59.72
C GLY D 242 -12.58 7.67 -60.29
N THR D 243 -11.29 7.88 -60.03
CA THR D 243 -10.58 9.12 -60.44
C THR D 243 -9.46 8.78 -61.44
N THR D 244 -9.52 7.59 -62.05
CA THR D 244 -8.44 7.02 -62.91
C THR D 244 -8.13 7.93 -64.10
N ALA D 245 -9.07 8.75 -64.58
CA ALA D 245 -8.89 9.67 -65.73
C ALA D 245 -8.07 10.89 -65.32
N ASP D 246 -7.94 11.19 -64.04
CA ASP D 246 -7.19 12.41 -63.61
C ASP D 246 -5.75 11.99 -63.25
N SER D 247 -4.85 12.04 -64.22
CA SER D 247 -3.50 11.39 -64.14
C SER D 247 -2.60 12.18 -63.19
N THR D 248 -2.89 13.45 -63.00
CA THR D 248 -1.97 14.42 -62.33
C THR D 248 -2.29 14.53 -60.82
N THR D 249 -3.34 13.88 -60.30
CA THR D 249 -3.75 14.00 -58.87
C THR D 249 -3.37 12.72 -58.10
N THR D 250 -2.69 12.87 -56.97
CA THR D 250 -2.19 11.72 -56.17
C THR D 250 -3.01 11.55 -54.91
N PRO D 251 -3.59 10.35 -54.69
CA PRO D 251 -4.28 10.06 -53.43
C PRO D 251 -3.32 10.22 -52.25
N VAL D 252 -3.85 10.63 -51.10
CA VAL D 252 -3.05 10.73 -49.84
C VAL D 252 -3.71 9.85 -48.77
N THR D 253 -2.90 9.48 -47.79
CA THR D 253 -3.32 8.71 -46.60
C THR D 253 -2.78 9.42 -45.35
N LEU D 254 -3.22 8.99 -44.18
CA LEU D 254 -2.69 9.48 -42.88
C LEU D 254 -1.20 9.12 -42.81
N THR D 255 -0.35 10.13 -42.57
CA THR D 255 1.10 9.91 -42.40
C THR D 255 1.31 8.88 -41.29
N THR D 256 0.69 9.08 -40.14
CA THR D 256 0.61 8.06 -39.07
C THR D 256 -0.62 7.20 -39.35
N PRO D 257 -0.46 5.92 -39.79
CA PRO D 257 -1.62 5.08 -40.05
C PRO D 257 -2.54 5.09 -38.83
N LYS D 258 -3.84 5.12 -39.05
CA LYS D 258 -4.83 5.15 -37.95
C LYS D 258 -4.54 3.98 -37.00
N TYR D 259 -4.03 2.85 -37.53
CA TYR D 259 -3.74 1.63 -36.74
C TYR D 259 -2.62 1.90 -35.74
N HIS D 260 -1.62 2.73 -36.09
CA HIS D 260 -0.52 3.09 -35.16
C HIS D 260 -1.02 4.09 -34.12
N GLU D 261 -1.93 5.00 -34.46
CA GLU D 261 -2.61 5.81 -33.44
C GLU D 261 -3.36 4.85 -32.51
N LEU D 262 -4.12 3.92 -33.08
CA LEU D 262 -5.05 3.09 -32.29
C LEU D 262 -4.27 2.23 -31.27
N VAL D 263 -3.22 1.51 -31.69
CA VAL D 263 -2.51 0.58 -30.77
C VAL D 263 -1.65 1.36 -29.74
N ALA D 264 -1.45 2.68 -29.92
CA ALA D 264 -0.87 3.59 -28.88
C ALA D 264 -1.97 4.07 -27.92
N GLN D 265 -3.19 4.29 -28.42
CA GLN D 265 -4.32 4.78 -27.57
C GLN D 265 -4.82 3.65 -26.68
N ILE D 266 -4.75 2.40 -27.15
CA ILE D 266 -5.41 1.28 -26.43
C ILE D 266 -4.75 -0.03 -26.88
N ARG D 267 -4.77 -1.05 -26.01
CA ARG D 267 -4.11 -2.33 -26.30
C ARG D 267 -5.15 -3.44 -26.20
N GLN D 268 -5.07 -4.42 -27.09
CA GLN D 268 -5.95 -5.60 -27.04
C GLN D 268 -5.76 -6.33 -25.69
N ASN D 269 -6.90 -6.76 -25.14
CA ASN D 269 -7.04 -7.67 -23.98
C ASN D 269 -8.04 -8.77 -24.37
N PHE D 270 -7.71 -9.54 -25.40
CA PHE D 270 -8.64 -10.50 -26.06
C PHE D 270 -8.65 -11.87 -25.37
N ASN D 271 -7.87 -12.10 -24.33
CA ASN D 271 -7.66 -13.46 -23.77
C ASN D 271 -7.62 -13.43 -22.23
N ALA D 272 -8.42 -12.59 -21.55
CA ALA D 272 -8.29 -12.39 -20.08
C ALA D 272 -9.16 -13.38 -19.28
N ARG D 273 -10.18 -14.00 -19.88
CA ARG D 273 -11.21 -14.77 -19.14
C ARG D 273 -11.01 -16.27 -19.37
N ASP D 274 -10.86 -17.04 -18.28
CA ASP D 274 -10.90 -18.53 -18.32
C ASP D 274 -12.25 -18.93 -18.93
N PRO D 275 -12.27 -19.67 -20.08
CA PRO D 275 -13.52 -19.95 -20.78
C PRO D 275 -14.50 -20.79 -19.93
N LYS D 276 -14.00 -21.53 -18.93
CA LYS D 276 -14.80 -22.48 -18.12
C LYS D 276 -15.36 -21.78 -16.86
N THR D 277 -14.54 -21.05 -16.08
CA THR D 277 -15.02 -20.32 -14.87
C THR D 277 -15.63 -18.97 -15.29
N GLY D 278 -15.26 -18.42 -16.46
CA GLY D 278 -15.56 -17.03 -16.85
C GLY D 278 -14.81 -16.00 -16.01
N ARG D 279 -13.90 -16.47 -15.16
CA ARG D 279 -13.11 -15.62 -14.24
C ARG D 279 -11.94 -14.97 -14.98
N ILE D 280 -11.66 -13.72 -14.68
CA ILE D 280 -10.43 -13.02 -15.14
C ILE D 280 -9.22 -13.79 -14.58
N GLU D 281 -8.32 -14.20 -15.46
CA GLU D 281 -6.97 -14.73 -15.09
C GLU D 281 -5.99 -14.00 -16.02
N VAL D 282 -5.22 -13.06 -15.50
CA VAL D 282 -4.30 -12.26 -16.35
C VAL D 282 -3.28 -13.22 -16.99
N PRO D 283 -3.16 -13.26 -18.33
CA PRO D 283 -2.15 -14.12 -18.96
C PRO D 283 -0.80 -13.40 -18.91
N ARG D 284 0.12 -13.93 -18.11
CA ARG D 284 1.39 -13.25 -17.75
C ARG D 284 2.36 -13.22 -18.94
N ASP D 285 2.24 -14.14 -19.90
CA ASP D 285 3.14 -14.18 -21.08
C ASP D 285 2.93 -12.90 -21.93
N THR D 286 1.71 -12.34 -21.99
CA THR D 286 1.40 -11.21 -22.89
C THR D 286 0.92 -9.96 -22.12
N HIS D 287 0.31 -10.13 -20.95
CA HIS D 287 -0.39 -9.06 -20.19
C HIS D 287 0.06 -9.00 -18.72
N ALA D 288 1.31 -9.32 -18.42
CA ALA D 288 1.85 -9.26 -17.05
C ALA D 288 1.66 -7.85 -16.50
N ASP D 289 1.67 -6.82 -17.35
CA ASP D 289 1.55 -5.39 -16.93
C ASP D 289 0.08 -4.96 -16.71
N MSE D 290 -0.89 -5.88 -16.82
CA MSE D 290 -2.30 -5.52 -16.68
C MSE D 290 -2.79 -5.76 -15.25
O MSE D 290 -2.65 -6.86 -14.70
CB MSE D 290 -3.18 -6.35 -17.63
CG MSE D 290 -4.63 -5.92 -17.64
SE MSE D 290 -5.58 -6.74 -19.16
CE MSE D 290 -5.30 -8.56 -18.62
N ASP D 291 -3.39 -4.70 -14.69
CA ASP D 291 -4.11 -4.82 -13.44
C ASP D 291 -5.36 -5.66 -13.66
N PRO D 292 -5.56 -6.76 -12.91
CA PRO D 292 -6.78 -7.59 -13.07
C PRO D 292 -8.09 -6.78 -12.93
N LEU D 293 -8.07 -5.71 -12.12
CA LEU D 293 -9.26 -4.86 -11.92
C LEU D 293 -9.66 -4.13 -13.22
N VAL D 294 -8.79 -3.98 -14.23
CA VAL D 294 -9.15 -3.30 -15.51
C VAL D 294 -9.33 -4.32 -16.65
N ALA D 295 -9.19 -5.62 -16.37
CA ALA D 295 -9.21 -6.70 -17.37
C ALA D 295 -10.63 -7.16 -17.71
N TYR D 296 -11.67 -6.49 -17.19
CA TYR D 296 -13.11 -6.88 -17.28
C TYR D 296 -13.61 -6.54 -18.69
N ILE D 297 -12.87 -5.68 -19.40
CA ILE D 297 -13.16 -5.31 -20.82
C ILE D 297 -11.98 -5.75 -21.66
N PRO D 298 -12.24 -6.07 -22.95
CA PRO D 298 -11.24 -6.64 -23.84
C PRO D 298 -10.27 -5.62 -24.48
N LEU D 299 -10.12 -4.46 -23.84
CA LEU D 299 -9.16 -3.40 -24.22
C LEU D 299 -8.63 -2.76 -22.93
N TYR D 300 -7.37 -2.37 -22.90
CA TYR D 300 -6.78 -1.69 -21.70
C TYR D 300 -5.63 -0.79 -22.12
N ARG D 301 -5.21 0.07 -21.20
CA ARG D 301 -4.03 0.92 -21.37
C ARG D 301 -3.30 0.92 -20.03
N PRO D 302 -2.18 0.19 -19.91
CA PRO D 302 -1.54 0.05 -18.60
C PRO D 302 -0.83 1.31 -18.04
N GLU D 303 -0.26 2.13 -18.92
CA GLU D 303 0.71 3.18 -18.54
C GLU D 303 0.08 4.32 -17.74
N PRO D 304 -1.13 4.84 -18.07
CA PRO D 304 -1.68 5.93 -17.26
C PRO D 304 -1.78 5.47 -15.79
N ARG D 305 -2.25 4.25 -15.59
CA ARG D 305 -2.52 3.72 -14.23
C ARG D 305 -1.20 3.38 -13.49
N SER D 306 -0.23 2.74 -14.15
CA SER D 306 1.05 2.38 -13.50
C SER D 306 1.77 3.67 -13.12
N THR D 307 1.71 4.68 -14.01
CA THR D 307 2.42 5.96 -13.83
C THR D 307 1.80 6.70 -12.66
N PHE D 308 0.48 6.75 -12.60
CA PHE D 308 -0.28 7.39 -11.50
C PHE D 308 0.20 6.82 -10.16
N ARG D 309 0.29 5.51 -10.09
CA ARG D 309 0.60 4.79 -8.82
C ARG D 309 2.04 5.02 -8.37
N ARG D 310 2.93 5.53 -9.21
CA ARG D 310 4.33 5.80 -8.80
C ARG D 310 4.54 7.31 -8.60
N LEU D 311 3.50 8.15 -8.78
CA LEU D 311 3.68 9.63 -8.75
C LEU D 311 4.34 10.11 -7.45
N GLU D 312 4.07 9.47 -6.32
CA GLU D 312 4.65 9.89 -5.02
C GLU D 312 6.19 9.85 -5.07
N THR D 313 6.77 9.06 -5.97
CA THR D 313 8.26 8.90 -6.11
C THR D 313 8.84 9.92 -7.09
N LEU D 314 8.04 10.68 -7.83
CA LEU D 314 8.55 11.57 -8.91
C LEU D 314 9.52 12.59 -8.33
N ARG D 315 10.77 12.56 -8.77
CA ARG D 315 11.86 13.39 -8.20
C ARG D 315 11.78 14.82 -8.71
N PRO D 316 11.73 15.11 -10.03
CA PRO D 316 11.67 16.50 -10.46
C PRO D 316 10.42 17.23 -9.92
N SER D 317 10.57 18.53 -9.67
CA SER D 317 9.42 19.44 -9.55
C SER D 317 8.57 19.29 -10.81
N CYS D 318 7.28 19.57 -10.71
CA CYS D 318 6.33 19.24 -11.80
C CYS D 318 5.22 20.27 -11.89
N LEU D 319 5.09 20.87 -13.07
CA LEU D 319 3.96 21.74 -13.46
C LEU D 319 2.94 20.92 -14.23
N TRP D 320 1.70 20.88 -13.74
CA TRP D 320 0.58 20.19 -14.41
C TRP D 320 -0.33 21.25 -15.03
N VAL D 321 -0.26 21.42 -16.34
CA VAL D 321 -1.16 22.32 -17.11
C VAL D 321 -2.31 21.48 -17.62
N ILE D 322 -3.50 21.70 -17.09
CA ILE D 322 -4.71 20.89 -17.44
C ILE D 322 -5.66 21.76 -18.27
N ALA D 323 -6.08 21.26 -19.41
CA ALA D 323 -7.19 21.85 -20.22
C ALA D 323 -8.52 21.71 -19.46
N GLY D 324 -9.18 22.83 -19.19
CA GLY D 324 -10.45 22.85 -18.43
C GLY D 324 -11.53 22.07 -19.13
N ALA D 325 -11.57 22.08 -20.46
CA ALA D 325 -12.51 21.28 -21.28
C ALA D 325 -11.83 19.99 -21.78
N THR D 326 -10.88 19.41 -21.04
CA THR D 326 -10.24 18.16 -21.51
C THR D 326 -11.28 17.05 -21.48
N PHE D 327 -11.00 15.98 -22.19
CA PHE D 327 -11.77 14.72 -22.17
C PHE D 327 -11.11 13.74 -21.17
N LEU D 328 -9.94 14.08 -20.61
CA LEU D 328 -9.28 13.21 -19.61
C LEU D 328 -10.11 13.22 -18.34
N ASN D 329 -9.89 12.24 -17.47
CA ASN D 329 -10.50 12.23 -16.12
C ASN D 329 -9.79 13.28 -15.25
N ILE D 330 -10.29 14.50 -15.34
CA ILE D 330 -9.68 15.69 -14.70
C ILE D 330 -9.62 15.51 -13.19
N ASP D 331 -10.66 14.91 -12.57
CA ASP D 331 -10.71 14.75 -11.09
C ASP D 331 -9.62 13.76 -10.65
N GLU D 332 -9.40 12.70 -11.41
CA GLU D 332 -8.31 11.73 -11.12
C GLU D 332 -6.97 12.46 -11.25
N ILE D 333 -6.80 13.22 -12.33
CA ILE D 333 -5.53 13.96 -12.58
C ILE D 333 -5.22 14.84 -11.37
N ARG D 334 -6.23 15.52 -10.81
CA ARG D 334 -6.01 16.46 -9.68
C ARG D 334 -5.66 15.70 -8.39
N GLU D 335 -6.10 14.44 -8.24
CA GLU D 335 -5.61 13.59 -7.12
C GLU D 335 -4.13 13.26 -7.37
N GLY D 336 -3.76 12.96 -8.62
CA GLY D 336 -2.36 12.70 -9.00
C GLY D 336 -1.49 13.88 -8.60
N VAL D 337 -1.92 15.09 -8.95
CA VAL D 337 -1.19 16.33 -8.58
C VAL D 337 -0.95 16.35 -7.06
N LYS D 338 -1.99 16.07 -6.26
CA LYS D 338 -1.89 16.17 -4.78
C LYS D 338 -0.82 15.19 -4.28
N ILE D 339 -0.71 13.98 -4.85
CA ILE D 339 0.22 12.95 -4.33
C ILE D 339 1.62 13.10 -4.95
N CYS D 340 1.71 13.77 -6.09
CA CYS D 340 2.95 13.92 -6.88
C CYS D 340 4.13 14.35 -5.98
N GLY D 341 5.15 13.50 -5.89
CA GLY D 341 6.43 13.83 -5.22
C GLY D 341 6.32 13.80 -3.70
N SER D 342 5.22 13.28 -3.12
CA SER D 342 4.98 13.38 -1.66
C SER D 342 5.67 12.23 -0.93
N GLY D 343 6.19 11.21 -1.61
CA GLY D 343 6.73 10.02 -0.95
C GLY D 343 8.23 9.85 -1.16
N ILE D 344 8.70 8.62 -1.01
CA ILE D 344 10.15 8.34 -1.00
C ILE D 344 10.67 8.46 -2.43
N GLY D 345 11.74 9.24 -2.62
CA GLY D 345 12.28 9.58 -3.95
C GLY D 345 11.70 10.87 -4.50
N GLY D 346 10.63 11.38 -3.88
CA GLY D 346 9.83 12.49 -4.43
C GLY D 346 10.47 13.86 -4.22
N SER D 347 10.03 14.82 -5.01
CA SER D 347 10.42 16.27 -4.91
C SER D 347 10.08 16.84 -3.53
N GLY D 348 9.07 16.30 -2.86
CA GLY D 348 8.41 16.97 -1.70
C GLY D 348 7.01 17.45 -2.06
N GLY D 349 6.69 17.55 -3.34
CA GLY D 349 5.31 17.76 -3.81
C GLY D 349 4.72 19.11 -3.44
N VAL D 350 3.40 19.16 -3.45
CA VAL D 350 2.59 20.38 -3.18
C VAL D 350 2.96 20.98 -1.82
N PRO D 351 3.06 20.23 -0.70
CA PRO D 351 3.45 20.83 0.58
C PRO D 351 4.75 21.65 0.53
N ASP D 352 5.73 21.29 -0.33
CA ASP D 352 7.03 22.00 -0.40
C ASP D 352 7.03 22.99 -1.57
N GLY D 353 5.89 23.23 -2.22
CA GLY D 353 5.82 24.11 -3.41
C GLY D 353 6.57 23.56 -4.62
N ARG D 354 6.74 22.23 -4.75
CA ARG D 354 7.53 21.62 -5.87
C ARG D 354 6.60 21.10 -6.98
N VAL D 355 5.30 21.15 -6.76
CA VAL D 355 4.26 20.68 -7.70
C VAL D 355 3.15 21.71 -7.72
N ARG D 356 2.72 22.11 -8.91
CA ARG D 356 1.63 23.10 -9.08
C ARG D 356 0.73 22.63 -10.22
N GLU D 357 -0.59 22.74 -10.03
CA GLU D 357 -1.58 22.58 -11.12
C GLU D 357 -2.02 23.97 -11.58
N VAL D 358 -2.18 24.12 -12.88
CA VAL D 358 -2.89 25.27 -13.50
C VAL D 358 -3.94 24.65 -14.42
N VAL D 359 -5.22 24.82 -14.10
CA VAL D 359 -6.36 24.43 -14.96
C VAL D 359 -6.73 25.66 -15.79
N LEU D 360 -6.71 25.54 -17.13
CA LEU D 360 -7.01 26.65 -18.07
C LEU D 360 -8.45 26.50 -18.54
N PRO D 361 -9.40 27.30 -18.00
CA PRO D 361 -10.83 27.11 -18.27
C PRO D 361 -11.15 27.24 -19.77
N GLY D 362 -11.93 26.30 -20.30
CA GLY D 362 -12.41 26.35 -21.70
C GLY D 362 -11.36 25.94 -22.73
N PHE D 363 -10.13 25.61 -22.32
CA PHE D 363 -9.09 25.11 -23.23
C PHE D 363 -9.35 23.62 -23.46
N GLY D 364 -8.94 23.14 -24.63
CA GLY D 364 -9.01 21.71 -24.97
C GLY D 364 -7.64 21.09 -25.03
N HIS D 365 -7.64 19.78 -25.28
CA HIS D 365 -6.45 18.91 -25.35
C HIS D 365 -5.43 19.47 -26.35
N LEU D 366 -5.88 20.13 -27.42
CA LEU D 366 -5.00 20.68 -28.50
C LEU D 366 -4.60 22.12 -28.21
N MSE D 367 -4.64 22.50 -26.92
CA MSE D 367 -4.24 23.84 -26.51
C MSE D 367 -2.82 24.23 -26.96
O MSE D 367 -2.58 25.41 -27.22
CB MSE D 367 -4.40 24.02 -24.99
CG MSE D 367 -3.52 23.13 -24.15
SE MSE D 367 -3.85 23.41 -22.24
CE MSE D 367 -3.13 21.74 -21.49
N PRO D 368 -1.82 23.32 -27.10
CA PRO D 368 -0.48 23.75 -27.55
C PRO D 368 -0.46 24.30 -28.98
N PHE D 369 -1.52 24.03 -29.74
CA PHE D 369 -1.70 24.46 -31.15
C PHE D 369 -2.80 25.53 -31.27
N GLN D 370 -3.68 25.63 -30.26
CA GLN D 370 -4.86 26.54 -30.30
C GLN D 370 -4.63 27.77 -29.41
N GLU D 371 -3.81 27.68 -28.36
CA GLU D 371 -3.65 28.76 -27.34
C GLU D 371 -2.16 28.89 -27.05
N VAL D 372 -1.38 29.08 -28.12
CA VAL D 372 0.09 29.01 -28.08
C VAL D 372 0.61 30.02 -27.05
N LYS D 373 0.10 31.25 -27.06
CA LYS D 373 0.61 32.33 -26.16
C LYS D 373 0.32 32.01 -24.69
N THR D 374 -0.89 31.55 -24.34
CA THR D 374 -1.26 31.28 -22.93
C THR D 374 -0.51 30.04 -22.41
N VAL D 375 -0.40 29.00 -23.21
CA VAL D 375 0.36 27.77 -22.81
C VAL D 375 1.82 28.18 -22.53
N ALA D 376 2.45 28.91 -23.44
CA ALA D 376 3.82 29.45 -23.27
C ALA D 376 3.92 30.26 -21.98
N GLU D 377 3.02 31.20 -21.76
CA GLU D 377 3.05 32.11 -20.58
C GLU D 377 2.97 31.28 -19.29
N THR D 378 2.07 30.28 -19.24
CA THR D 378 1.92 29.40 -18.06
C THR D 378 3.27 28.72 -17.79
N CYS D 379 3.97 28.30 -18.84
CA CYS D 379 5.28 27.59 -18.71
C CYS D 379 6.33 28.57 -18.18
N ILE D 380 6.35 29.80 -18.68
CA ILE D 380 7.41 30.81 -18.36
C ILE D 380 7.45 31.09 -16.85
N VAL D 381 6.28 31.28 -16.26
CA VAL D 381 6.14 31.69 -14.84
C VAL D 381 6.77 30.58 -13.98
N TRP D 382 6.49 29.34 -14.32
CA TRP D 382 7.04 28.18 -13.58
C TRP D 382 8.55 28.09 -13.81
N LEU D 383 8.99 28.19 -15.07
CA LEU D 383 10.43 28.04 -15.42
C LEU D 383 11.26 29.08 -14.67
N GLN D 384 10.76 30.30 -14.57
CA GLN D 384 11.46 31.42 -13.88
C GLN D 384 11.66 31.05 -12.40
N GLN D 385 10.61 30.59 -11.73
CA GLN D 385 10.69 30.21 -10.30
C GLN D 385 11.69 29.03 -10.18
N GLU D 386 11.59 28.03 -11.06
CA GLU D 386 12.41 26.80 -10.90
C GLU D 386 13.88 27.13 -11.17
N MSE D 387 14.13 28.07 -12.10
CA MSE D 387 15.52 28.41 -12.45
C MSE D 387 16.13 29.32 -11.37
O MSE D 387 17.31 29.22 -11.13
CB MSE D 387 15.61 29.05 -13.84
CG MSE D 387 15.41 28.12 -15.00
SE MSE D 387 16.78 26.65 -14.92
CE MSE D 387 18.44 27.62 -14.91
N ASP D 388 15.32 30.13 -10.68
CA ASP D 388 15.81 30.86 -9.52
C ASP D 388 16.25 29.86 -8.43
N ARG D 389 15.41 28.86 -8.15
CA ARG D 389 15.72 27.80 -7.18
C ARG D 389 16.96 27.02 -7.63
N PHE D 390 17.07 26.67 -8.91
CA PHE D 390 18.24 25.94 -9.46
C PHE D 390 19.51 26.76 -9.20
N ARG D 391 19.54 28.03 -9.56
CA ARG D 391 20.76 28.89 -9.40
C ARG D 391 21.17 28.90 -7.93
N GLN D 392 20.21 29.04 -7.01
CA GLN D 392 20.49 29.11 -5.56
C GLN D 392 21.02 27.75 -5.04
N THR D 393 20.35 26.64 -5.38
CA THR D 393 20.73 25.30 -4.87
C THR D 393 22.06 24.90 -5.52
N GLU D 394 22.30 25.22 -6.79
CA GLU D 394 23.62 24.95 -7.44
C GLU D 394 24.73 25.67 -6.68
N ARG D 395 24.50 26.92 -6.29
CA ARG D 395 25.49 27.73 -5.54
C ARG D 395 25.74 27.10 -4.16
N GLN D 396 24.68 26.76 -3.43
CA GLN D 396 24.81 26.19 -2.07
C GLN D 396 25.61 24.87 -2.15
N TRP D 397 25.32 24.02 -3.15
CA TRP D 397 26.09 22.78 -3.44
C TRP D 397 27.60 23.07 -3.62
N LYS D 398 27.96 23.97 -4.53
CA LYS D 398 29.37 24.37 -4.77
C LYS D 398 30.02 24.84 -3.45
N GLU D 399 29.31 25.69 -2.69
CA GLU D 399 29.78 26.18 -1.37
C GLU D 399 30.07 25.00 -0.43
N ASP D 400 29.10 24.11 -0.23
CA ASP D 400 29.22 22.96 0.70
C ASP D 400 30.36 22.01 0.29
N ARG D 401 30.76 21.98 -0.98
CA ARG D 401 31.78 21.04 -1.52
C ARG D 401 33.17 21.70 -1.54
N ASP D 402 33.24 23.03 -1.43
CA ASP D 402 34.52 23.79 -1.58
C ASP D 402 35.56 23.21 -0.60
N GLY D 403 36.73 22.84 -1.10
CA GLY D 403 37.83 22.30 -0.28
C GLY D 403 37.65 20.84 0.15
N LYS D 404 36.56 20.15 -0.21
CA LYS D 404 36.39 18.74 0.24
C LYS D 404 37.14 17.82 -0.72
N SER D 405 37.73 16.75 -0.19
CA SER D 405 38.53 15.77 -0.94
C SER D 405 37.65 14.98 -1.92
N HIS D 406 38.16 14.70 -3.12
CA HIS D 406 37.58 13.74 -4.08
C HIS D 406 38.06 12.31 -3.81
N LEU D 407 39.03 12.12 -2.90
CA LEU D 407 39.81 10.85 -2.79
C LEU D 407 39.52 10.12 -1.48
N ALA D 408 39.11 10.84 -0.43
CA ALA D 408 38.97 10.27 0.93
C ALA D 408 37.78 10.93 1.61
N VAL D 409 37.16 10.24 2.56
CA VAL D 409 35.92 10.75 3.23
C VAL D 409 36.33 11.77 4.30
N GLU D 410 35.41 12.69 4.61
CA GLU D 410 35.56 13.72 5.66
C GLU D 410 35.60 13.08 7.06
N GLU D 411 36.09 13.87 8.03
CA GLU D 411 36.44 13.43 9.41
C GLU D 411 35.20 12.89 10.14
N ASN D 412 34.02 13.42 9.87
CA ASN D 412 32.78 13.02 10.59
C ASN D 412 32.59 11.50 10.47
N TRP D 413 33.05 10.88 9.39
CA TRP D 413 32.87 9.42 9.20
C TRP D 413 33.51 8.67 10.35
N TYR D 414 34.69 9.12 10.79
CA TYR D 414 35.48 8.45 11.87
C TYR D 414 34.79 8.68 13.22
N LYS D 415 33.97 9.71 13.37
CA LYS D 415 33.15 9.96 14.59
C LYS D 415 31.94 9.03 14.62
N VAL D 416 31.32 8.71 13.49
CA VAL D 416 29.98 8.00 13.51
C VAL D 416 30.18 6.50 13.37
N LEU D 417 31.18 6.07 12.61
CA LEU D 417 31.39 4.63 12.32
C LEU D 417 32.53 4.13 13.23
N LYS D 418 32.21 3.31 14.24
CA LYS D 418 33.22 2.96 15.27
C LYS D 418 34.24 1.96 14.70
N PRO D 419 35.49 2.02 15.21
CA PRO D 419 36.53 1.11 14.77
C PRO D 419 36.34 -0.34 15.28
N ILE D 420 37.13 -1.24 14.69
CA ILE D 420 37.58 -2.54 15.30
C ILE D 420 39.10 -2.46 15.48
#